data_8ECK
#
_entry.id   8ECK
#
_cell.length_a   1.00
_cell.length_b   1.00
_cell.length_c   1.00
_cell.angle_alpha   90.00
_cell.angle_beta   90.00
_cell.angle_gamma   90.00
#
_symmetry.space_group_name_H-M   'P 1'
#
_entity_poly.entity_id   1
_entity_poly.type   'polypeptide(L)'
_entity_poly.pdbx_seq_one_letter_code
;MATKSVLQPPAAGSASIVGGAGGTQLLPKNISQEWWKKATEQSIIPTLSKSTPVIIGDGNVVPVLTKRPSASIIGELQNK
VDSELEVGAKNFKTIKAEVGLEFSLETILTNPAGILDIIGEEMSGALARQVDAAVIHNRQSSNGAQLTSGTVSITAGAPT
VELPLTAGVDIDPFLWEGYNTVTEAAGNNFSGFAFDPRLTYVLATARDSDGRRLNPDINMGQTVTSYSGQPAINSRTVGG
DVDAGTDTGIRAIGGDWDALRFGYAHQIGLRKIEYGDPFGNGDLQRRNAVAYLMEVIFGWVVLDPNAFVVYKLAAEDEEP
ETP
;
_entity_poly.pdbx_strand_id   A,B,C,D,E,F,G
#
# COMPACT_ATOMS: atom_id res chain seq x y z
N ALA A 2 40.42 -53.39 -42.44
CA ALA A 2 40.97 -54.53 -41.71
C ALA A 2 41.31 -54.22 -40.25
N THR A 3 41.38 -52.95 -39.87
CA THR A 3 41.33 -52.51 -38.48
C THR A 3 39.87 -52.48 -38.00
N LYS A 4 39.63 -52.80 -36.74
CA LYS A 4 38.30 -53.22 -36.27
C LYS A 4 37.55 -52.14 -35.54
N SER A 5 36.54 -51.60 -36.18
CA SER A 5 35.65 -50.56 -35.66
C SER A 5 34.51 -51.14 -34.82
N VAL A 6 33.86 -50.32 -34.01
CA VAL A 6 32.69 -50.71 -33.22
C VAL A 6 31.53 -49.73 -33.37
N LEU A 7 31.77 -48.48 -33.77
CA LEU A 7 30.69 -47.53 -34.05
C LEU A 7 29.99 -47.89 -35.36
N GLN A 8 28.73 -47.51 -35.47
CA GLN A 8 27.91 -47.76 -36.66
C GLN A 8 27.37 -46.59 -37.54
N PRO A 9 27.36 -46.78 -38.87
CA PRO A 9 28.02 -47.85 -39.60
C PRO A 9 29.55 -47.83 -39.37
N PRO A 10 30.28 -48.91 -39.70
CA PRO A 10 31.73 -48.92 -39.56
C PRO A 10 32.39 -47.84 -40.40
N ALA A 11 33.48 -47.26 -39.89
CA ALA A 11 34.30 -46.29 -40.60
C ALA A 11 34.84 -46.84 -41.93
N ALA A 12 35.05 -46.00 -42.94
CA ALA A 12 35.64 -46.47 -44.17
C ALA A 12 37.03 -47.14 -44.18
N GLY A 13 37.18 -48.14 -45.06
CA GLY A 13 38.34 -49.04 -45.03
C GLY A 13 38.44 -49.89 -43.77
N SER A 14 37.36 -50.05 -43.01
CA SER A 14 37.32 -50.85 -41.80
C SER A 14 36.32 -52.01 -41.67
N ALA A 15 36.69 -53.02 -40.88
CA ALA A 15 35.83 -54.15 -40.54
C ALA A 15 35.12 -53.89 -39.22
N SER A 16 33.80 -54.04 -39.12
CA SER A 16 33.17 -53.96 -37.80
C SER A 16 33.53 -55.20 -36.96
N ILE A 17 33.97 -55.02 -35.73
CA ILE A 17 33.99 -56.12 -34.76
C ILE A 17 32.71 -56.91 -34.45
N VAL A 18 31.55 -56.38 -34.87
CA VAL A 18 30.23 -57.00 -34.76
C VAL A 18 29.60 -57.09 -36.15
N GLY A 19 30.42 -57.19 -37.19
CA GLY A 19 30.00 -57.25 -38.59
C GLY A 19 29.40 -58.58 -39.02
N GLY A 20 29.45 -59.61 -38.17
CA GLY A 20 28.71 -60.85 -38.36
C GLY A 20 27.20 -60.63 -38.37
N ALA A 21 26.44 -61.54 -38.98
CA ALA A 21 25.00 -61.41 -39.10
C ALA A 21 24.34 -61.23 -37.72
N GLY A 22 23.57 -60.16 -37.54
CA GLY A 22 22.92 -59.80 -36.28
C GLY A 22 23.85 -59.34 -35.16
N GLY A 23 25.14 -59.13 -35.41
CA GLY A 23 26.13 -58.86 -34.37
C GLY A 23 25.92 -57.56 -33.61
N THR A 24 25.29 -56.56 -34.22
CA THR A 24 24.97 -55.28 -33.58
C THR A 24 24.05 -55.42 -32.38
N GLN A 25 23.25 -56.48 -32.30
CA GLN A 25 22.47 -56.82 -31.11
C GLN A 25 23.34 -57.08 -29.88
N LEU A 26 24.62 -57.39 -30.04
CA LEU A 26 25.57 -57.35 -28.93
C LEU A 26 26.15 -56.04 -28.38
N LEU A 27 25.88 -54.89 -29.02
CA LEU A 27 26.36 -53.60 -28.55
C LEU A 27 25.57 -53.19 -27.30
N PRO A 28 26.23 -52.74 -26.22
CA PRO A 28 25.56 -52.36 -24.97
C PRO A 28 24.71 -51.08 -25.13
N LYS A 29 23.76 -50.86 -24.21
CA LYS A 29 22.83 -49.72 -24.28
C LYS A 29 22.95 -48.68 -23.17
N ASN A 30 23.01 -49.04 -21.89
CA ASN A 30 22.90 -48.05 -20.80
C ASN A 30 21.59 -47.23 -20.93
N ILE A 31 20.46 -47.87 -20.66
CA ILE A 31 19.15 -47.22 -20.52
C ILE A 31 19.05 -46.54 -19.15
N SER A 32 18.68 -45.26 -19.11
CA SER A 32 18.56 -44.50 -17.86
C SER A 32 17.32 -44.89 -17.05
N GLN A 33 17.50 -45.08 -15.74
CA GLN A 33 16.37 -45.26 -14.82
C GLN A 33 15.56 -43.97 -14.62
N GLU A 34 16.16 -42.80 -14.82
CA GLU A 34 15.49 -41.51 -14.69
C GLU A 34 14.80 -41.12 -15.99
N TRP A 35 13.47 -41.14 -16.00
CA TRP A 35 12.64 -40.73 -17.12
C TRP A 35 12.70 -39.24 -17.42
N TRP A 36 12.38 -38.88 -18.66
CA TRP A 36 11.93 -37.54 -19.02
C TRP A 36 10.40 -37.50 -19.07
N LYS A 37 9.76 -37.05 -17.99
CA LYS A 37 8.32 -36.80 -17.95
C LYS A 37 8.02 -35.50 -17.21
N LYS A 38 7.11 -34.69 -17.75
CA LYS A 38 6.56 -33.51 -17.08
C LYS A 38 5.70 -33.92 -15.89
N ALA A 39 5.61 -33.12 -14.84
CA ALA A 39 4.48 -33.20 -13.92
C ALA A 39 3.22 -32.64 -14.61
N THR A 40 2.03 -33.13 -14.21
CA THR A 40 0.75 -32.61 -14.70
C THR A 40 0.13 -31.59 -13.75
N GLU A 41 -0.84 -30.82 -14.25
CA GLU A 41 -1.50 -29.77 -13.46
C GLU A 41 -2.29 -30.32 -12.29
N GLN A 42 -2.11 -29.70 -11.12
CA GLN A 42 -2.89 -29.93 -9.91
C GLN A 42 -4.38 -29.59 -10.14
N SER A 43 -5.29 -30.43 -9.63
CA SER A 43 -6.70 -30.06 -9.46
C SER A 43 -6.89 -29.16 -8.25
N ILE A 44 -7.61 -28.06 -8.40
CA ILE A 44 -7.84 -27.08 -7.33
C ILE A 44 -9.26 -27.07 -6.78
N ILE A 45 -10.25 -27.60 -7.49
CA ILE A 45 -11.64 -27.48 -7.07
C ILE A 45 -11.94 -28.15 -5.73
N PRO A 46 -11.50 -29.39 -5.44
CA PRO A 46 -11.70 -29.97 -4.13
C PRO A 46 -11.02 -29.20 -3.00
N THR A 47 -9.96 -28.44 -3.27
CA THR A 47 -9.28 -27.60 -2.27
C THR A 47 -10.06 -26.31 -2.02
N LEU A 48 -10.53 -25.64 -3.07
CA LEU A 48 -11.23 -24.36 -2.94
C LEU A 48 -12.65 -24.51 -2.41
N SER A 49 -13.43 -25.40 -3.00
CA SER A 49 -14.86 -25.56 -2.72
C SER A 49 -15.16 -25.94 -1.27
N LYS A 50 -16.40 -25.69 -0.84
CA LYS A 50 -16.96 -26.26 0.39
C LYS A 50 -17.34 -27.72 0.14
N SER A 51 -16.88 -28.64 0.98
CA SER A 51 -17.30 -30.03 0.89
C SER A 51 -18.76 -30.20 1.29
N THR A 52 -19.47 -31.14 0.66
CA THR A 52 -20.86 -31.46 0.97
C THR A 52 -21.13 -32.94 0.72
N PRO A 53 -22.08 -33.57 1.43
CA PRO A 53 -22.70 -34.80 0.98
C PRO A 53 -23.34 -34.60 -0.40
N VAL A 54 -23.24 -35.60 -1.26
CA VAL A 54 -23.82 -35.61 -2.60
C VAL A 54 -24.42 -36.98 -2.87
N ILE A 55 -25.55 -37.02 -3.57
CA ILE A 55 -26.24 -38.22 -4.05
C ILE A 55 -26.36 -38.18 -5.56
N ILE A 56 -26.41 -39.33 -6.21
CA ILE A 56 -26.60 -39.44 -7.65
C ILE A 56 -27.95 -38.84 -8.06
N GLY A 57 -27.97 -38.08 -9.14
CA GLY A 57 -29.16 -37.44 -9.69
C GLY A 57 -29.36 -36.00 -9.23
N ASP A 58 -30.39 -35.35 -9.75
CA ASP A 58 -30.67 -33.92 -9.57
C ASP A 58 -31.30 -33.54 -8.21
N GLY A 59 -31.24 -34.45 -7.24
CA GLY A 59 -31.92 -34.35 -5.96
C GLY A 59 -31.07 -33.79 -4.83
N ASN A 60 -29.88 -33.26 -5.10
CA ASN A 60 -29.12 -32.54 -4.09
C ASN A 60 -29.69 -31.14 -3.95
N VAL A 61 -30.01 -30.69 -2.74
CA VAL A 61 -30.75 -29.45 -2.50
C VAL A 61 -30.08 -28.64 -1.39
N VAL A 62 -29.94 -27.33 -1.59
CA VAL A 62 -29.47 -26.39 -0.57
C VAL A 62 -30.58 -25.38 -0.27
N PRO A 63 -31.00 -25.18 0.98
CA PRO A 63 -31.96 -24.14 1.35
C PRO A 63 -31.31 -22.75 1.34
N VAL A 64 -32.04 -21.77 0.79
CA VAL A 64 -31.64 -20.37 0.60
C VAL A 64 -32.59 -19.45 1.35
N LEU A 65 -32.10 -18.67 2.33
CA LEU A 65 -32.95 -17.66 2.98
C LEU A 65 -33.24 -16.52 2.02
N THR A 66 -34.51 -16.18 1.82
CA THR A 66 -34.95 -15.34 0.71
C THR A 66 -35.63 -14.04 1.16
N LYS A 67 -36.28 -14.03 2.33
CA LYS A 67 -36.80 -12.84 3.01
C LYS A 67 -36.55 -12.99 4.50
N ARG A 68 -36.44 -11.88 5.22
CA ARG A 68 -36.11 -11.84 6.65
C ARG A 68 -37.04 -10.86 7.38
N PRO A 69 -37.25 -11.03 8.69
CA PRO A 69 -37.98 -10.06 9.47
C PRO A 69 -37.27 -8.70 9.53
N SER A 70 -38.07 -7.65 9.56
CA SER A 70 -37.69 -6.26 9.75
C SER A 70 -38.70 -5.59 10.69
N ALA A 71 -38.22 -4.78 11.63
CA ALA A 71 -39.07 -4.26 12.68
C ALA A 71 -39.89 -3.03 12.24
N SER A 72 -40.98 -2.80 12.96
CA SER A 72 -41.66 -1.52 13.00
C SER A 72 -41.42 -0.58 14.18
N ILE A 73 -41.80 0.69 14.08
CA ILE A 73 -41.91 1.60 15.22
C ILE A 73 -43.39 1.82 15.52
N ILE A 74 -43.81 1.67 16.78
CA ILE A 74 -45.21 1.83 17.17
C ILE A 74 -45.41 2.67 18.45
N GLY A 75 -46.56 3.34 18.55
CA GLY A 75 -46.99 4.13 19.72
C GLY A 75 -47.42 3.30 20.93
N GLU A 76 -48.06 3.93 21.92
CA GLU A 76 -48.35 3.28 23.20
C GLU A 76 -49.41 2.18 23.10
N LEU A 77 -50.48 2.44 22.36
CA LEU A 77 -51.59 1.52 22.13
C LEU A 77 -51.89 1.36 20.63
N GLN A 78 -50.90 1.64 19.79
CA GLN A 78 -50.96 1.39 18.35
C GLN A 78 -50.86 -0.11 18.05
N ASN A 79 -51.52 -0.56 17.00
CA ASN A 79 -51.55 -1.96 16.60
C ASN A 79 -50.17 -2.47 16.18
N LYS A 80 -49.69 -3.56 16.81
CA LYS A 80 -48.54 -4.34 16.37
C LYS A 80 -48.78 -5.01 15.02
N VAL A 81 -47.73 -5.33 14.28
CA VAL A 81 -47.80 -5.91 12.92
C VAL A 81 -46.78 -7.01 12.72
N ASP A 82 -47.08 -7.98 11.86
CA ASP A 82 -46.15 -9.05 11.50
C ASP A 82 -45.21 -8.62 10.37
N SER A 83 -44.02 -9.20 10.35
CA SER A 83 -43.06 -9.11 9.27
C SER A 83 -43.14 -10.33 8.35
N GLU A 84 -42.06 -10.64 7.66
CA GLU A 84 -41.97 -11.69 6.66
C GLU A 84 -40.70 -12.53 6.81
N LEU A 85 -40.76 -13.77 6.35
CA LEU A 85 -39.69 -14.76 6.44
C LEU A 85 -39.97 -15.79 5.35
N GLU A 86 -39.00 -16.06 4.49
CA GLU A 86 -39.23 -16.87 3.28
C GLU A 86 -37.98 -17.63 2.90
N VAL A 87 -38.16 -18.82 2.32
CA VAL A 87 -37.09 -19.72 1.88
C VAL A 87 -37.32 -20.08 0.42
N GLY A 88 -36.22 -20.23 -0.30
CA GLY A 88 -36.16 -20.94 -1.57
C GLY A 88 -35.11 -22.03 -1.46
N ALA A 89 -34.82 -22.70 -2.56
CA ALA A 89 -33.74 -23.68 -2.59
C ALA A 89 -33.13 -23.74 -3.98
N LYS A 90 -31.86 -24.13 -4.05
CA LYS A 90 -31.18 -24.51 -5.29
C LYS A 90 -30.91 -26.00 -5.27
N ASN A 91 -31.07 -26.65 -6.40
CA ASN A 91 -30.76 -28.06 -6.56
C ASN A 91 -29.66 -28.29 -7.60
N PHE A 92 -28.93 -29.39 -7.47
CA PHE A 92 -27.87 -29.76 -8.40
C PHE A 92 -27.79 -31.25 -8.69
N LYS A 93 -27.35 -31.56 -9.90
CA LYS A 93 -27.12 -32.92 -10.40
C LYS A 93 -25.67 -33.35 -10.31
N THR A 94 -25.44 -34.64 -10.43
CA THR A 94 -24.12 -35.24 -10.59
C THR A 94 -23.80 -35.53 -12.06
N ILE A 95 -22.52 -35.68 -12.36
CA ILE A 95 -21.99 -36.26 -13.59
C ILE A 95 -20.88 -37.24 -13.26
N LYS A 96 -20.51 -38.08 -14.22
CA LYS A 96 -19.53 -39.16 -14.06
C LYS A 96 -18.30 -38.94 -14.94
N ALA A 97 -17.13 -38.93 -14.35
CA ALA A 97 -15.85 -38.95 -15.05
C ALA A 97 -15.24 -40.34 -14.96
N GLU A 98 -14.70 -40.85 -16.06
CA GLU A 98 -14.00 -42.14 -16.08
C GLU A 98 -12.74 -42.08 -16.92
N VAL A 99 -11.76 -42.89 -16.54
CA VAL A 99 -10.54 -43.15 -17.29
C VAL A 99 -10.21 -44.63 -17.20
N GLY A 100 -9.75 -45.23 -18.29
CA GLY A 100 -9.28 -46.61 -18.26
C GLY A 100 -8.23 -46.91 -19.31
N LEU A 101 -7.45 -47.95 -19.09
CA LEU A 101 -6.33 -48.37 -19.93
C LEU A 101 -6.35 -49.88 -20.10
N GLU A 102 -5.97 -50.38 -21.26
CA GLU A 102 -5.98 -51.82 -21.55
C GLU A 102 -4.65 -52.28 -22.16
N PHE A 103 -4.11 -53.35 -21.62
CA PHE A 103 -2.81 -53.90 -21.97
C PHE A 103 -2.94 -55.37 -22.35
N SER A 104 -2.20 -55.86 -23.33
CA SER A 104 -2.03 -57.31 -23.49
C SER A 104 -1.28 -57.90 -22.32
N LEU A 105 -1.46 -59.18 -22.04
CA LEU A 105 -0.72 -59.92 -21.01
C LEU A 105 0.79 -59.78 -21.18
N GLU A 106 1.27 -59.83 -22.41
CA GLU A 106 2.68 -59.71 -22.75
C GLU A 106 3.23 -58.33 -22.35
N THR A 107 2.40 -57.29 -22.47
CA THR A 107 2.65 -55.92 -22.02
C THR A 107 2.52 -55.75 -20.50
N ILE A 108 2.00 -56.73 -19.77
CA ILE A 108 2.03 -56.77 -18.31
C ILE A 108 3.28 -57.51 -17.82
N LEU A 109 3.65 -58.59 -18.50
CA LEU A 109 4.79 -59.44 -18.15
C LEU A 109 6.13 -58.75 -18.48
N THR A 110 6.23 -58.19 -19.67
CA THR A 110 7.18 -57.10 -19.95
C THR A 110 6.64 -55.85 -19.28
N ASN A 111 7.45 -55.10 -18.54
CA ASN A 111 7.06 -53.80 -18.04
C ASN A 111 8.04 -52.77 -18.64
N PRO A 112 7.82 -52.33 -19.90
CA PRO A 112 8.85 -51.85 -20.82
C PRO A 112 9.98 -50.99 -20.25
N ALA A 113 9.65 -49.96 -19.48
CA ALA A 113 10.63 -49.20 -18.69
C ALA A 113 10.11 -48.86 -17.28
N GLY A 114 9.27 -49.72 -16.72
CA GLY A 114 8.48 -49.44 -15.51
C GLY A 114 7.19 -48.67 -15.76
N ILE A 115 6.74 -48.57 -17.01
CA ILE A 115 5.55 -47.82 -17.43
C ILE A 115 4.27 -48.28 -16.71
N LEU A 116 4.14 -49.54 -16.32
CA LEU A 116 2.95 -49.99 -15.61
C LEU A 116 2.89 -49.47 -14.17
N ASP A 117 4.01 -49.00 -13.62
CA ASP A 117 4.07 -48.56 -12.23
C ASP A 117 3.33 -47.23 -12.04
N ILE A 118 3.21 -46.43 -13.10
CA ILE A 118 2.61 -45.10 -13.05
C ILE A 118 1.09 -45.11 -13.30
N ILE A 119 0.49 -46.24 -13.65
CA ILE A 119 -0.93 -46.33 -14.04
C ILE A 119 -1.86 -45.71 -13.00
N GLY A 120 -1.68 -46.02 -11.73
CA GLY A 120 -2.56 -45.53 -10.68
C GLY A 120 -2.52 -44.02 -10.52
N GLU A 121 -1.34 -43.41 -10.52
CA GLU A 121 -1.21 -41.96 -10.37
C GLU A 121 -1.60 -41.21 -11.64
N GLU A 122 -1.27 -41.70 -12.84
CA GLU A 122 -1.67 -41.02 -14.07
C GLU A 122 -3.18 -41.09 -14.28
N MET A 123 -3.84 -42.19 -13.89
CA MET A 123 -5.29 -42.28 -13.92
C MET A 123 -5.97 -41.48 -12.81
N SER A 124 -5.42 -41.46 -11.59
CA SER A 124 -5.91 -40.56 -10.53
C SER A 124 -5.87 -39.10 -10.98
N GLY A 125 -4.73 -38.67 -11.52
CA GLY A 125 -4.56 -37.33 -12.04
C GLY A 125 -5.50 -37.02 -13.19
N ALA A 126 -5.75 -37.94 -14.10
CA ALA A 126 -6.65 -37.72 -15.22
C ALA A 126 -8.07 -37.39 -14.77
N LEU A 127 -8.57 -38.09 -13.74
CA LEU A 127 -9.87 -37.77 -13.14
C LEU A 127 -9.86 -36.41 -12.48
N ALA A 128 -8.85 -36.11 -11.67
CA ALA A 128 -8.74 -34.83 -10.99
C ALA A 128 -8.73 -33.66 -11.98
N ARG A 129 -7.99 -33.74 -13.09
CA ARG A 129 -8.01 -32.69 -14.12
C ARG A 129 -9.38 -32.58 -14.81
N GLN A 130 -10.13 -33.67 -14.93
CA GLN A 130 -11.49 -33.64 -15.47
C GLN A 130 -12.52 -33.10 -14.48
N VAL A 131 -12.32 -33.23 -13.17
CA VAL A 131 -13.14 -32.51 -12.19
C VAL A 131 -13.02 -31.01 -12.45
N ASP A 132 -11.81 -30.46 -12.46
CA ASP A 132 -11.61 -29.03 -12.75
C ASP A 132 -12.15 -28.62 -14.12
N ALA A 133 -11.90 -29.38 -15.18
CA ALA A 133 -12.39 -29.03 -16.50
C ALA A 133 -13.91 -28.98 -16.58
N ALA A 134 -14.62 -29.84 -15.86
CA ALA A 134 -16.07 -29.82 -15.85
C ALA A 134 -16.59 -28.64 -15.04
N VAL A 135 -16.10 -28.49 -13.81
CA VAL A 135 -16.56 -27.46 -12.87
C VAL A 135 -16.20 -26.06 -13.34
N ILE A 136 -14.98 -25.80 -13.80
CA ILE A 136 -14.54 -24.47 -14.22
C ILE A 136 -15.04 -24.15 -15.61
N HIS A 137 -14.88 -25.05 -16.58
CA HIS A 137 -15.02 -24.75 -18.01
C HIS A 137 -16.19 -25.41 -18.73
N ASN A 138 -16.98 -26.27 -18.08
CA ASN A 138 -18.01 -27.09 -18.74
C ASN A 138 -17.38 -27.98 -19.84
N ARG A 139 -16.23 -28.58 -19.57
CA ARG A 139 -15.37 -29.17 -20.61
C ARG A 139 -15.01 -30.64 -20.39
N GLN A 140 -14.97 -31.43 -21.46
CA GLN A 140 -14.50 -32.81 -21.46
C GLN A 140 -12.98 -32.84 -21.67
N SER A 141 -12.17 -33.35 -20.74
CA SER A 141 -10.73 -33.11 -20.79
C SER A 141 -10.03 -33.92 -21.89
N SER A 142 -10.49 -35.13 -22.21
CA SER A 142 -9.98 -35.94 -23.33
C SER A 142 -10.19 -35.34 -24.72
N ASN A 143 -11.05 -34.34 -24.86
CA ASN A 143 -11.58 -33.88 -26.14
C ASN A 143 -11.53 -32.35 -26.31
N GLY A 144 -11.55 -31.61 -25.20
CA GLY A 144 -11.64 -30.15 -25.18
C GLY A 144 -13.01 -29.58 -25.55
N ALA A 145 -14.00 -30.42 -25.89
CA ALA A 145 -15.34 -30.00 -26.25
C ALA A 145 -16.17 -29.62 -25.01
N GLN A 146 -17.22 -28.83 -25.22
CA GLN A 146 -18.18 -28.50 -24.18
C GLN A 146 -19.07 -29.71 -23.85
N LEU A 147 -19.38 -29.90 -22.57
CA LEU A 147 -20.29 -30.92 -22.11
C LEU A 147 -21.73 -30.62 -22.52
N THR A 148 -22.46 -31.63 -22.97
CA THR A 148 -23.91 -31.55 -23.23
C THR A 148 -24.74 -31.82 -21.96
N SER A 149 -24.10 -32.25 -20.87
CA SER A 149 -24.71 -32.36 -19.54
C SER A 149 -25.34 -31.04 -19.08
N GLY A 150 -26.39 -31.10 -18.27
CA GLY A 150 -27.11 -29.91 -17.80
C GLY A 150 -26.47 -29.18 -16.60
N THR A 151 -25.25 -29.52 -16.21
CA THR A 151 -24.50 -28.87 -15.13
C THR A 151 -24.07 -27.44 -15.50
N VAL A 152 -23.90 -26.57 -14.51
CA VAL A 152 -23.46 -25.17 -14.72
C VAL A 152 -22.04 -24.98 -14.20
N SER A 153 -21.14 -24.51 -15.06
CA SER A 153 -19.76 -24.24 -14.65
C SER A 153 -19.64 -22.90 -13.94
N ILE A 154 -18.56 -22.72 -13.18
CA ILE A 154 -18.23 -21.45 -12.55
C ILE A 154 -18.14 -20.33 -13.58
N THR A 155 -17.53 -20.58 -14.73
CA THR A 155 -17.31 -19.52 -15.73
C THR A 155 -18.53 -19.24 -16.60
N ALA A 156 -19.57 -20.06 -16.58
CA ALA A 156 -20.83 -19.75 -17.26
C ALA A 156 -21.67 -18.78 -16.42
N GLY A 157 -22.06 -17.66 -17.00
CA GLY A 157 -22.91 -16.66 -16.33
C GLY A 157 -22.27 -15.89 -15.18
N ALA A 158 -21.01 -16.16 -14.83
CA ALA A 158 -20.25 -15.27 -13.95
C ALA A 158 -19.89 -13.95 -14.66
N PRO A 159 -19.83 -12.82 -13.95
CA PRO A 159 -19.31 -11.58 -14.49
C PRO A 159 -17.84 -11.72 -14.91
N THR A 160 -17.49 -11.15 -16.05
CA THR A 160 -16.13 -11.16 -16.59
C THR A 160 -15.50 -9.78 -16.47
N VAL A 161 -14.29 -9.71 -15.93
CA VAL A 161 -13.43 -8.52 -15.97
C VAL A 161 -12.35 -8.76 -17.02
N GLU A 162 -12.34 -7.94 -18.06
CA GLU A 162 -11.42 -8.10 -19.17
C GLU A 162 -10.05 -7.50 -18.84
N LEU A 163 -9.04 -8.35 -18.65
CA LEU A 163 -7.65 -7.93 -18.48
C LEU A 163 -7.08 -7.46 -19.84
N PRO A 164 -6.50 -6.26 -19.95
CA PRO A 164 -5.87 -5.82 -21.17
C PRO A 164 -4.61 -6.63 -21.46
N LEU A 165 -4.37 -6.97 -22.73
CA LEU A 165 -3.25 -7.83 -23.14
C LEU A 165 -1.95 -7.07 -23.45
N THR A 166 -1.94 -5.75 -23.28
CA THR A 166 -0.79 -4.86 -23.48
C THR A 166 0.39 -5.25 -22.60
N ALA A 167 1.59 -5.30 -23.18
CA ALA A 167 2.79 -5.73 -22.47
C ALA A 167 3.13 -4.80 -21.30
N GLY A 168 3.45 -5.38 -20.15
CA GLY A 168 3.85 -4.66 -18.93
C GLY A 168 2.75 -3.83 -18.26
N VAL A 169 1.48 -3.99 -18.63
CA VAL A 169 0.35 -3.29 -17.99
C VAL A 169 0.15 -3.66 -16.52
N ASP A 170 -0.36 -2.73 -15.71
CA ASP A 170 -0.78 -2.99 -14.33
C ASP A 170 -2.20 -3.55 -14.27
N ILE A 171 -2.37 -4.79 -13.79
CA ILE A 171 -3.70 -5.40 -13.63
C ILE A 171 -4.32 -5.18 -12.25
N ASP A 172 -3.64 -4.54 -11.30
CA ASP A 172 -4.20 -4.26 -9.99
C ASP A 172 -5.54 -3.49 -10.01
N PRO A 173 -5.76 -2.47 -10.86
CA PRO A 173 -7.06 -1.83 -11.00
C PRO A 173 -8.17 -2.82 -11.36
N PHE A 174 -7.86 -3.82 -12.19
CA PHE A 174 -8.81 -4.80 -12.67
C PHE A 174 -9.07 -5.87 -11.61
N LEU A 175 -8.04 -6.34 -10.91
CA LEU A 175 -8.24 -7.31 -9.82
C LEU A 175 -9.14 -6.75 -8.73
N TRP A 176 -8.99 -5.47 -8.37
CA TRP A 176 -9.89 -4.76 -7.47
C TRP A 176 -11.29 -4.52 -8.03
N GLU A 177 -11.45 -4.19 -9.32
CA GLU A 177 -12.76 -4.09 -9.94
C GLU A 177 -13.56 -5.38 -9.83
N GLY A 178 -12.92 -6.53 -10.00
CA GLY A 178 -13.60 -7.80 -9.85
C GLY A 178 -13.99 -8.08 -8.40
N TYR A 179 -13.11 -7.83 -7.45
CA TYR A 179 -13.45 -7.94 -6.02
C TYR A 179 -14.63 -7.05 -5.64
N ASN A 180 -14.74 -5.85 -6.19
CA ASN A 180 -15.90 -4.99 -5.99
C ASN A 180 -17.15 -5.57 -6.64
N THR A 181 -17.03 -6.13 -7.84
CA THR A 181 -18.15 -6.75 -8.55
C THR A 181 -18.76 -7.92 -7.76
N VAL A 182 -17.95 -8.67 -7.02
CA VAL A 182 -18.44 -9.70 -6.10
C VAL A 182 -19.02 -9.08 -4.83
N THR A 183 -18.23 -8.32 -4.09
CA THR A 183 -18.57 -7.91 -2.73
C THR A 183 -19.54 -6.73 -2.63
N GLU A 184 -19.55 -5.80 -3.57
CA GLU A 184 -20.46 -4.66 -3.55
C GLU A 184 -21.71 -4.94 -4.38
N ALA A 185 -21.54 -5.19 -5.68
CA ALA A 185 -22.66 -5.29 -6.62
C ALA A 185 -23.57 -6.52 -6.37
N ALA A 186 -23.08 -7.53 -5.63
CA ALA A 186 -23.84 -8.72 -5.27
C ALA A 186 -23.79 -9.08 -3.77
N GLY A 187 -23.07 -8.32 -2.93
CA GLY A 187 -23.12 -8.48 -1.47
C GLY A 187 -22.51 -9.78 -0.92
N ASN A 188 -21.85 -10.61 -1.72
CA ASN A 188 -21.22 -11.84 -1.25
C ASN A 188 -19.97 -11.53 -0.41
N ASN A 189 -19.46 -12.52 0.33
CA ASN A 189 -18.08 -12.49 0.83
C ASN A 189 -17.09 -12.64 -0.35
N PHE A 190 -15.79 -12.74 -0.02
CA PHE A 190 -14.73 -13.06 -0.96
C PHE A 190 -13.63 -13.75 -0.17
N SER A 191 -13.24 -14.95 -0.57
CA SER A 191 -12.35 -15.81 0.23
C SER A 191 -11.04 -16.17 -0.45
N GLY A 192 -10.82 -15.79 -1.70
CA GLY A 192 -9.56 -16.05 -2.39
C GLY A 192 -9.65 -16.06 -3.90
N PHE A 193 -8.55 -16.42 -4.54
CA PHE A 193 -8.44 -16.58 -5.99
C PHE A 193 -8.01 -17.98 -6.40
N ALA A 194 -8.46 -18.39 -7.58
CA ALA A 194 -7.79 -19.38 -8.40
C ALA A 194 -6.98 -18.62 -9.46
N PHE A 195 -5.68 -18.85 -9.56
CA PHE A 195 -4.80 -18.23 -10.54
C PHE A 195 -4.29 -19.25 -11.55
N ASP A 196 -4.30 -18.89 -12.82
CA ASP A 196 -3.43 -19.53 -13.81
C ASP A 196 -1.98 -19.09 -13.52
N PRO A 197 -0.97 -19.96 -13.46
CA PRO A 197 0.42 -19.57 -13.25
C PRO A 197 0.90 -18.44 -14.17
N ARG A 198 0.35 -18.33 -15.38
CA ARG A 198 0.58 -17.20 -16.29
C ARG A 198 0.26 -15.83 -15.71
N LEU A 199 -0.67 -15.70 -14.77
CA LEU A 199 -0.94 -14.43 -14.11
C LEU A 199 0.30 -13.95 -13.34
N THR A 200 1.12 -14.85 -12.80
CA THR A 200 2.36 -14.44 -12.14
C THR A 200 3.29 -13.75 -13.12
N TYR A 201 3.38 -14.18 -14.38
CA TYR A 201 4.15 -13.47 -15.41
C TYR A 201 3.58 -12.08 -15.68
N VAL A 202 2.26 -11.93 -15.77
CA VAL A 202 1.61 -10.62 -15.96
C VAL A 202 1.88 -9.69 -14.78
N LEU A 203 1.82 -10.17 -13.54
CA LEU A 203 2.19 -9.38 -12.37
C LEU A 203 3.68 -9.05 -12.34
N ALA A 204 4.55 -10.03 -12.58
CA ALA A 204 5.99 -9.87 -12.50
C ALA A 204 6.55 -8.93 -13.56
N THR A 205 5.91 -8.83 -14.72
CA THR A 205 6.29 -7.92 -15.80
C THR A 205 5.58 -6.57 -15.77
N ALA A 206 4.67 -6.30 -14.83
CA ALA A 206 3.94 -5.04 -14.74
C ALA A 206 4.85 -3.86 -14.39
N ARG A 207 4.69 -2.72 -15.06
CA ARG A 207 5.56 -1.54 -14.97
C ARG A 207 4.83 -0.22 -14.79
N ASP A 208 5.45 0.69 -14.06
CA ASP A 208 5.15 2.12 -14.02
C ASP A 208 5.20 2.75 -15.41
N SER A 209 4.57 3.92 -15.56
CA SER A 209 4.68 4.73 -16.79
C SER A 209 6.11 5.18 -17.09
N ASP A 210 6.98 5.27 -16.07
CA ASP A 210 8.40 5.59 -16.28
C ASP A 210 9.25 4.39 -16.73
N GLY A 211 8.72 3.16 -16.65
CA GLY A 211 9.38 1.93 -17.06
C GLY A 211 9.85 1.00 -15.93
N ARG A 212 9.76 1.40 -14.67
CA ARG A 212 10.21 0.58 -13.51
C ARG A 212 9.19 -0.50 -13.11
N ARG A 213 9.63 -1.65 -12.59
CA ARG A 213 8.73 -2.77 -12.18
C ARG A 213 7.85 -2.40 -10.99
N LEU A 214 6.57 -2.78 -11.05
CA LEU A 214 5.62 -2.59 -9.96
C LEU A 214 5.71 -3.68 -8.88
N ASN A 215 6.02 -4.91 -9.27
CA ASN A 215 6.10 -6.07 -8.38
C ASN A 215 7.51 -6.67 -8.38
N PRO A 216 8.54 -5.93 -7.95
CA PRO A 216 9.94 -6.37 -8.04
C PRO A 216 10.29 -7.57 -7.17
N ASP A 217 9.44 -7.92 -6.21
CA ASP A 217 9.65 -9.06 -5.32
C ASP A 217 9.38 -10.42 -6.00
N ILE A 218 8.68 -10.44 -7.14
CA ILE A 218 8.36 -11.68 -7.85
C ILE A 218 9.59 -12.14 -8.65
N ASN A 219 10.20 -13.24 -8.24
CA ASN A 219 11.28 -13.91 -8.96
C ASN A 219 10.77 -14.83 -10.06
N MET A 220 11.60 -15.14 -11.05
CA MET A 220 11.33 -16.24 -11.98
C MET A 220 11.27 -17.56 -11.23
N GLY A 221 10.30 -18.41 -11.56
CA GLY A 221 10.10 -19.72 -10.92
C GLY A 221 9.22 -19.69 -9.68
N GLN A 222 8.86 -18.51 -9.16
CA GLN A 222 7.78 -18.37 -8.17
C GLN A 222 6.42 -18.34 -8.85
N THR A 223 5.37 -18.68 -8.10
CA THR A 223 3.99 -18.27 -8.37
C THR A 223 3.42 -17.60 -7.14
N VAL A 224 2.61 -16.55 -7.31
CA VAL A 224 2.05 -15.82 -6.18
C VAL A 224 0.95 -16.64 -5.51
N THR A 225 1.07 -16.88 -4.21
CA THR A 225 0.10 -17.66 -3.41
C THR A 225 -0.83 -16.79 -2.58
N SER A 226 -0.74 -15.47 -2.71
CA SER A 226 -1.71 -14.51 -2.19
C SER A 226 -1.69 -13.24 -3.04
N TYR A 227 -2.77 -12.48 -3.03
CA TYR A 227 -2.85 -11.18 -3.67
C TYR A 227 -3.70 -10.25 -2.82
N SER A 228 -3.18 -9.07 -2.49
CA SER A 228 -3.92 -8.09 -1.67
C SER A 228 -4.48 -8.70 -0.38
N GLY A 229 -3.69 -9.53 0.29
CA GLY A 229 -4.05 -10.21 1.54
C GLY A 229 -4.99 -11.41 1.40
N GLN A 230 -5.60 -11.65 0.24
CA GLN A 230 -6.41 -12.84 -0.01
C GLN A 230 -5.53 -14.01 -0.48
N PRO A 231 -5.81 -15.26 -0.11
CA PRO A 231 -5.04 -16.41 -0.59
C PRO A 231 -5.32 -16.68 -2.08
N ALA A 232 -4.36 -17.29 -2.75
CA ALA A 232 -4.49 -17.75 -4.13
C ALA A 232 -3.94 -19.17 -4.28
N ILE A 233 -4.58 -19.98 -5.13
CA ILE A 233 -4.09 -21.31 -5.50
C ILE A 233 -3.83 -21.34 -7.01
N ASN A 234 -2.75 -21.99 -7.44
CA ASN A 234 -2.28 -21.90 -8.82
C ASN A 234 -2.49 -23.20 -9.59
N SER A 235 -3.08 -23.14 -10.79
CA SER A 235 -3.11 -24.25 -11.73
C SER A 235 -3.46 -23.82 -13.15
N ARG A 236 -2.86 -24.41 -14.19
CA ARG A 236 -3.27 -24.16 -15.57
C ARG A 236 -4.62 -24.78 -15.89
N THR A 237 -5.24 -25.55 -15.00
CA THR A 237 -6.66 -25.87 -15.13
C THR A 237 -7.52 -24.61 -15.12
N VAL A 238 -7.05 -23.50 -14.53
CA VAL A 238 -7.72 -22.19 -14.61
C VAL A 238 -7.69 -21.65 -16.03
N GLY A 239 -6.55 -21.67 -16.72
CA GLY A 239 -6.46 -21.28 -18.12
C GLY A 239 -7.16 -22.25 -19.07
N GLY A 240 -7.17 -23.53 -18.73
CA GLY A 240 -7.98 -24.55 -19.38
C GLY A 240 -7.30 -25.25 -20.56
N ASP A 241 -6.06 -24.92 -20.89
CA ASP A 241 -5.25 -25.64 -21.87
C ASP A 241 -4.56 -26.86 -21.27
N VAL A 242 -5.36 -27.79 -20.76
CA VAL A 242 -4.94 -29.02 -20.09
C VAL A 242 -5.58 -30.20 -20.79
N ASP A 243 -4.89 -31.34 -20.86
CA ASP A 243 -5.29 -32.48 -21.70
C ASP A 243 -5.52 -32.02 -23.14
N ALA A 244 -6.69 -32.26 -23.75
CA ALA A 244 -6.99 -31.79 -25.10
C ALA A 244 -7.59 -30.36 -25.14
N GLY A 245 -7.69 -29.67 -24.02
CA GLY A 245 -8.29 -28.35 -23.91
C GLY A 245 -7.49 -27.24 -24.59
N THR A 246 -8.21 -26.24 -25.11
CA THR A 246 -7.65 -24.97 -25.63
C THR A 246 -7.54 -23.92 -24.53
N ASP A 247 -6.58 -23.00 -24.62
CA ASP A 247 -6.47 -21.89 -23.67
C ASP A 247 -7.66 -20.94 -23.81
N THR A 248 -8.38 -20.72 -22.72
CA THR A 248 -9.53 -19.81 -22.67
C THR A 248 -9.15 -18.34 -22.55
N GLY A 249 -7.91 -18.04 -22.16
CA GLY A 249 -7.50 -16.69 -21.77
C GLY A 249 -7.91 -16.31 -20.36
N ILE A 250 -8.59 -17.18 -19.61
CA ILE A 250 -8.90 -16.94 -18.20
C ILE A 250 -7.62 -17.04 -17.41
N ARG A 251 -7.28 -16.01 -16.63
CA ARG A 251 -6.05 -15.96 -15.85
C ARG A 251 -6.28 -15.94 -14.36
N ALA A 252 -7.46 -15.56 -13.92
CA ALA A 252 -7.86 -15.73 -12.55
C ALA A 252 -9.36 -15.92 -12.44
N ILE A 253 -9.80 -16.55 -11.36
CA ILE A 253 -11.18 -16.50 -10.90
C ILE A 253 -11.11 -16.07 -9.45
N GLY A 254 -11.85 -15.05 -9.06
CA GLY A 254 -11.94 -14.60 -7.68
C GLY A 254 -13.35 -14.75 -7.18
N GLY A 255 -13.55 -14.95 -5.89
CA GLY A 255 -14.90 -15.03 -5.36
C GLY A 255 -14.98 -15.51 -3.93
N ASP A 256 -16.19 -15.86 -3.50
CA ASP A 256 -16.35 -16.67 -2.30
C ASP A 256 -16.45 -18.15 -2.65
N TRP A 257 -15.40 -18.89 -2.36
CA TRP A 257 -15.35 -20.31 -2.61
C TRP A 257 -16.28 -21.12 -1.74
N ASP A 258 -16.87 -20.57 -0.68
CA ASP A 258 -17.98 -21.22 0.01
C ASP A 258 -19.30 -21.16 -0.77
N ALA A 259 -19.43 -20.27 -1.75
CA ALA A 259 -20.55 -20.28 -2.67
C ALA A 259 -20.49 -21.45 -3.65
N LEU A 260 -19.35 -22.13 -3.75
CA LEU A 260 -19.21 -23.36 -4.51
C LEU A 260 -19.21 -24.52 -3.53
N ARG A 261 -20.23 -25.36 -3.60
CA ARG A 261 -20.27 -26.62 -2.85
C ARG A 261 -20.04 -27.76 -3.80
N PHE A 262 -19.16 -28.69 -3.45
CA PHE A 262 -18.77 -29.79 -4.31
C PHE A 262 -18.59 -31.07 -3.48
N GLY A 263 -18.90 -32.22 -4.06
CA GLY A 263 -18.56 -33.49 -3.44
C GLY A 263 -18.70 -34.67 -4.38
N TYR A 264 -18.24 -35.82 -3.89
CA TYR A 264 -18.30 -37.08 -4.60
C TYR A 264 -19.50 -37.88 -4.14
N ALA A 265 -20.36 -38.28 -5.07
CA ALA A 265 -21.41 -39.23 -4.81
C ALA A 265 -20.85 -40.66 -4.70
N HIS A 266 -19.92 -41.02 -5.58
CA HIS A 266 -19.25 -42.32 -5.58
C HIS A 266 -17.85 -42.23 -6.17
N GLN A 267 -16.89 -42.97 -5.63
CA GLN A 267 -15.55 -43.14 -6.21
C GLN A 267 -15.25 -44.62 -6.41
N ILE A 268 -14.98 -45.00 -7.66
CA ILE A 268 -14.37 -46.28 -8.02
C ILE A 268 -12.86 -46.03 -8.08
N GLY A 269 -12.15 -46.47 -7.04
CA GLY A 269 -10.69 -46.48 -7.05
C GLY A 269 -10.14 -47.40 -8.13
N LEU A 270 -8.82 -47.43 -8.31
CA LEU A 270 -8.20 -48.24 -9.36
C LEU A 270 -8.61 -49.70 -9.25
N ARG A 271 -9.31 -50.22 -10.26
CA ARG A 271 -9.67 -51.65 -10.32
C ARG A 271 -9.22 -52.31 -11.60
N LYS A 272 -8.64 -53.49 -11.45
CA LYS A 272 -8.30 -54.41 -12.52
C LYS A 272 -9.57 -55.13 -12.99
N ILE A 273 -9.89 -55.01 -14.26
CA ILE A 273 -10.97 -55.72 -14.93
C ILE A 273 -10.32 -56.83 -15.76
N GLU A 274 -10.78 -58.05 -15.60
CA GLU A 274 -10.17 -59.21 -16.26
C GLU A 274 -11.12 -59.94 -17.21
N TYR A 275 -12.41 -59.59 -17.25
CA TYR A 275 -13.44 -60.31 -17.99
C TYR A 275 -14.28 -59.37 -18.83
N GLY A 276 -14.88 -59.88 -19.90
CA GLY A 276 -15.70 -59.09 -20.80
C GLY A 276 -14.89 -58.12 -21.66
N ASP A 277 -15.57 -57.16 -22.25
CA ASP A 277 -15.03 -56.20 -23.21
C ASP A 277 -15.33 -54.77 -22.75
N PRO A 278 -14.61 -54.21 -21.75
CA PRO A 278 -14.99 -52.96 -21.11
C PRO A 278 -14.87 -51.72 -21.99
N PHE A 279 -14.02 -51.73 -23.01
CA PHE A 279 -13.75 -50.55 -23.84
C PHE A 279 -14.00 -50.76 -25.34
N GLY A 280 -14.59 -51.90 -25.73
CA GLY A 280 -14.98 -52.18 -27.12
C GLY A 280 -13.85 -52.70 -28.00
N ASN A 281 -12.71 -53.05 -27.42
CA ASN A 281 -11.55 -53.58 -28.11
C ASN A 281 -11.66 -55.08 -28.42
N GLY A 282 -12.51 -55.81 -27.70
CA GLY A 282 -12.62 -57.27 -27.74
C GLY A 282 -12.48 -57.86 -26.34
N ASP A 283 -12.94 -59.09 -26.15
CA ASP A 283 -12.97 -59.70 -24.82
C ASP A 283 -11.57 -59.90 -24.23
N LEU A 284 -11.38 -59.49 -22.98
CA LEU A 284 -10.10 -59.53 -22.30
C LEU A 284 -9.55 -60.93 -22.10
N GLN A 285 -10.39 -61.93 -21.86
CA GLN A 285 -9.92 -63.31 -21.77
C GLN A 285 -9.60 -63.85 -23.16
N ARG A 286 -10.43 -63.54 -24.17
CA ARG A 286 -10.17 -64.03 -25.53
C ARG A 286 -8.88 -63.48 -26.11
N ARG A 287 -8.59 -62.20 -25.90
CA ARG A 287 -7.37 -61.56 -26.38
C ARG A 287 -6.19 -61.66 -25.43
N ASN A 288 -6.33 -62.33 -24.28
CA ASN A 288 -5.32 -62.45 -23.23
C ASN A 288 -4.79 -61.05 -22.83
N ALA A 289 -5.66 -60.22 -22.30
CA ALA A 289 -5.46 -58.81 -21.98
C ALA A 289 -6.02 -58.46 -20.60
N VAL A 290 -5.63 -57.31 -20.06
CA VAL A 290 -6.09 -56.78 -18.78
C VAL A 290 -6.51 -55.34 -18.97
N ALA A 291 -7.57 -54.91 -18.31
CA ALA A 291 -8.01 -53.53 -18.28
C ALA A 291 -7.92 -52.95 -16.87
N TYR A 292 -7.67 -51.66 -16.77
CA TYR A 292 -7.73 -50.90 -15.55
C TYR A 292 -8.76 -49.80 -15.72
N LEU A 293 -9.48 -49.50 -14.65
CA LEU A 293 -10.49 -48.46 -14.61
C LEU A 293 -10.33 -47.63 -13.35
N MET A 294 -10.53 -46.33 -13.46
CA MET A 294 -10.93 -45.44 -12.38
C MET A 294 -12.11 -44.62 -12.83
N GLU A 295 -13.03 -44.35 -11.93
CA GLU A 295 -14.25 -43.64 -12.24
C GLU A 295 -14.75 -42.89 -11.02
N VAL A 296 -15.39 -41.74 -11.21
CA VAL A 296 -15.90 -40.91 -10.12
C VAL A 296 -17.20 -40.24 -10.53
N ILE A 297 -18.16 -40.21 -9.61
CA ILE A 297 -19.41 -39.48 -9.76
C ILE A 297 -19.35 -38.32 -8.80
N PHE A 298 -19.54 -37.10 -9.29
CA PHE A 298 -19.36 -35.88 -8.54
C PHE A 298 -20.41 -34.86 -8.92
N GLY A 299 -20.71 -33.94 -8.02
CA GLY A 299 -21.68 -32.89 -8.24
C GLY A 299 -21.26 -31.65 -7.51
N TRP A 300 -21.67 -30.51 -8.04
CA TRP A 300 -21.39 -29.21 -7.46
C TRP A 300 -22.53 -28.24 -7.71
N VAL A 301 -22.61 -27.21 -6.89
CA VAL A 301 -23.49 -26.05 -7.09
C VAL A 301 -22.74 -24.76 -6.87
N VAL A 302 -22.97 -23.79 -7.75
CA VAL A 302 -22.65 -22.38 -7.52
C VAL A 302 -23.91 -21.72 -6.98
N LEU A 303 -23.91 -21.37 -5.70
CA LEU A 303 -25.10 -20.90 -4.98
C LEU A 303 -25.55 -19.50 -5.38
N ASP A 304 -24.64 -18.68 -5.91
CA ASP A 304 -24.93 -17.41 -6.56
C ASP A 304 -23.93 -17.22 -7.71
N PRO A 305 -24.37 -17.09 -8.97
CA PRO A 305 -23.45 -16.88 -10.10
C PRO A 305 -22.53 -15.67 -9.93
N ASN A 306 -22.96 -14.68 -9.14
CA ASN A 306 -22.24 -13.47 -8.88
C ASN A 306 -21.27 -13.58 -7.69
N ALA A 307 -21.21 -14.71 -7.00
CA ALA A 307 -20.21 -14.95 -5.98
C ALA A 307 -18.80 -15.16 -6.55
N PHE A 308 -18.68 -15.29 -7.88
CA PHE A 308 -17.42 -15.42 -8.60
C PHE A 308 -17.31 -14.36 -9.69
N VAL A 309 -16.08 -13.96 -9.98
CA VAL A 309 -15.72 -13.10 -11.10
C VAL A 309 -14.58 -13.74 -11.87
N VAL A 310 -14.65 -13.66 -13.19
CA VAL A 310 -13.67 -14.28 -14.08
C VAL A 310 -12.80 -13.19 -14.67
N TYR A 311 -11.49 -13.25 -14.46
CA TYR A 311 -10.54 -12.33 -15.04
C TYR A 311 -9.96 -12.96 -16.29
N LYS A 312 -10.24 -12.38 -17.46
CA LYS A 312 -9.99 -12.99 -18.76
C LYS A 312 -9.28 -12.01 -19.68
N LEU A 313 -8.25 -12.44 -20.38
CA LEU A 313 -7.54 -11.61 -21.36
C LEU A 313 -8.46 -11.13 -22.48
N ALA A 314 -8.26 -9.91 -22.94
CA ALA A 314 -8.94 -9.37 -24.11
C ALA A 314 -8.65 -10.17 -25.38
N ALA A 315 -9.56 -10.13 -26.35
CA ALA A 315 -9.31 -10.64 -27.70
C ALA A 315 -8.36 -9.72 -28.49
N GLU A 316 -7.50 -10.29 -29.33
CA GLU A 316 -6.48 -9.55 -30.07
C GLU A 316 -7.08 -8.58 -31.11
N ALA B 2 -34.24 -54.20 -22.23
CA ALA B 2 -33.38 -53.04 -22.03
C ALA B 2 -32.84 -52.93 -20.61
N THR B 3 -31.66 -52.32 -20.44
CA THR B 3 -31.07 -52.00 -19.13
C THR B 3 -31.88 -50.90 -18.44
N LYS B 4 -31.88 -50.86 -17.10
CA LYS B 4 -32.69 -49.90 -16.35
C LYS B 4 -31.91 -48.62 -15.99
N SER B 5 -32.39 -47.48 -16.48
CA SER B 5 -31.95 -46.13 -16.15
C SER B 5 -32.66 -45.56 -14.92
N VAL B 6 -32.02 -44.67 -14.17
CA VAL B 6 -32.63 -43.88 -13.09
C VAL B 6 -32.51 -42.38 -13.32
N LEU B 7 -31.51 -41.90 -14.06
CA LEU B 7 -31.38 -40.50 -14.45
C LEU B 7 -32.44 -40.10 -15.48
N GLN B 8 -32.83 -38.82 -15.48
CA GLN B 8 -33.72 -38.23 -16.48
C GLN B 8 -33.24 -37.07 -17.39
N PRO B 9 -33.64 -37.06 -18.67
CA PRO B 9 -34.35 -38.12 -19.38
C PRO B 9 -33.62 -39.48 -19.39
N PRO B 10 -34.30 -40.58 -19.71
CA PRO B 10 -33.67 -41.89 -19.81
C PRO B 10 -32.62 -41.95 -20.92
N ALA B 11 -31.52 -42.66 -20.68
CA ALA B 11 -30.50 -42.90 -21.69
C ALA B 11 -31.07 -43.65 -22.90
N ALA B 12 -30.61 -43.34 -24.12
CA ALA B 12 -31.06 -44.10 -25.27
C ALA B 12 -30.84 -45.63 -25.38
N GLY B 13 -31.82 -46.30 -25.98
CA GLY B 13 -31.94 -47.76 -25.97
C GLY B 13 -32.30 -48.38 -24.61
N SER B 14 -32.32 -47.59 -23.54
CA SER B 14 -32.78 -47.99 -22.22
C SER B 14 -34.28 -47.99 -21.81
N ALA B 15 -34.58 -48.57 -20.65
CA ALA B 15 -35.80 -48.23 -19.95
C ALA B 15 -35.74 -47.60 -18.54
N SER B 16 -36.56 -46.59 -18.28
CA SER B 16 -36.53 -45.91 -16.98
C SER B 16 -37.08 -46.80 -15.88
N ILE B 17 -36.32 -47.05 -14.80
CA ILE B 17 -36.81 -47.86 -13.68
C ILE B 17 -38.04 -47.20 -13.07
N VAL B 18 -37.99 -45.89 -12.85
CA VAL B 18 -39.10 -45.04 -12.41
C VAL B 18 -39.99 -44.58 -13.57
N GLY B 19 -40.12 -45.39 -14.62
CA GLY B 19 -40.86 -45.02 -15.81
C GLY B 19 -42.38 -45.10 -15.69
N GLY B 20 -42.90 -45.69 -14.61
CA GLY B 20 -44.33 -45.79 -14.39
C GLY B 20 -44.95 -44.44 -14.06
N ALA B 21 -46.27 -44.31 -14.17
CA ALA B 21 -46.95 -43.05 -13.88
C ALA B 21 -46.58 -42.54 -12.48
N GLY B 22 -46.17 -41.28 -12.39
CA GLY B 22 -45.74 -40.63 -11.15
C GLY B 22 -44.42 -41.12 -10.56
N GLY B 23 -43.68 -42.01 -11.22
CA GLY B 23 -42.55 -42.72 -10.62
C GLY B 23 -41.37 -41.85 -10.21
N THR B 24 -41.17 -40.70 -10.86
CA THR B 24 -40.07 -39.76 -10.53
C THR B 24 -40.15 -39.22 -9.11
N GLN B 25 -41.33 -39.22 -8.48
CA GLN B 25 -41.49 -38.90 -7.05
C GLN B 25 -40.74 -39.88 -6.13
N LEU B 26 -40.42 -41.08 -6.62
CA LEU B 26 -39.46 -41.98 -5.97
C LEU B 26 -37.96 -41.65 -5.91
N LEU B 27 -37.47 -40.69 -6.70
CA LEU B 27 -36.06 -40.35 -6.74
C LEU B 27 -35.69 -39.63 -5.44
N PRO B 28 -34.59 -40.01 -4.77
CA PRO B 28 -34.25 -39.45 -3.47
C PRO B 28 -33.88 -37.97 -3.58
N LYS B 29 -34.04 -37.26 -2.45
CA LYS B 29 -33.49 -35.93 -2.23
C LYS B 29 -32.54 -35.97 -1.06
N ASN B 30 -31.47 -35.18 -1.14
CA ASN B 30 -30.65 -34.85 0.02
C ASN B 30 -30.75 -33.34 0.21
N ILE B 31 -31.29 -32.88 1.34
CA ILE B 31 -31.41 -31.46 1.65
C ILE B 31 -30.32 -31.12 2.65
N SER B 32 -29.47 -30.16 2.30
CA SER B 32 -28.35 -29.77 3.16
C SER B 32 -28.82 -29.17 4.48
N GLN B 33 -28.20 -29.60 5.58
CA GLN B 33 -28.39 -28.97 6.89
C GLN B 33 -27.80 -27.56 6.95
N GLU B 34 -26.91 -27.19 6.02
CA GLU B 34 -26.20 -25.93 6.01
C GLU B 34 -26.79 -25.00 4.95
N TRP B 35 -27.32 -23.87 5.37
CA TRP B 35 -28.04 -22.95 4.52
C TRP B 35 -27.11 -22.01 3.74
N TRP B 36 -27.62 -21.52 2.61
CA TRP B 36 -27.11 -20.31 2.00
C TRP B 36 -27.88 -19.09 2.53
N LYS B 37 -27.30 -18.36 3.47
CA LYS B 37 -27.83 -17.09 3.98
C LYS B 37 -26.74 -16.09 4.28
N LYS B 38 -26.94 -14.83 3.86
CA LYS B 38 -26.04 -13.71 4.15
C LYS B 38 -26.00 -13.44 5.66
N ALA B 39 -24.88 -12.96 6.19
CA ALA B 39 -24.90 -12.28 7.48
C ALA B 39 -25.70 -10.97 7.36
N THR B 40 -26.36 -10.55 8.43
CA THR B 40 -27.06 -9.25 8.48
C THR B 40 -26.15 -8.16 9.06
N GLU B 41 -26.46 -6.91 8.75
CA GLU B 41 -25.69 -5.77 9.24
C GLU B 41 -25.78 -5.60 10.76
N GLN B 42 -24.64 -5.38 11.42
CA GLN B 42 -24.63 -5.02 12.83
C GLN B 42 -25.25 -3.63 13.05
N SER B 43 -25.89 -3.43 14.20
CA SER B 43 -26.22 -2.10 14.70
C SER B 43 -24.97 -1.44 15.28
N ILE B 44 -24.66 -0.22 14.86
CA ILE B 44 -23.50 0.52 15.37
C ILE B 44 -23.88 1.54 16.44
N ILE B 45 -25.13 2.02 16.48
CA ILE B 45 -25.51 3.15 17.32
C ILE B 45 -25.28 2.93 18.82
N PRO B 46 -25.62 1.80 19.44
CA PRO B 46 -25.31 1.58 20.85
C PRO B 46 -23.82 1.60 21.19
N THR B 47 -22.95 1.27 20.24
CA THR B 47 -21.49 1.32 20.42
C THR B 47 -20.96 2.74 20.23
N LEU B 48 -21.46 3.41 19.19
CA LEU B 48 -20.99 4.69 18.70
C LEU B 48 -21.77 5.87 19.31
N SER B 49 -22.06 5.82 20.61
CA SER B 49 -22.83 6.87 21.29
C SER B 49 -22.57 6.82 22.78
N LYS B 50 -22.87 7.91 23.47
CA LYS B 50 -22.74 7.98 24.93
C LYS B 50 -23.93 7.27 25.58
N SER B 51 -23.67 6.25 26.38
CA SER B 51 -24.73 5.57 27.12
C SER B 51 -25.33 6.48 28.17
N THR B 52 -26.65 6.46 28.33
CA THR B 52 -27.37 7.22 29.35
C THR B 52 -28.47 6.35 29.97
N PRO B 53 -28.82 6.52 31.25
CA PRO B 53 -30.07 6.01 31.78
C PRO B 53 -31.24 6.58 30.98
N VAL B 54 -32.22 5.76 30.67
CA VAL B 54 -33.43 6.14 29.93
C VAL B 54 -34.64 5.56 30.65
N ILE B 55 -35.71 6.34 30.70
CA ILE B 55 -37.01 6.00 31.27
C ILE B 55 -38.07 6.18 30.19
N ILE B 56 -39.15 5.42 30.25
CA ILE B 56 -40.24 5.50 29.28
C ILE B 56 -40.97 6.85 29.43
N GLY B 57 -41.24 7.54 28.33
CA GLY B 57 -41.94 8.82 28.29
C GLY B 57 -41.20 9.85 27.47
N ASP B 58 -41.48 11.13 27.69
CA ASP B 58 -40.70 12.27 27.16
C ASP B 58 -39.99 13.07 28.26
N GLY B 59 -39.85 12.47 29.44
CA GLY B 59 -39.26 13.05 30.64
C GLY B 59 -37.79 12.72 30.82
N ASN B 60 -37.05 12.45 29.75
CA ASN B 60 -35.61 12.30 29.78
C ASN B 60 -35.01 13.68 29.49
N VAL B 61 -34.15 14.23 30.34
CA VAL B 61 -33.75 15.64 30.28
C VAL B 61 -32.24 15.81 30.43
N VAL B 62 -31.62 16.60 29.56
CA VAL B 62 -30.21 17.01 29.67
C VAL B 62 -30.16 18.52 29.92
N PRO B 63 -29.54 19.01 31.01
CA PRO B 63 -29.34 20.44 31.22
C PRO B 63 -28.26 21.00 30.30
N VAL B 64 -28.54 22.15 29.70
CA VAL B 64 -27.70 22.83 28.70
C VAL B 64 -27.27 24.19 29.23
N LEU B 65 -25.97 24.47 29.36
CA LEU B 65 -25.55 25.84 29.70
C LEU B 65 -25.75 26.76 28.50
N THR B 66 -26.51 27.84 28.67
CA THR B 66 -27.13 28.59 27.57
C THR B 66 -26.62 30.02 27.44
N LYS B 67 -26.21 30.65 28.54
CA LYS B 67 -25.51 31.94 28.59
C LYS B 67 -24.44 31.87 29.66
N ARG B 68 -23.39 32.68 29.53
CA ARG B 68 -22.22 32.67 30.43
C ARG B 68 -21.80 34.08 30.79
N PRO B 69 -21.10 34.27 31.92
CA PRO B 69 -20.52 35.56 32.26
C PRO B 69 -19.52 36.02 31.21
N SER B 70 -19.63 37.28 30.80
CA SER B 70 -18.63 38.00 30.01
C SER B 70 -18.16 39.21 30.80
N ALA B 71 -16.85 39.39 30.95
CA ALA B 71 -16.33 40.56 31.62
C ALA B 71 -16.43 41.81 30.75
N SER B 72 -16.21 42.94 31.38
CA SER B 72 -16.30 44.26 30.79
C SER B 72 -15.12 45.09 31.30
N ILE B 73 -14.78 46.16 30.62
CA ILE B 73 -13.71 47.07 31.02
C ILE B 73 -14.33 48.42 31.38
N ILE B 74 -14.02 48.89 32.58
CA ILE B 74 -14.62 50.09 33.17
C ILE B 74 -13.56 51.07 33.69
N GLY B 75 -13.83 52.37 33.60
CA GLY B 75 -12.96 53.43 34.09
C GLY B 75 -12.88 53.52 35.63
N GLU B 76 -12.17 54.53 36.15
CA GLU B 76 -12.07 54.75 37.60
C GLU B 76 -13.29 54.83 38.54
N LEU B 77 -14.38 55.52 38.17
CA LEU B 77 -15.62 55.62 38.93
C LEU B 77 -16.83 55.41 38.02
N GLN B 78 -16.63 54.66 36.93
CA GLN B 78 -17.68 54.17 36.06
C GLN B 78 -18.47 53.07 36.78
N ASN B 79 -19.77 52.96 36.52
CA ASN B 79 -20.62 51.95 37.13
C ASN B 79 -20.18 50.54 36.73
N LYS B 80 -19.97 49.66 37.72
CA LYS B 80 -19.89 48.22 37.50
C LYS B 80 -21.20 47.67 36.94
N VAL B 81 -21.15 46.61 36.16
CA VAL B 81 -22.30 46.00 35.49
C VAL B 81 -22.38 44.50 35.73
N ASP B 82 -23.58 43.97 35.86
CA ASP B 82 -23.82 42.52 35.89
C ASP B 82 -23.79 41.91 34.49
N SER B 83 -23.65 40.59 34.43
CA SER B 83 -23.57 39.80 33.21
C SER B 83 -24.58 38.64 33.22
N GLU B 84 -24.70 37.94 32.10
CA GLU B 84 -25.64 36.84 31.92
C GLU B 84 -25.14 35.51 32.51
N LEU B 85 -26.07 34.64 32.89
CA LEU B 85 -25.83 33.23 33.21
C LEU B 85 -27.17 32.50 33.13
N GLU B 86 -27.25 31.41 32.37
CA GLU B 86 -28.54 30.78 32.07
C GLU B 86 -28.43 29.30 31.76
N VAL B 87 -29.48 28.55 32.10
CA VAL B 87 -29.66 27.14 31.76
C VAL B 87 -30.85 27.00 30.82
N GLY B 88 -30.75 26.09 29.89
CA GLY B 88 -31.88 25.51 29.16
C GLY B 88 -31.85 24.01 29.36
N ALA B 89 -32.75 23.28 28.72
CA ALA B 89 -32.63 21.84 28.67
C ALA B 89 -33.15 21.30 27.34
N LYS B 90 -32.60 20.16 26.93
CA LYS B 90 -33.20 19.35 25.88
C LYS B 90 -33.83 18.15 26.56
N ASN B 91 -35.10 17.93 26.28
CA ASN B 91 -35.75 16.67 26.61
C ASN B 91 -35.83 15.77 25.38
N PHE B 92 -35.93 14.48 25.60
CA PHE B 92 -36.13 13.49 24.55
C PHE B 92 -37.12 12.43 24.98
N LYS B 93 -37.66 11.69 24.02
CA LYS B 93 -38.65 10.65 24.23
C LYS B 93 -38.17 9.28 23.80
N THR B 94 -38.66 8.25 24.47
CA THR B 94 -38.56 6.88 23.97
C THR B 94 -39.50 6.62 22.80
N ILE B 95 -39.13 5.66 21.97
CA ILE B 95 -39.99 5.00 20.99
C ILE B 95 -39.85 3.50 21.12
N LYS B 96 -40.79 2.74 20.58
CA LYS B 96 -40.82 1.27 20.68
C LYS B 96 -40.63 0.63 19.33
N ALA B 97 -39.60 -0.19 19.19
CA ALA B 97 -39.42 -1.06 18.04
C ALA B 97 -40.01 -2.43 18.34
N GLU B 98 -40.79 -2.96 17.42
CA GLU B 98 -41.40 -4.28 17.56
C GLU B 98 -41.25 -5.09 16.28
N VAL B 99 -41.01 -6.38 16.43
CA VAL B 99 -41.03 -7.33 15.32
C VAL B 99 -41.79 -8.57 15.73
N GLY B 100 -42.55 -9.15 14.81
CA GLY B 100 -43.20 -10.42 15.05
C GLY B 100 -43.46 -11.20 13.78
N LEU B 101 -43.60 -12.50 13.92
CA LEU B 101 -43.80 -13.47 12.84
C LEU B 101 -44.96 -14.38 13.20
N GLU B 102 -45.71 -14.83 12.21
CA GLU B 102 -46.87 -15.67 12.44
C GLU B 102 -46.95 -16.84 11.45
N PHE B 103 -47.16 -18.04 11.97
CA PHE B 103 -47.08 -19.30 11.25
C PHE B 103 -48.34 -20.14 11.44
N SER B 104 -48.81 -20.83 10.42
CA SER B 104 -49.87 -21.84 10.60
C SER B 104 -49.39 -23.05 11.39
N LEU B 105 -50.29 -23.79 12.01
CA LEU B 105 -50.02 -25.05 12.71
C LEU B 105 -49.25 -26.03 11.81
N GLU B 106 -49.68 -26.18 10.56
CA GLU B 106 -49.00 -27.02 9.59
C GLU B 106 -47.56 -26.57 9.35
N THR B 107 -47.28 -25.27 9.34
CA THR B 107 -45.93 -24.74 9.24
C THR B 107 -45.11 -25.08 10.47
N ILE B 108 -45.66 -24.91 11.67
CA ILE B 108 -44.98 -25.27 12.93
C ILE B 108 -44.62 -26.75 12.97
N LEU B 109 -45.53 -27.61 12.54
CA LEU B 109 -45.32 -29.06 12.55
C LEU B 109 -44.40 -29.53 11.43
N THR B 110 -44.44 -28.89 10.27
CA THR B 110 -43.53 -29.19 9.15
C THR B 110 -42.10 -28.72 9.41
N ASN B 111 -41.90 -27.49 9.89
CA ASN B 111 -40.61 -26.81 10.05
C ASN B 111 -39.71 -26.95 8.79
N PRO B 112 -40.10 -26.36 7.65
CA PRO B 112 -39.67 -26.73 6.29
C PRO B 112 -38.22 -27.14 6.07
N ALA B 113 -37.25 -26.36 6.54
CA ALA B 113 -35.83 -26.73 6.51
C ALA B 113 -35.12 -26.45 7.84
N GLY B 114 -35.84 -26.55 8.96
CA GLY B 114 -35.38 -26.04 10.26
C GLY B 114 -35.50 -24.52 10.39
N ILE B 115 -36.32 -23.89 9.55
CA ILE B 115 -36.50 -22.43 9.49
C ILE B 115 -36.95 -21.82 10.82
N LEU B 116 -37.74 -22.55 11.61
CA LEU B 116 -38.25 -22.02 12.86
C LEU B 116 -37.17 -21.97 13.93
N ASP B 117 -36.02 -22.61 13.69
CA ASP B 117 -34.90 -22.61 14.61
C ASP B 117 -34.12 -21.29 14.59
N ILE B 118 -34.25 -20.47 13.53
CA ILE B 118 -33.52 -19.20 13.39
C ILE B 118 -34.31 -17.95 13.81
N ILE B 119 -35.62 -18.04 14.07
CA ILE B 119 -36.45 -16.85 14.25
C ILE B 119 -36.04 -15.97 15.43
N GLY B 120 -35.47 -16.52 16.51
CA GLY B 120 -34.99 -15.72 17.63
C GLY B 120 -33.84 -14.79 17.26
N GLU B 121 -32.83 -15.28 16.55
CA GLU B 121 -31.73 -14.42 16.10
C GLU B 121 -32.14 -13.50 14.95
N GLU B 122 -33.00 -13.94 14.05
CA GLU B 122 -33.50 -13.09 12.97
C GLU B 122 -34.30 -11.91 13.51
N MET B 123 -35.13 -12.13 14.52
CA MET B 123 -35.89 -11.07 15.15
C MET B 123 -35.04 -10.20 16.09
N SER B 124 -34.05 -10.76 16.77
CA SER B 124 -33.08 -9.95 17.52
C SER B 124 -32.36 -8.95 16.61
N GLY B 125 -31.91 -9.40 15.44
CA GLY B 125 -31.26 -8.54 14.46
C GLY B 125 -32.21 -7.53 13.83
N ALA B 126 -33.47 -7.87 13.60
CA ALA B 126 -34.45 -6.94 13.05
C ALA B 126 -34.64 -5.72 13.95
N LEU B 127 -34.64 -5.91 15.28
CA LEU B 127 -34.72 -4.81 16.23
C LEU B 127 -33.47 -3.96 16.21
N ALA B 128 -32.29 -4.57 16.23
CA ALA B 128 -31.02 -3.85 16.15
C ALA B 128 -30.92 -3.00 14.88
N ARG B 129 -31.25 -3.54 13.71
CA ARG B 129 -31.30 -2.78 12.46
C ARG B 129 -32.26 -1.60 12.54
N GLN B 130 -33.38 -1.73 13.24
CA GLN B 130 -34.34 -0.63 13.42
C GLN B 130 -33.86 0.43 14.41
N VAL B 131 -33.04 0.10 15.41
CA VAL B 131 -32.40 1.14 16.22
C VAL B 131 -31.55 2.03 15.33
N ASP B 132 -30.64 1.47 14.53
CA ASP B 132 -29.85 2.26 13.60
C ASP B 132 -30.72 3.01 12.60
N ALA B 133 -31.73 2.40 12.01
CA ALA B 133 -32.56 3.06 11.02
C ALA B 133 -33.34 4.25 11.60
N ALA B 134 -33.72 4.21 12.86
CA ALA B 134 -34.40 5.31 13.53
C ALA B 134 -33.41 6.43 13.89
N VAL B 135 -32.34 6.10 14.60
CA VAL B 135 -31.38 7.09 15.08
C VAL B 135 -30.57 7.72 13.97
N ILE B 136 -30.16 6.97 12.94
CA ILE B 136 -29.38 7.52 11.82
C ILE B 136 -30.29 8.21 10.82
N HIS B 137 -31.33 7.55 10.33
CA HIS B 137 -32.06 7.96 9.13
C HIS B 137 -33.51 8.41 9.37
N ASN B 138 -34.03 8.29 10.58
CA ASN B 138 -35.43 8.59 10.91
C ASN B 138 -36.41 7.74 10.09
N ARG B 139 -36.14 6.46 9.85
CA ARG B 139 -37.03 5.60 9.05
C ARG B 139 -37.43 4.30 9.74
N GLN B 140 -38.61 3.83 9.38
CA GLN B 140 -39.12 2.52 9.76
C GLN B 140 -38.46 1.45 8.91
N SER B 141 -37.74 0.50 9.47
CA SER B 141 -36.94 -0.43 8.67
C SER B 141 -37.79 -1.41 7.87
N SER B 142 -38.98 -1.78 8.35
CA SER B 142 -39.94 -2.61 7.61
C SER B 142 -40.58 -1.97 6.38
N ASN B 143 -40.39 -0.66 6.17
CA ASN B 143 -41.11 0.10 5.16
C ASN B 143 -40.22 1.09 4.39
N GLY B 144 -39.10 1.52 4.98
CA GLY B 144 -38.22 2.57 4.46
C GLY B 144 -38.76 3.99 4.59
N ALA B 145 -40.03 4.19 4.93
CA ALA B 145 -40.66 5.49 5.10
C ALA B 145 -40.15 6.23 6.34
N GLN B 146 -40.23 7.57 6.33
CA GLN B 146 -39.85 8.40 7.47
C GLN B 146 -40.80 8.20 8.66
N LEU B 147 -40.27 8.20 9.87
CA LEU B 147 -41.05 8.09 11.09
C LEU B 147 -41.88 9.36 11.32
N THR B 148 -43.13 9.19 11.74
CA THR B 148 -44.02 10.30 12.14
C THR B 148 -43.80 10.72 13.59
N SER B 149 -43.03 9.93 14.36
CA SER B 149 -42.64 10.23 15.74
C SER B 149 -41.92 11.57 15.89
N GLY B 150 -41.91 12.12 17.10
CA GLY B 150 -41.26 13.41 17.38
C GLY B 150 -39.75 13.38 17.60
N THR B 151 -39.08 12.27 17.32
CA THR B 151 -37.62 12.13 17.47
C THR B 151 -36.87 12.74 16.28
N VAL B 152 -35.60 13.14 16.50
CA VAL B 152 -34.70 13.66 15.46
C VAL B 152 -33.51 12.74 15.25
N SER B 153 -33.22 12.38 14.01
CA SER B 153 -32.08 11.54 13.67
C SER B 153 -30.79 12.34 13.47
N ILE B 154 -29.64 11.66 13.50
CA ILE B 154 -28.35 12.26 13.16
C ILE B 154 -28.38 12.94 11.80
N THR B 155 -28.95 12.31 10.77
CA THR B 155 -29.01 12.90 9.42
C THR B 155 -29.96 14.08 9.30
N ALA B 156 -30.87 14.30 10.24
CA ALA B 156 -31.80 15.42 10.15
C ALA B 156 -31.08 16.71 10.58
N GLY B 157 -30.97 17.67 9.67
CA GLY B 157 -30.32 18.95 9.94
C GLY B 157 -28.80 18.92 10.13
N ALA B 158 -28.12 17.77 10.05
CA ALA B 158 -26.66 17.74 9.91
C ALA B 158 -26.23 18.23 8.51
N PRO B 159 -25.11 18.96 8.39
CA PRO B 159 -24.57 19.38 7.11
C PRO B 159 -24.01 18.21 6.29
N THR B 160 -24.10 18.32 4.98
CA THR B 160 -23.65 17.29 4.02
C THR B 160 -22.37 17.70 3.30
N VAL B 161 -21.41 16.80 3.22
CA VAL B 161 -20.26 16.88 2.29
C VAL B 161 -20.48 15.92 1.14
N GLU B 162 -20.43 16.41 -0.10
CA GLU B 162 -20.62 15.59 -1.27
C GLU B 162 -19.30 14.93 -1.72
N LEU B 163 -19.19 13.62 -1.58
CA LEU B 163 -18.11 12.79 -2.11
C LEU B 163 -18.25 12.63 -3.62
N PRO B 164 -17.18 12.80 -4.41
CA PRO B 164 -17.20 12.54 -5.84
C PRO B 164 -17.26 11.04 -6.13
N LEU B 165 -17.97 10.66 -7.19
CA LEU B 165 -18.21 9.25 -7.56
C LEU B 165 -17.31 8.73 -8.70
N THR B 166 -16.30 9.49 -9.11
CA THR B 166 -15.31 9.12 -10.14
C THR B 166 -14.43 7.96 -9.68
N ALA B 167 -14.10 7.03 -10.57
CA ALA B 167 -13.26 5.89 -10.26
C ALA B 167 -11.84 6.30 -9.85
N GLY B 168 -11.32 5.69 -8.79
CA GLY B 168 -9.96 5.93 -8.27
C GLY B 168 -9.71 7.31 -7.66
N VAL B 169 -10.73 8.14 -7.48
CA VAL B 169 -10.63 9.49 -6.91
C VAL B 169 -10.14 9.48 -5.45
N ASP B 170 -9.34 10.45 -5.06
CA ASP B 170 -8.95 10.64 -3.67
C ASP B 170 -10.05 11.36 -2.88
N ILE B 171 -10.61 10.72 -1.85
CA ILE B 171 -11.60 11.35 -0.97
C ILE B 171 -11.02 11.96 0.31
N ASP B 172 -9.72 11.85 0.54
CA ASP B 172 -9.07 12.47 1.70
C ASP B 172 -9.33 13.99 1.85
N PRO B 173 -9.36 14.82 0.78
CA PRO B 173 -9.76 16.21 0.90
C PRO B 173 -11.16 16.38 1.48
N PHE B 174 -12.09 15.50 1.11
CA PHE B 174 -13.49 15.59 1.50
C PHE B 174 -13.71 15.07 2.91
N LEU B 175 -13.05 14.00 3.32
CA LEU B 175 -13.14 13.53 4.70
C LEU B 175 -12.66 14.60 5.67
N TRP B 176 -11.59 15.32 5.33
CA TRP B 176 -11.12 16.48 6.08
C TRP B 176 -12.07 17.67 6.02
N GLU B 177 -12.68 17.97 4.88
CA GLU B 177 -13.69 19.03 4.78
C GLU B 177 -14.84 18.82 5.76
N GLY B 178 -15.28 17.59 5.96
CA GLY B 178 -16.29 17.30 6.97
C GLY B 178 -15.77 17.46 8.38
N TYR B 179 -14.57 17.01 8.70
CA TYR B 179 -13.97 17.26 10.01
C TYR B 179 -13.89 18.75 10.34
N ASN B 180 -13.53 19.59 9.37
CA ASN B 180 -13.62 21.03 9.53
C ASN B 180 -15.06 21.47 9.73
N THR B 181 -16.01 21.02 8.92
CA THR B 181 -17.42 21.38 9.06
C THR B 181 -17.96 21.16 10.47
N VAL B 182 -17.55 20.08 11.15
CA VAL B 182 -17.89 19.84 12.57
C VAL B 182 -17.09 20.72 13.52
N THR B 183 -15.76 20.71 13.44
CA THR B 183 -14.89 21.34 14.45
C THR B 183 -14.75 22.85 14.30
N GLU B 184 -15.09 23.43 13.15
CA GLU B 184 -15.15 24.87 12.95
C GLU B 184 -16.14 25.54 13.91
N ALA B 185 -17.22 24.85 14.28
CA ALA B 185 -18.18 25.35 15.25
C ALA B 185 -17.74 25.07 16.71
N ALA B 186 -17.59 26.14 17.48
CA ALA B 186 -17.60 26.12 18.95
C ALA B 186 -16.67 25.04 19.58
N GLY B 187 -17.19 24.27 20.53
CA GLY B 187 -16.47 23.24 21.28
C GLY B 187 -16.72 21.80 20.81
N ASN B 188 -17.08 21.58 19.55
CA ASN B 188 -17.29 20.23 19.00
C ASN B 188 -15.97 19.44 18.96
N ASN B 189 -15.79 18.48 19.86
CA ASN B 189 -14.63 17.58 19.84
C ASN B 189 -14.94 16.37 18.96
N PHE B 190 -14.53 16.40 17.69
CA PHE B 190 -14.70 15.28 16.77
C PHE B 190 -14.10 14.00 17.34
N SER B 191 -14.82 12.89 17.21
CA SER B 191 -14.68 11.70 18.07
C SER B 191 -14.52 10.41 17.29
N GLY B 192 -14.93 10.38 16.02
CA GLY B 192 -14.84 9.19 15.17
C GLY B 192 -15.80 9.23 14.01
N PHE B 193 -15.87 8.12 13.29
CA PHE B 193 -16.71 7.92 12.13
C PHE B 193 -17.59 6.68 12.25
N ALA B 194 -18.75 6.75 11.63
CA ALA B 194 -19.46 5.60 11.11
C ALA B 194 -19.14 5.51 9.61
N PHE B 195 -18.66 4.38 9.13
CA PHE B 195 -18.42 4.12 7.71
C PHE B 195 -19.42 3.10 7.18
N ASP B 196 -19.94 3.33 6.00
CA ASP B 196 -20.49 2.24 5.21
C ASP B 196 -19.32 1.38 4.69
N PRO B 197 -19.38 0.04 4.71
CA PRO B 197 -18.27 -0.79 4.24
C PRO B 197 -17.84 -0.49 2.80
N ARG B 198 -18.74 0.04 1.97
CA ARG B 198 -18.45 0.45 0.60
C ARG B 198 -17.48 1.62 0.50
N LEU B 199 -17.29 2.41 1.55
CA LEU B 199 -16.23 3.42 1.60
C LEU B 199 -14.84 2.79 1.57
N THR B 200 -14.64 1.59 2.11
CA THR B 200 -13.30 0.97 2.11
C THR B 200 -12.81 0.71 0.69
N TYR B 201 -13.65 0.33 -0.26
CA TYR B 201 -13.24 0.22 -1.66
C TYR B 201 -12.82 1.56 -2.26
N VAL B 202 -13.54 2.64 -1.95
CA VAL B 202 -13.21 3.98 -2.42
C VAL B 202 -11.85 4.42 -1.88
N LEU B 203 -11.54 4.14 -0.62
CA LEU B 203 -10.21 4.38 -0.06
C LEU B 203 -9.15 3.46 -0.67
N ALA B 204 -9.39 2.16 -0.70
CA ALA B 204 -8.43 1.17 -1.17
C ALA B 204 -8.03 1.35 -2.63
N THR B 205 -8.92 1.86 -3.47
CA THR B 205 -8.65 2.09 -4.89
C THR B 205 -8.33 3.54 -5.23
N ALA B 206 -8.24 4.44 -4.26
CA ALA B 206 -7.77 5.80 -4.51
C ALA B 206 -6.32 5.75 -5.00
N ARG B 207 -6.05 6.28 -6.20
CA ARG B 207 -4.71 6.25 -6.82
C ARG B 207 -4.34 7.59 -7.42
N ASP B 208 -3.06 7.92 -7.31
CA ASP B 208 -2.52 9.24 -7.63
C ASP B 208 -2.58 9.56 -9.13
N SER B 209 -2.22 10.79 -9.44
CA SER B 209 -1.88 11.31 -10.76
C SER B 209 -0.96 10.40 -11.60
N ASP B 210 -0.02 9.67 -11.00
CA ASP B 210 0.84 8.70 -11.70
C ASP B 210 0.29 7.26 -11.76
N GLY B 211 -0.87 7.00 -11.14
CA GLY B 211 -1.54 5.70 -11.12
C GLY B 211 -1.23 4.79 -9.92
N ARG B 212 -0.33 5.15 -9.00
CA ARG B 212 -0.04 4.32 -7.81
C ARG B 212 -1.02 4.57 -6.65
N ARG B 213 -1.29 3.55 -5.83
CA ARG B 213 -2.30 3.60 -4.74
C ARG B 213 -1.90 4.56 -3.63
N LEU B 214 -2.86 5.33 -3.14
CA LEU B 214 -2.71 6.29 -2.04
C LEU B 214 -2.90 5.63 -0.67
N ASN B 215 -3.62 4.51 -0.60
CA ASN B 215 -3.83 3.72 0.62
C ASN B 215 -3.42 2.25 0.37
N PRO B 216 -2.13 1.99 0.08
CA PRO B 216 -1.67 0.66 -0.34
C PRO B 216 -1.82 -0.40 0.76
N ASP B 217 -1.89 0.01 2.01
CA ASP B 217 -1.99 -0.89 3.16
C ASP B 217 -3.35 -1.58 3.30
N ILE B 218 -4.40 -1.09 2.62
CA ILE B 218 -5.72 -1.70 2.68
C ILE B 218 -5.75 -2.94 1.79
N ASN B 219 -5.88 -4.12 2.39
CA ASN B 219 -6.07 -5.38 1.70
C ASN B 219 -7.52 -5.58 1.24
N MET B 220 -7.74 -6.42 0.25
CA MET B 220 -9.08 -6.91 -0.05
C MET B 220 -9.65 -7.66 1.16
N GLY B 221 -10.92 -7.43 1.48
CA GLY B 221 -11.58 -8.08 2.61
C GLY B 221 -11.30 -7.45 3.97
N GLN B 222 -10.42 -6.47 4.08
CA GLN B 222 -10.40 -5.56 5.23
C GLN B 222 -11.56 -4.56 5.14
N THR B 223 -11.91 -3.97 6.28
CA THR B 223 -12.59 -2.67 6.36
C THR B 223 -11.76 -1.73 7.20
N VAL B 224 -11.79 -0.44 6.88
CA VAL B 224 -11.01 0.58 7.59
C VAL B 224 -11.65 0.83 8.95
N THR B 225 -10.94 0.57 10.04
CA THR B 225 -11.43 0.77 11.42
C THR B 225 -10.83 2.00 12.10
N SER B 226 -10.09 2.82 11.35
CA SER B 226 -9.45 4.05 11.83
C SER B 226 -9.10 4.92 10.63
N TYR B 227 -9.39 6.21 10.68
CA TYR B 227 -9.01 7.17 9.64
C TYR B 227 -8.38 8.41 10.25
N SER B 228 -7.22 8.83 9.77
CA SER B 228 -6.50 10.01 10.30
C SER B 228 -6.39 10.03 11.83
N GLY B 229 -6.18 8.87 12.45
CA GLY B 229 -6.10 8.71 13.90
C GLY B 229 -7.43 8.61 14.64
N GLN B 230 -8.56 8.84 13.99
CA GLN B 230 -9.89 8.78 14.57
C GLN B 230 -10.52 7.40 14.36
N PRO B 231 -11.18 6.79 15.37
CA PRO B 231 -11.84 5.50 15.20
C PRO B 231 -12.92 5.52 14.13
N ALA B 232 -13.09 4.40 13.43
CA ALA B 232 -14.21 4.18 12.54
C ALA B 232 -14.87 2.84 12.84
N ILE B 233 -16.20 2.76 12.73
CA ILE B 233 -16.97 1.53 12.85
C ILE B 233 -17.78 1.34 11.58
N ASN B 234 -17.92 0.11 11.10
CA ASN B 234 -18.47 -0.17 9.79
C ASN B 234 -19.85 -0.85 9.89
N SER B 235 -20.83 -0.37 9.13
CA SER B 235 -22.09 -1.10 8.93
C SER B 235 -22.86 -0.53 7.75
N ARG B 236 -23.51 -1.37 6.94
CA ARG B 236 -24.32 -0.91 5.82
C ARG B 236 -25.62 -0.24 6.26
N THR B 237 -25.92 -0.23 7.56
CA THR B 237 -26.93 0.66 8.13
C THR B 237 -26.61 2.13 7.89
N VAL B 238 -25.34 2.50 7.71
CA VAL B 238 -24.91 3.86 7.34
C VAL B 238 -25.44 4.26 5.98
N GLY B 239 -25.28 3.45 4.93
CA GLY B 239 -25.89 3.73 3.63
C GLY B 239 -27.40 3.59 3.62
N GLY B 240 -27.94 2.69 4.44
CA GLY B 240 -29.36 2.61 4.74
C GLY B 240 -30.18 1.75 3.79
N ASP B 241 -29.58 1.09 2.81
CA ASP B 241 -30.19 0.01 2.02
C ASP B 241 -30.17 -1.31 2.80
N VAL B 242 -30.83 -1.29 3.94
CA VAL B 242 -31.02 -2.41 4.86
C VAL B 242 -32.52 -2.54 5.08
N ASP B 243 -33.04 -3.77 5.21
CA ASP B 243 -34.47 -4.05 5.24
C ASP B 243 -35.18 -3.41 4.02
N ALA B 244 -36.31 -2.74 4.19
CA ALA B 244 -37.01 -2.09 3.09
C ALA B 244 -36.44 -0.69 2.73
N GLY B 245 -35.36 -0.26 3.37
CA GLY B 245 -34.74 1.04 3.11
C GLY B 245 -34.10 1.15 1.73
N THR B 246 -34.20 2.34 1.12
CA THR B 246 -33.45 2.71 -0.09
C THR B 246 -32.04 3.16 0.28
N ASP B 247 -31.05 2.97 -0.61
CA ASP B 247 -29.71 3.50 -0.40
C ASP B 247 -29.75 5.03 -0.43
N THR B 248 -29.36 5.67 0.66
CA THR B 248 -29.31 7.14 0.77
C THR B 248 -28.16 7.75 -0.01
N GLY B 249 -27.17 6.96 -0.42
CA GLY B 249 -25.88 7.44 -0.91
C GLY B 249 -24.93 7.88 0.20
N ILE B 250 -25.33 7.83 1.47
CA ILE B 250 -24.43 8.12 2.59
C ILE B 250 -23.37 7.03 2.66
N ARG B 251 -22.10 7.41 2.82
CA ARG B 251 -20.98 6.46 2.94
C ARG B 251 -20.13 6.68 4.18
N ALA B 252 -20.25 7.82 4.83
CA ALA B 252 -19.75 8.01 6.17
C ALA B 252 -20.59 9.02 6.93
N ILE B 253 -20.54 8.97 8.24
CA ILE B 253 -20.99 10.03 9.14
C ILE B 253 -19.85 10.27 10.11
N GLY B 254 -19.41 11.51 10.27
CA GLY B 254 -18.39 11.87 11.26
C GLY B 254 -19.01 12.75 12.32
N GLY B 255 -18.43 12.79 13.52
CA GLY B 255 -18.90 13.76 14.49
C GLY B 255 -18.30 13.66 15.86
N ASP B 256 -18.81 14.48 16.76
CA ASP B 256 -18.66 14.30 18.20
C ASP B 256 -19.74 13.35 18.71
N TRP B 257 -19.43 12.07 18.83
CA TRP B 257 -20.39 11.07 19.27
C TRP B 257 -20.81 11.18 20.72
N ASP B 258 -20.25 12.09 21.53
CA ASP B 258 -20.85 12.44 22.82
C ASP B 258 -22.02 13.41 22.67
N ALA B 259 -22.20 14.07 21.53
CA ALA B 259 -23.40 14.82 21.23
C ALA B 259 -24.62 13.91 20.98
N LEU B 260 -24.43 12.61 20.90
CA LEU B 260 -25.51 11.62 20.82
C LEU B 260 -25.51 10.80 22.10
N ARG B 261 -26.60 10.90 22.88
CA ARG B 261 -26.81 10.04 24.04
C ARG B 261 -27.90 9.04 23.73
N PHE B 262 -27.71 7.78 24.08
CA PHE B 262 -28.60 6.68 23.72
C PHE B 262 -28.79 5.72 24.90
N GLY B 263 -29.98 5.15 25.04
CA GLY B 263 -30.17 4.03 25.95
C GLY B 263 -31.45 3.25 25.70
N TYR B 264 -31.46 2.01 26.19
CA TYR B 264 -32.65 1.18 26.25
C TYR B 264 -33.42 1.45 27.54
N ALA B 265 -34.71 1.74 27.41
CA ALA B 265 -35.60 1.83 28.56
C ALA B 265 -36.04 0.45 29.03
N HIS B 266 -36.47 -0.40 28.10
CA HIS B 266 -36.97 -1.74 28.37
C HIS B 266 -36.78 -2.65 27.16
N GLN B 267 -36.65 -3.95 27.36
CA GLN B 267 -36.28 -4.89 26.31
C GLN B 267 -36.99 -6.22 26.52
N ILE B 268 -37.85 -6.61 25.59
CA ILE B 268 -38.75 -7.77 25.69
C ILE B 268 -38.21 -8.87 24.79
N GLY B 269 -37.80 -9.97 25.42
CA GLY B 269 -37.27 -11.16 24.75
C GLY B 269 -38.29 -11.87 23.88
N LEU B 270 -37.86 -12.87 23.13
CA LEU B 270 -38.73 -13.63 22.24
C LEU B 270 -39.91 -14.24 23.01
N ARG B 271 -41.13 -13.90 22.61
CA ARG B 271 -42.37 -14.35 23.25
C ARG B 271 -43.26 -15.07 22.24
N LYS B 272 -43.60 -16.34 22.51
CA LYS B 272 -44.63 -17.09 21.78
C LYS B 272 -46.01 -16.65 22.24
N ILE B 273 -46.93 -16.52 21.32
CA ILE B 273 -48.33 -16.15 21.56
C ILE B 273 -49.22 -17.15 20.85
N GLU B 274 -50.13 -17.80 21.57
CA GLU B 274 -51.07 -18.78 21.00
C GLU B 274 -52.52 -18.28 20.93
N TYR B 275 -52.84 -17.11 21.49
CA TYR B 275 -54.21 -16.65 21.68
C TYR B 275 -54.47 -15.24 21.15
N GLY B 276 -55.72 -14.94 20.81
CA GLY B 276 -56.11 -13.62 20.33
C GLY B 276 -55.62 -13.35 18.92
N ASP B 277 -55.66 -12.09 18.50
CA ASP B 277 -55.25 -11.64 17.17
C ASP B 277 -54.15 -10.59 17.28
N PRO B 278 -52.87 -10.97 17.50
CA PRO B 278 -51.82 -10.02 17.83
C PRO B 278 -51.37 -9.11 16.68
N PHE B 279 -51.67 -9.46 15.43
CA PHE B 279 -51.18 -8.72 14.25
C PHE B 279 -52.26 -8.32 13.24
N GLY B 280 -53.54 -8.53 13.55
CA GLY B 280 -54.64 -8.13 12.67
C GLY B 280 -54.93 -9.10 11.52
N ASN B 281 -54.30 -10.28 11.53
CA ASN B 281 -54.56 -11.35 10.56
C ASN B 281 -55.82 -12.16 10.88
N GLY B 282 -56.26 -12.15 12.14
CA GLY B 282 -57.37 -12.94 12.67
C GLY B 282 -56.96 -13.73 13.90
N ASP B 283 -57.90 -14.31 14.63
CA ASP B 283 -57.58 -15.01 15.86
C ASP B 283 -56.70 -16.25 15.64
N LEU B 284 -55.66 -16.41 16.44
CA LEU B 284 -54.69 -17.49 16.31
C LEU B 284 -55.27 -18.86 16.58
N GLN B 285 -56.15 -19.01 17.56
CA GLN B 285 -56.81 -20.28 17.78
C GLN B 285 -57.80 -20.54 16.65
N ARG B 286 -58.55 -19.53 16.19
CA ARG B 286 -59.50 -19.72 15.09
C ARG B 286 -58.85 -20.17 13.80
N ARG B 287 -57.68 -19.64 13.46
CA ARG B 287 -56.92 -20.00 12.25
C ARG B 287 -55.93 -21.13 12.46
N ASN B 288 -55.81 -21.65 13.68
CA ASN B 288 -54.80 -22.64 14.07
C ASN B 288 -53.40 -22.17 13.69
N ALA B 289 -52.93 -21.10 14.31
CA ALA B 289 -51.69 -20.42 14.04
C ALA B 289 -50.94 -20.10 15.34
N VAL B 290 -49.66 -19.79 15.25
CA VAL B 290 -48.82 -19.36 16.35
C VAL B 290 -48.12 -18.08 15.96
N ALA B 291 -47.98 -17.15 16.88
CA ALA B 291 -47.25 -15.91 16.69
C ALA B 291 -46.03 -15.87 17.59
N TYR B 292 -44.99 -15.22 17.12
CA TYR B 292 -43.81 -14.86 17.89
C TYR B 292 -43.63 -13.36 17.83
N LEU B 293 -43.14 -12.78 18.92
CA LEU B 293 -43.01 -11.35 19.08
C LEU B 293 -41.73 -11.03 19.84
N MET B 294 -41.12 -9.89 19.51
CA MET B 294 -39.96 -9.37 20.20
C MET B 294 -40.01 -7.84 20.16
N GLU B 295 -39.53 -7.18 21.20
CA GLU B 295 -39.71 -5.74 21.34
C GLU B 295 -38.56 -5.06 22.07
N VAL B 296 -38.34 -3.78 21.78
CA VAL B 296 -37.44 -2.94 22.56
C VAL B 296 -37.98 -1.51 22.62
N ILE B 297 -37.84 -0.88 23.77
CA ILE B 297 -38.13 0.53 23.99
C ILE B 297 -36.79 1.23 24.22
N PHE B 298 -36.51 2.26 23.43
CA PHE B 298 -35.23 2.95 23.43
C PHE B 298 -35.44 4.42 23.18
N GLY B 299 -34.48 5.24 23.57
CA GLY B 299 -34.52 6.68 23.31
C GLY B 299 -33.14 7.26 23.19
N TRP B 300 -33.05 8.38 22.49
CA TRP B 300 -31.80 9.08 22.25
C TRP B 300 -32.02 10.59 22.12
N VAL B 301 -30.96 11.36 22.31
CA VAL B 301 -30.96 12.79 22.01
C VAL B 301 -29.74 13.15 21.18
N VAL B 302 -29.96 13.94 20.13
CA VAL B 302 -28.92 14.68 19.41
C VAL B 302 -28.82 16.07 20.05
N LEU B 303 -27.79 16.29 20.85
CA LEU B 303 -27.60 17.53 21.63
C LEU B 303 -27.22 18.74 20.78
N ASP B 304 -26.64 18.53 19.59
CA ASP B 304 -26.42 19.57 18.58
C ASP B 304 -26.42 18.92 17.20
N PRO B 305 -27.31 19.29 16.27
CA PRO B 305 -27.30 18.76 14.91
C PRO B 305 -25.95 18.92 14.20
N ASN B 306 -25.22 19.99 14.53
CA ASN B 306 -23.98 20.36 13.89
C ASN B 306 -22.77 19.65 14.49
N ALA B 307 -22.95 18.83 15.51
CA ALA B 307 -21.90 17.94 16.00
C ALA B 307 -21.62 16.77 15.05
N PHE B 308 -22.42 16.60 13.99
CA PHE B 308 -22.30 15.54 13.00
C PHE B 308 -22.19 16.12 11.59
N VAL B 309 -21.51 15.42 10.71
CA VAL B 309 -21.44 15.70 9.28
C VAL B 309 -21.71 14.42 8.52
N VAL B 310 -22.46 14.52 7.43
CA VAL B 310 -22.86 13.39 6.63
C VAL B 310 -22.13 13.43 5.30
N TYR B 311 -21.43 12.37 4.93
CA TYR B 311 -20.74 12.28 3.66
C TYR B 311 -21.57 11.46 2.68
N LYS B 312 -22.06 12.10 1.61
CA LYS B 312 -22.90 11.47 0.58
C LYS B 312 -22.21 11.41 -0.76
N LEU B 313 -22.35 10.33 -1.49
CA LEU B 313 -21.99 10.29 -2.90
C LEU B 313 -22.80 11.30 -3.70
N ALA B 314 -22.19 11.93 -4.69
CA ALA B 314 -22.87 12.79 -5.65
C ALA B 314 -23.93 12.03 -6.46
N ALA B 315 -24.82 12.76 -7.14
CA ALA B 315 -25.73 12.19 -8.13
C ALA B 315 -25.01 11.73 -9.41
N GLU B 316 -25.68 10.94 -10.25
CA GLU B 316 -25.16 10.51 -11.55
C GLU B 316 -24.79 11.68 -12.48
N ALA C 2 82.97 12.61 -34.20
CA ALA C 2 81.57 12.62 -33.82
C ALA C 2 81.34 11.85 -32.51
N THR C 3 80.39 12.29 -31.69
CA THR C 3 79.96 11.56 -30.49
C THR C 3 79.45 10.12 -30.59
N LYS C 4 79.78 9.27 -29.62
CA LYS C 4 79.38 7.85 -29.61
C LYS C 4 78.00 7.67 -28.99
N SER C 5 76.96 7.78 -29.82
CA SER C 5 75.58 7.41 -29.48
C SER C 5 75.39 5.91 -29.35
N VAL C 6 74.35 5.46 -28.65
CA VAL C 6 74.01 4.04 -28.50
C VAL C 6 72.55 3.73 -28.87
N LEU C 7 71.66 4.72 -28.88
CA LEU C 7 70.27 4.50 -29.28
C LEU C 7 70.13 4.37 -30.79
N GLN C 8 69.12 3.64 -31.24
CA GLN C 8 68.84 3.41 -32.65
C GLN C 8 67.60 4.00 -33.38
N PRO C 9 67.79 4.55 -34.59
CA PRO C 9 69.08 4.84 -35.22
C PRO C 9 69.88 5.90 -34.44
N PRO C 10 71.19 6.04 -34.70
CA PRO C 10 71.99 7.11 -34.09
C PRO C 10 71.44 8.50 -34.41
N ALA C 11 71.68 9.44 -33.49
CA ALA C 11 71.27 10.84 -33.61
C ALA C 11 71.89 11.54 -34.84
N ALA C 12 71.31 12.65 -35.26
CA ALA C 12 71.69 13.35 -36.50
C ALA C 12 73.09 13.89 -36.84
N GLY C 13 74.10 13.56 -36.04
CA GLY C 13 75.50 13.95 -36.20
C GLY C 13 76.42 13.16 -35.28
N SER C 14 76.13 11.88 -35.08
CA SER C 14 76.84 10.99 -34.15
C SER C 14 77.19 9.67 -34.82
N ALA C 15 78.12 8.93 -34.23
CA ALA C 15 78.48 7.59 -34.64
C ALA C 15 77.84 6.60 -33.67
N SER C 16 77.21 5.53 -34.15
CA SER C 16 76.78 4.48 -33.24
C SER C 16 78.00 3.73 -32.69
N ILE C 17 78.09 3.56 -31.38
CA ILE C 17 79.14 2.77 -30.73
C ILE C 17 79.12 1.30 -31.18
N VAL C 18 77.99 0.83 -31.68
CA VAL C 18 77.77 -0.51 -32.26
C VAL C 18 77.48 -0.44 -33.76
N GLY C 19 77.98 0.58 -34.45
CA GLY C 19 77.67 0.84 -35.86
C GLY C 19 78.35 -0.08 -36.87
N GLY C 20 79.30 -0.91 -36.45
CA GLY C 20 80.03 -1.82 -37.32
C GLY C 20 79.32 -3.17 -37.47
N ALA C 21 79.21 -3.66 -38.71
CA ALA C 21 78.75 -5.01 -39.05
C ALA C 21 77.43 -5.41 -38.34
N GLY C 22 77.45 -6.47 -37.53
CA GLY C 22 76.30 -6.96 -36.76
C GLY C 22 76.21 -6.38 -35.35
N GLY C 23 76.80 -5.23 -35.08
CA GLY C 23 77.07 -4.75 -33.72
C GLY C 23 75.85 -4.58 -32.83
N THR C 24 74.68 -4.27 -33.39
CA THR C 24 73.43 -4.12 -32.63
C THR C 24 73.05 -5.37 -31.84
N GLN C 25 73.52 -6.56 -32.22
CA GLN C 25 73.34 -7.80 -31.46
C GLN C 25 74.01 -7.76 -30.08
N LEU C 26 74.91 -6.81 -29.83
CA LEU C 26 75.61 -6.63 -28.57
C LEU C 26 74.85 -5.76 -27.58
N LEU C 27 73.81 -5.04 -28.02
CA LEU C 27 72.99 -4.21 -27.16
C LEU C 27 72.22 -5.06 -26.15
N PRO C 28 72.10 -4.62 -24.89
CA PRO C 28 71.43 -5.39 -23.85
C PRO C 28 69.94 -5.57 -24.14
N LYS C 29 69.37 -6.66 -23.64
CA LYS C 29 67.95 -7.01 -23.74
C LYS C 29 67.41 -7.32 -22.35
N ASN C 30 66.20 -6.88 -22.10
CA ASN C 30 65.48 -7.04 -20.85
C ASN C 30 64.15 -7.70 -21.18
N ILE C 31 64.09 -9.04 -21.11
CA ILE C 31 62.88 -9.80 -21.42
C ILE C 31 62.09 -10.00 -20.14
N SER C 32 60.84 -9.58 -20.11
CA SER C 32 59.99 -9.72 -18.93
C SER C 32 59.60 -11.18 -18.70
N GLN C 33 59.72 -11.65 -17.46
CA GLN C 33 59.20 -12.96 -17.06
C GLN C 33 57.67 -13.00 -16.99
N GLU C 34 57.00 -11.85 -17.04
CA GLU C 34 55.55 -11.74 -16.94
C GLU C 34 54.99 -11.47 -18.34
N TRP C 35 54.29 -12.45 -18.89
CA TRP C 35 53.79 -12.44 -20.25
C TRP C 35 52.59 -11.54 -20.46
N TRP C 36 52.38 -11.09 -21.69
CA TRP C 36 51.07 -10.62 -22.13
C TRP C 36 50.27 -11.79 -22.68
N LYS C 37 49.55 -12.46 -21.80
CA LYS C 37 48.84 -13.72 -22.05
C LYS C 37 47.51 -13.68 -21.29
N LYS C 38 46.41 -13.42 -22.00
CA LYS C 38 45.05 -13.42 -21.44
C LYS C 38 44.63 -14.84 -21.03
N ALA C 39 43.79 -14.99 -20.00
CA ALA C 39 43.16 -16.27 -19.73
C ALA C 39 42.14 -16.63 -20.83
N THR C 40 41.89 -17.93 -21.03
CA THR C 40 40.85 -18.39 -21.97
C THR C 40 39.52 -18.65 -21.28
N GLU C 41 38.45 -18.73 -22.07
CA GLU C 41 37.10 -18.94 -21.55
C GLU C 41 36.90 -20.30 -20.87
N GLN C 42 36.16 -20.30 -19.77
CA GLN C 42 35.79 -21.51 -19.03
C GLN C 42 34.73 -22.32 -19.76
N SER C 43 34.78 -23.65 -19.62
CA SER C 43 33.66 -24.52 -19.97
C SER C 43 32.59 -24.49 -18.89
N ILE C 44 31.35 -24.19 -19.26
CA ILE C 44 30.22 -24.15 -18.33
C ILE C 44 29.30 -25.36 -18.44
N ILE C 45 29.34 -26.11 -19.53
CA ILE C 45 28.40 -27.19 -19.80
C ILE C 45 28.45 -28.35 -18.81
N PRO C 46 29.60 -28.86 -18.38
CA PRO C 46 29.65 -29.88 -17.34
C PRO C 46 29.10 -29.41 -15.99
N THR C 47 29.06 -28.10 -15.74
CA THR C 47 28.52 -27.51 -14.52
C THR C 47 27.01 -27.31 -14.60
N LEU C 48 26.50 -26.86 -15.74
CA LEU C 48 25.09 -26.66 -15.97
C LEU C 48 24.29 -27.96 -16.05
N SER C 49 24.76 -28.92 -16.83
CA SER C 49 24.03 -30.14 -17.18
C SER C 49 23.69 -31.01 -15.99
N LYS C 50 22.69 -31.88 -16.13
CA LYS C 50 22.57 -33.07 -15.28
C LYS C 50 23.65 -34.08 -15.67
N SER C 51 24.43 -34.57 -14.72
CA SER C 51 25.39 -35.64 -14.99
C SER C 51 24.67 -36.96 -15.27
N THR C 52 25.24 -37.79 -16.14
CA THR C 52 24.73 -39.13 -16.43
C THR C 52 25.90 -40.09 -16.69
N PRO C 53 25.77 -41.39 -16.41
CA PRO C 53 26.64 -42.39 -16.99
C PRO C 53 26.51 -42.37 -18.52
N VAL C 54 27.64 -42.45 -19.21
CA VAL C 54 27.72 -42.44 -20.67
C VAL C 54 28.63 -43.56 -21.12
N ILE C 55 28.25 -44.24 -22.20
CA ILE C 55 29.00 -45.32 -22.83
C ILE C 55 29.29 -44.94 -24.29
N ILE C 56 30.37 -45.45 -24.85
CA ILE C 56 30.77 -45.17 -26.22
C ILE C 56 29.72 -45.70 -27.22
N GLY C 57 29.43 -44.92 -28.25
CA GLY C 57 28.46 -45.25 -29.30
C GLY C 57 27.06 -44.69 -29.03
N ASP C 58 26.13 -44.90 -29.97
CA ASP C 58 24.75 -44.39 -29.91
C ASP C 58 23.83 -45.16 -28.94
N GLY C 59 24.42 -45.94 -28.03
CA GLY C 59 23.70 -46.85 -27.16
C GLY C 59 22.88 -46.16 -26.09
N ASN C 60 23.36 -45.04 -25.55
CA ASN C 60 22.78 -44.33 -24.40
C ASN C 60 21.35 -43.90 -24.64
N VAL C 61 20.42 -44.26 -23.75
CA VAL C 61 18.97 -44.07 -23.95
C VAL C 61 18.31 -43.46 -22.72
N VAL C 62 17.45 -42.48 -22.93
CA VAL C 62 16.54 -41.93 -21.90
C VAL C 62 15.09 -42.20 -22.31
N PRO C 63 14.27 -42.86 -21.48
CA PRO C 63 12.84 -43.02 -21.76
C PRO C 63 12.08 -41.71 -21.54
N VAL C 64 11.21 -41.36 -22.47
CA VAL C 64 10.35 -40.16 -22.43
C VAL C 64 8.89 -40.55 -22.47
N LEU C 65 8.07 -40.08 -21.54
CA LEU C 65 6.64 -40.31 -21.60
C LEU C 65 6.03 -39.44 -22.69
N THR C 66 5.40 -40.04 -23.70
CA THR C 66 5.02 -39.34 -24.94
C THR C 66 3.51 -39.23 -25.14
N LYS C 67 2.72 -40.12 -24.53
CA LYS C 67 1.28 -39.99 -24.38
C LYS C 67 0.88 -40.37 -22.97
N ARG C 68 -0.22 -39.80 -22.48
CA ARG C 68 -0.66 -39.87 -21.10
C ARG C 68 -2.18 -39.95 -21.04
N PRO C 69 -2.78 -40.67 -20.08
CA PRO C 69 -4.23 -40.78 -20.01
C PRO C 69 -4.92 -39.45 -19.69
N SER C 70 -6.11 -39.26 -20.26
CA SER C 70 -7.03 -38.17 -19.96
C SER C 70 -8.44 -38.71 -19.79
N ALA C 71 -9.17 -38.20 -18.80
CA ALA C 71 -10.49 -38.71 -18.48
C ALA C 71 -11.56 -38.13 -19.40
N SER C 72 -12.74 -38.73 -19.34
CA SER C 72 -13.90 -38.34 -20.13
C SER C 72 -15.12 -38.22 -19.23
N ILE C 73 -16.11 -37.42 -19.61
CA ILE C 73 -17.43 -37.41 -18.96
C ILE C 73 -18.35 -38.28 -19.79
N ILE C 74 -19.01 -39.24 -19.14
CA ILE C 74 -19.93 -40.16 -19.81
C ILE C 74 -21.31 -40.18 -19.15
N GLY C 75 -22.34 -40.33 -19.97
CA GLY C 75 -23.73 -40.50 -19.54
C GLY C 75 -23.97 -41.80 -18.78
N GLU C 76 -25.23 -42.09 -18.48
CA GLU C 76 -25.58 -43.17 -17.56
C GLU C 76 -25.33 -44.57 -18.14
N LEU C 77 -25.75 -44.80 -19.38
CA LEU C 77 -25.54 -46.04 -20.13
C LEU C 77 -24.80 -45.77 -21.45
N GLN C 78 -24.08 -44.66 -21.52
CA GLN C 78 -23.06 -44.41 -22.54
C GLN C 78 -21.87 -45.32 -22.24
N ASN C 79 -21.38 -46.05 -23.25
CA ASN C 79 -20.30 -47.01 -23.02
C ASN C 79 -18.95 -46.30 -22.82
N LYS C 80 -18.17 -46.77 -21.84
CA LYS C 80 -16.85 -46.24 -21.54
C LYS C 80 -15.71 -46.35 -22.57
N VAL C 81 -14.66 -45.56 -22.43
CA VAL C 81 -13.58 -45.44 -23.42
C VAL C 81 -12.21 -45.57 -22.78
N ASP C 82 -11.30 -46.27 -23.46
CA ASP C 82 -9.91 -46.33 -23.03
C ASP C 82 -9.14 -45.06 -23.44
N SER C 83 -8.18 -44.69 -22.60
CA SER C 83 -7.18 -43.70 -22.89
C SER C 83 -5.91 -44.01 -23.70
N GLU C 84 -5.14 -42.99 -24.01
CA GLU C 84 -3.74 -43.17 -24.38
C GLU C 84 -2.67 -43.30 -23.28
N LEU C 85 -1.61 -44.02 -23.59
CA LEU C 85 -0.40 -44.11 -22.76
C LEU C 85 0.72 -44.66 -23.62
N GLU C 86 1.83 -43.95 -23.73
CA GLU C 86 2.89 -44.32 -24.66
C GLU C 86 4.24 -43.84 -24.18
N VAL C 87 5.27 -44.58 -24.52
CA VAL C 87 6.66 -44.27 -24.22
C VAL C 87 7.41 -44.05 -25.53
N GLY C 88 8.26 -43.03 -25.55
CA GLY C 88 9.31 -42.86 -26.54
C GLY C 88 10.66 -43.01 -25.87
N ALA C 89 11.72 -42.89 -26.65
CA ALA C 89 13.06 -42.83 -26.12
C ALA C 89 13.89 -41.85 -26.94
N LYS C 90 14.79 -41.13 -26.28
CA LYS C 90 15.82 -40.34 -26.95
C LYS C 90 17.16 -41.00 -26.67
N ASN C 91 17.91 -41.24 -27.73
CA ASN C 91 19.24 -41.83 -27.63
C ASN C 91 20.32 -40.84 -28.08
N PHE C 92 21.51 -40.98 -27.53
CA PHE C 92 22.63 -40.11 -27.86
C PHE C 92 23.94 -40.87 -28.02
N LYS C 93 24.69 -40.48 -29.05
CA LYS C 93 26.06 -40.92 -29.27
C LYS C 93 27.07 -40.09 -28.49
N THR C 94 28.19 -40.70 -28.16
CA THR C 94 29.42 -39.98 -27.84
C THR C 94 30.07 -39.40 -29.10
N ILE C 95 30.86 -38.35 -28.93
CA ILE C 95 31.84 -37.86 -29.91
C ILE C 95 33.18 -37.65 -29.20
N LYS C 96 34.25 -37.57 -29.97
CA LYS C 96 35.62 -37.44 -29.44
C LYS C 96 36.20 -36.09 -29.82
N ALA C 97 36.64 -35.34 -28.82
CA ALA C 97 37.44 -34.14 -28.99
C ALA C 97 38.90 -34.48 -28.79
N GLU C 98 39.74 -34.00 -29.70
CA GLU C 98 41.17 -34.26 -29.72
C GLU C 98 41.94 -32.95 -29.91
N VAL C 99 43.07 -32.82 -29.21
CA VAL C 99 44.02 -31.75 -29.44
C VAL C 99 45.44 -32.30 -29.41
N GLY C 100 46.29 -31.79 -30.29
CA GLY C 100 47.70 -32.15 -30.31
C GLY C 100 48.59 -31.06 -30.86
N LEU C 101 49.86 -31.15 -30.49
CA LEU C 101 50.94 -30.23 -30.84
C LEU C 101 52.19 -31.03 -31.16
N GLU C 102 52.97 -30.60 -32.15
CA GLU C 102 54.19 -31.29 -32.57
C GLU C 102 55.35 -30.31 -32.71
N PHE C 103 56.50 -30.65 -32.14
CA PHE C 103 57.70 -29.82 -32.06
C PHE C 103 58.92 -30.55 -32.58
N SER C 104 59.78 -29.86 -33.33
CA SER C 104 61.11 -30.39 -33.65
C SER C 104 61.99 -30.53 -32.42
N LEU C 105 62.98 -31.41 -32.47
CA LEU C 105 63.96 -31.60 -31.40
C LEU C 105 64.66 -30.30 -31.02
N GLU C 106 65.10 -29.48 -31.98
CA GLU C 106 65.75 -28.23 -31.60
C GLU C 106 64.76 -27.25 -30.95
N THR C 107 63.47 -27.32 -31.26
CA THR C 107 62.46 -26.56 -30.53
C THR C 107 62.35 -27.03 -29.09
N ILE C 108 62.32 -28.34 -28.84
CA ILE C 108 62.30 -28.90 -27.49
C ILE C 108 63.54 -28.49 -26.68
N LEU C 109 64.72 -28.54 -27.29
CA LEU C 109 65.98 -28.19 -26.64
C LEU C 109 66.09 -26.68 -26.37
N THR C 110 65.61 -25.86 -27.29
CA THR C 110 65.60 -24.40 -27.14
C THR C 110 64.62 -23.94 -26.06
N ASN C 111 63.37 -24.43 -26.10
CA ASN C 111 62.23 -23.95 -25.31
C ASN C 111 62.13 -22.40 -25.35
N PRO C 112 61.70 -21.82 -26.49
CA PRO C 112 62.03 -20.45 -26.91
C PRO C 112 61.83 -19.30 -25.92
N ALA C 113 60.84 -19.37 -25.03
CA ALA C 113 60.69 -18.42 -23.93
C ALA C 113 60.23 -19.09 -22.62
N GLY C 114 60.45 -20.40 -22.48
CA GLY C 114 59.74 -21.23 -21.51
C GLY C 114 58.34 -21.66 -21.97
N ILE C 115 57.98 -21.39 -23.23
CA ILE C 115 56.65 -21.66 -23.78
C ILE C 115 56.22 -23.12 -23.64
N LEU C 116 57.13 -24.10 -23.78
CA LEU C 116 56.76 -25.50 -23.74
C LEU C 116 56.34 -25.96 -22.33
N ASP C 117 56.41 -25.08 -21.34
CA ASP C 117 55.91 -25.32 -20.00
C ASP C 117 54.39 -25.17 -19.90
N ILE C 118 53.73 -24.51 -20.86
CA ILE C 118 52.28 -24.25 -20.83
C ILE C 118 51.43 -25.31 -21.55
N ILE C 119 52.05 -26.33 -22.14
CA ILE C 119 51.41 -27.29 -23.04
C ILE C 119 50.24 -28.03 -22.39
N GLY C 120 50.42 -28.55 -21.18
CA GLY C 120 49.38 -29.31 -20.51
C GLY C 120 48.14 -28.49 -20.20
N GLU C 121 48.28 -27.28 -19.67
CA GLU C 121 47.15 -26.43 -19.37
C GLU C 121 46.48 -25.89 -20.64
N GLU C 122 47.24 -25.48 -21.66
CA GLU C 122 46.65 -24.96 -22.89
C GLU C 122 45.87 -26.03 -23.65
N MET C 123 46.34 -27.28 -23.65
CA MET C 123 45.61 -28.37 -24.27
C MET C 123 44.41 -28.84 -23.44
N SER C 124 44.51 -28.86 -22.11
CA SER C 124 43.35 -29.11 -21.24
C SER C 124 42.23 -28.10 -21.49
N GLY C 125 42.57 -26.81 -21.56
CA GLY C 125 41.61 -25.77 -21.89
C GLY C 125 41.04 -25.91 -23.29
N ALA C 126 41.82 -26.32 -24.27
CA ALA C 126 41.34 -26.50 -25.64
C ALA C 126 40.25 -27.56 -25.73
N LEU C 127 40.38 -28.66 -24.99
CA LEU C 127 39.34 -29.69 -24.91
C LEU C 127 38.07 -29.14 -24.27
N ALA C 128 38.18 -28.49 -23.12
CA ALA C 128 37.05 -27.89 -22.42
C ALA C 128 36.29 -26.88 -23.30
N ARG C 129 36.98 -26.01 -24.03
CA ARG C 129 36.35 -25.10 -24.98
C ARG C 129 35.61 -25.82 -26.09
N GLN C 130 36.10 -26.96 -26.56
CA GLN C 130 35.43 -27.75 -27.59
C GLN C 130 34.21 -28.49 -27.04
N VAL C 131 34.20 -28.91 -25.78
CA VAL C 131 32.98 -29.44 -25.14
C VAL C 131 31.85 -28.41 -25.21
N ASP C 132 32.08 -27.18 -24.77
CA ASP C 132 31.10 -26.12 -24.93
C ASP C 132 30.76 -25.81 -26.39
N ALA C 133 31.73 -25.70 -27.29
CA ALA C 133 31.46 -25.36 -28.67
C ALA C 133 30.59 -26.41 -29.37
N ALA C 134 30.73 -27.68 -29.02
CA ALA C 134 29.91 -28.76 -29.54
C ALA C 134 28.51 -28.72 -28.93
N VAL C 135 28.40 -28.76 -27.60
CA VAL C 135 27.12 -28.85 -26.90
C VAL C 135 26.27 -27.61 -27.09
N ILE C 136 26.84 -26.40 -27.07
CA ILE C 136 26.10 -25.16 -27.26
C ILE C 136 25.85 -24.91 -28.75
N HIS C 137 26.89 -24.82 -29.57
CA HIS C 137 26.80 -24.26 -30.92
C HIS C 137 26.88 -25.25 -32.07
N ASN C 138 27.11 -26.54 -31.80
CA ASN C 138 27.40 -27.54 -32.82
C ASN C 138 28.64 -27.17 -33.65
N ARG C 139 29.69 -26.60 -33.06
CA ARG C 139 30.87 -26.11 -33.79
C ARG C 139 32.16 -26.82 -33.42
N GLN C 140 33.02 -27.00 -34.41
CA GLN C 140 34.39 -27.43 -34.21
C GLN C 140 35.25 -26.24 -33.78
N SER C 141 35.87 -26.26 -32.61
CA SER C 141 36.50 -25.06 -32.08
C SER C 141 37.76 -24.65 -32.86
N SER C 142 38.53 -25.58 -33.42
CA SER C 142 39.67 -25.29 -34.31
C SER C 142 39.33 -24.62 -35.64
N ASN C 143 38.06 -24.60 -36.05
CA ASN C 143 37.66 -24.23 -37.40
C ASN C 143 36.47 -23.25 -37.44
N GLY C 144 35.61 -23.25 -36.43
CA GLY C 144 34.37 -22.48 -36.39
C GLY C 144 33.28 -23.01 -37.33
N ALA C 145 33.50 -24.14 -38.00
CA ALA C 145 32.52 -24.78 -38.87
C ALA C 145 31.54 -25.65 -38.07
N GLN C 146 30.35 -25.88 -38.61
CA GLN C 146 29.37 -26.78 -38.02
C GLN C 146 29.86 -28.24 -38.07
N LEU C 147 29.64 -28.98 -36.99
CA LEU C 147 29.92 -30.41 -36.92
C LEU C 147 28.96 -31.19 -37.83
N THR C 148 29.48 -32.21 -38.52
CA THR C 148 28.68 -33.13 -39.36
C THR C 148 28.26 -34.39 -38.58
N SER C 149 28.70 -34.53 -37.33
CA SER C 149 28.21 -35.56 -36.39
C SER C 149 26.69 -35.53 -36.23
N GLY C 150 26.10 -36.64 -35.79
CA GLY C 150 24.65 -36.76 -35.59
C GLY C 150 24.11 -36.18 -34.29
N THR C 151 24.93 -35.47 -33.51
CA THR C 151 24.53 -34.83 -32.25
C THR C 151 23.76 -33.52 -32.47
N VAL C 152 22.95 -33.14 -31.50
CA VAL C 152 22.17 -31.89 -31.53
C VAL C 152 22.61 -30.95 -30.42
N SER C 153 22.90 -29.69 -30.75
CA SER C 153 23.29 -28.69 -29.76
C SER C 153 22.11 -27.97 -29.15
N ILE C 154 22.31 -27.30 -28.02
CA ILE C 154 21.28 -26.51 -27.36
C ILE C 154 20.71 -25.44 -28.29
N THR C 155 21.52 -24.75 -29.08
CA THR C 155 21.01 -23.69 -29.97
C THR C 155 20.32 -24.23 -31.22
N ALA C 156 20.37 -25.53 -31.51
CA ALA C 156 19.63 -26.11 -32.63
C ALA C 156 18.16 -26.31 -32.22
N GLY C 157 17.24 -25.63 -32.90
CA GLY C 157 15.81 -25.76 -32.68
C GLY C 157 15.26 -25.15 -31.39
N ALA C 158 16.09 -24.60 -30.50
CA ALA C 158 15.60 -23.76 -29.41
C ALA C 158 14.99 -22.45 -29.95
N PRO C 159 13.90 -21.94 -29.38
CA PRO C 159 13.33 -20.64 -29.73
C PRO C 159 14.31 -19.49 -29.44
N THR C 160 14.30 -18.47 -30.28
CA THR C 160 15.13 -17.27 -30.12
C THR C 160 14.31 -16.07 -29.67
N VAL C 161 14.76 -15.38 -28.63
CA VAL C 161 14.28 -14.06 -28.22
C VAL C 161 15.31 -13.02 -28.67
N GLU C 162 14.91 -12.12 -29.54
CA GLU C 162 15.81 -11.08 -30.06
C GLU C 162 15.96 -9.92 -29.08
N LEU C 163 17.13 -9.78 -28.46
CA LEU C 163 17.47 -8.64 -27.61
C LEU C 163 17.74 -7.38 -28.46
N PRO C 164 17.15 -6.22 -28.14
CA PRO C 164 17.47 -4.97 -28.81
C PRO C 164 18.88 -4.49 -28.47
N LEU C 165 19.55 -3.84 -29.41
CA LEU C 165 20.94 -3.38 -29.25
C LEU C 165 21.10 -1.88 -28.94
N THR C 166 19.99 -1.15 -28.75
CA THR C 166 19.98 0.28 -28.39
C THR C 166 20.53 0.53 -26.99
N ALA C 167 21.04 1.73 -26.75
CA ALA C 167 21.72 2.08 -25.50
C ALA C 167 20.74 2.19 -24.31
N GLY C 168 21.11 1.61 -23.17
CA GLY C 168 20.42 1.78 -21.88
C GLY C 168 19.03 1.16 -21.75
N VAL C 169 18.55 0.45 -22.79
CA VAL C 169 17.26 -0.23 -22.81
C VAL C 169 17.18 -1.36 -21.78
N ASP C 170 16.04 -1.55 -21.14
CA ASP C 170 15.85 -2.67 -20.22
C ASP C 170 15.60 -3.98 -20.98
N ILE C 171 16.44 -4.99 -20.75
CA ILE C 171 16.23 -6.32 -21.32
C ILE C 171 15.36 -7.24 -20.45
N ASP C 172 14.98 -6.87 -19.22
CA ASP C 172 14.05 -7.68 -18.42
C ASP C 172 12.77 -8.10 -19.14
N PRO C 173 12.02 -7.24 -19.84
CA PRO C 173 10.87 -7.69 -20.62
C PRO C 173 11.20 -8.82 -21.60
N PHE C 174 12.41 -8.85 -22.15
CA PHE C 174 12.87 -9.91 -23.03
C PHE C 174 13.35 -11.14 -22.26
N LEU C 175 14.11 -10.97 -21.19
CA LEU C 175 14.52 -12.10 -20.35
C LEU C 175 13.32 -12.84 -19.79
N TRP C 176 12.28 -12.14 -19.35
CA TRP C 176 11.01 -12.70 -18.94
C TRP C 176 10.23 -13.32 -20.10
N GLU C 177 10.23 -12.75 -21.30
CA GLU C 177 9.61 -13.37 -22.46
C GLU C 177 10.17 -14.76 -22.75
N GLY C 178 11.49 -14.93 -22.61
CA GLY C 178 12.09 -16.24 -22.80
C GLY C 178 11.72 -17.22 -21.70
N TYR C 179 11.76 -16.83 -20.43
CA TYR C 179 11.30 -17.66 -19.33
C TYR C 179 9.84 -18.11 -19.52
N ASN C 180 8.99 -17.21 -19.99
CA ASN C 180 7.60 -17.53 -20.30
C ASN C 180 7.53 -18.54 -21.45
N THR C 181 8.34 -18.38 -22.48
CA THR C 181 8.39 -19.32 -23.61
C THR C 181 8.78 -20.73 -23.15
N VAL C 182 9.77 -20.88 -22.29
CA VAL C 182 10.15 -22.18 -21.74
C VAL C 182 9.05 -22.76 -20.85
N THR C 183 8.57 -21.99 -19.88
CA THR C 183 7.67 -22.53 -18.87
C THR C 183 6.24 -22.71 -19.35
N GLU C 184 5.75 -21.88 -20.26
CA GLU C 184 4.36 -21.91 -20.71
C GLU C 184 4.23 -22.52 -22.10
N ALA C 185 4.84 -21.93 -23.12
CA ALA C 185 4.73 -22.43 -24.49
C ALA C 185 5.32 -23.84 -24.69
N ALA C 186 6.16 -24.30 -23.75
CA ALA C 186 6.73 -25.65 -23.75
C ALA C 186 6.50 -26.46 -22.46
N GLY C 187 6.04 -25.85 -21.36
CA GLY C 187 5.63 -26.58 -20.16
C GLY C 187 6.76 -27.15 -19.29
N ASN C 188 8.00 -26.84 -19.59
CA ASN C 188 9.14 -27.30 -18.79
C ASN C 188 9.31 -26.50 -17.48
N ASN C 189 10.17 -26.96 -16.58
CA ASN C 189 10.70 -26.10 -15.52
C ASN C 189 11.65 -25.05 -16.09
N PHE C 190 12.21 -24.19 -15.23
CA PHE C 190 13.34 -23.34 -15.54
C PHE C 190 14.28 -23.37 -14.35
N SER C 191 15.58 -23.53 -14.56
CA SER C 191 16.52 -23.75 -13.45
C SER C 191 17.75 -22.86 -13.48
N GLY C 192 17.94 -22.06 -14.53
CA GLY C 192 19.00 -21.06 -14.55
C GLY C 192 19.31 -20.53 -15.94
N PHE C 193 20.34 -19.70 -15.98
CA PHE C 193 20.90 -19.14 -17.20
C PHE C 193 22.37 -19.50 -17.40
N ALA C 194 22.75 -19.60 -18.65
CA ALA C 194 24.10 -19.35 -19.10
C ALA C 194 24.14 -17.92 -19.66
N PHE C 195 25.03 -17.08 -19.14
CA PHE C 195 25.20 -15.70 -19.59
C PHE C 195 26.54 -15.52 -20.27
N ASP C 196 26.57 -14.73 -21.33
CA ASP C 196 27.82 -14.14 -21.77
C ASP C 196 28.18 -12.97 -20.84
N PRO C 197 29.44 -12.78 -20.41
CA PRO C 197 29.85 -11.66 -19.58
C PRO C 197 29.43 -10.29 -20.14
N ARG C 198 29.35 -10.14 -21.45
CA ARG C 198 28.90 -8.91 -22.13
C ARG C 198 27.44 -8.55 -21.84
N LEU C 199 26.61 -9.48 -21.38
CA LEU C 199 25.26 -9.18 -20.92
C LEU C 199 25.25 -8.33 -19.66
N THR C 200 26.23 -8.47 -18.76
CA THR C 200 26.20 -7.73 -17.48
C THR C 200 26.20 -6.22 -17.68
N TYR C 201 26.89 -5.69 -18.69
CA TYR C 201 26.78 -4.27 -19.03
C TYR C 201 25.35 -3.88 -19.44
N VAL C 202 24.68 -4.70 -20.25
CA VAL C 202 23.32 -4.41 -20.73
C VAL C 202 22.34 -4.41 -19.56
N LEU C 203 22.55 -5.26 -18.56
CA LEU C 203 21.81 -5.21 -17.30
C LEU C 203 22.17 -3.97 -16.49
N ALA C 204 23.45 -3.75 -16.20
CA ALA C 204 23.91 -2.67 -15.33
C ALA C 204 23.54 -1.27 -15.84
N THR C 205 23.45 -1.09 -17.15
CA THR C 205 23.04 0.17 -17.77
C THR C 205 21.58 0.27 -18.14
N ALA C 206 20.75 -0.72 -17.83
CA ALA C 206 19.31 -0.56 -18.01
C ALA C 206 18.80 0.61 -17.17
N ARG C 207 18.03 1.53 -17.74
CA ARG C 207 17.55 2.72 -17.02
C ARG C 207 16.15 3.18 -17.43
N ASP C 208 15.49 3.85 -16.50
CA ASP C 208 14.13 4.42 -16.65
C ASP C 208 14.03 5.33 -17.88
N SER C 209 12.81 5.69 -18.27
CA SER C 209 12.59 6.87 -19.13
C SER C 209 13.05 8.19 -18.49
N ASP C 210 13.19 8.24 -17.16
CA ASP C 210 13.87 9.34 -16.44
C ASP C 210 15.41 9.26 -16.44
N GLY C 211 16.00 8.15 -16.88
CA GLY C 211 17.44 7.95 -16.95
C GLY C 211 18.09 7.35 -15.71
N ARG C 212 17.39 7.13 -14.59
CA ARG C 212 17.98 6.47 -13.42
C ARG C 212 18.11 4.96 -13.63
N ARG C 213 19.16 4.34 -13.11
CA ARG C 213 19.44 2.89 -13.32
C ARG C 213 18.37 2.01 -12.71
N LEU C 214 17.90 1.02 -13.46
CA LEU C 214 16.96 -0.01 -13.01
C LEU C 214 17.67 -1.10 -12.19
N ASN C 215 18.95 -1.37 -12.43
CA ASN C 215 19.76 -2.36 -11.72
C ASN C 215 20.95 -1.69 -10.99
N PRO C 216 20.71 -0.81 -10.02
CA PRO C 216 21.76 0.02 -9.42
C PRO C 216 22.76 -0.77 -8.56
N ASP C 217 22.43 -1.99 -8.14
CA ASP C 217 23.29 -2.80 -7.27
C ASP C 217 24.49 -3.42 -7.99
N ILE C 218 24.48 -3.51 -9.33
CA ILE C 218 25.60 -4.04 -10.10
C ILE C 218 26.73 -3.02 -10.13
N ASN C 219 27.86 -3.33 -9.51
CA ASN C 219 29.06 -2.51 -9.60
C ASN C 219 29.80 -2.73 -10.91
N MET C 220 30.55 -1.74 -11.32
CA MET C 220 31.36 -1.77 -12.54
C MET C 220 32.51 -2.75 -12.35
N GLY C 221 32.68 -3.72 -13.25
CA GLY C 221 33.62 -4.82 -13.11
C GLY C 221 33.08 -6.10 -12.47
N GLN C 222 31.82 -6.14 -12.02
CA GLN C 222 31.15 -7.39 -11.65
C GLN C 222 30.58 -8.11 -12.87
N THR C 223 30.37 -9.41 -12.74
CA THR C 223 29.44 -10.19 -13.60
C THR C 223 28.39 -10.82 -12.71
N VAL C 224 27.14 -10.86 -13.17
CA VAL C 224 26.02 -11.34 -12.36
C VAL C 224 25.99 -12.86 -12.27
N THR C 225 25.97 -13.40 -11.06
CA THR C 225 25.92 -14.85 -10.78
C THR C 225 24.50 -15.36 -10.50
N SER C 226 23.52 -14.47 -10.52
CA SER C 226 22.09 -14.78 -10.48
C SER C 226 21.31 -13.64 -11.09
N TYR C 227 20.09 -13.91 -11.51
CA TYR C 227 19.19 -12.94 -12.10
C TYR C 227 17.76 -13.36 -11.83
N SER C 228 16.93 -12.46 -11.29
CA SER C 228 15.53 -12.74 -10.98
C SER C 228 15.34 -14.00 -10.11
N GLY C 229 16.25 -14.21 -9.15
CA GLY C 229 16.29 -15.37 -8.26
C GLY C 229 16.84 -16.66 -8.88
N GLN C 230 16.90 -16.78 -10.21
CA GLN C 230 17.52 -17.90 -10.90
C GLN C 230 19.05 -17.77 -10.91
N PRO C 231 19.82 -18.85 -10.77
CA PRO C 231 21.27 -18.79 -10.86
C PRO C 231 21.71 -18.51 -12.31
N ALA C 232 22.89 -17.92 -12.45
CA ALA C 232 23.53 -17.68 -13.74
C ALA C 232 25.01 -18.04 -13.67
N ILE C 233 25.55 -18.53 -14.77
CA ILE C 233 26.97 -18.87 -14.90
C ILE C 233 27.50 -18.22 -16.17
N ASN C 234 28.71 -17.67 -16.12
CA ASN C 234 29.20 -16.76 -17.13
C ASN C 234 30.34 -17.38 -17.96
N SER C 235 30.29 -17.30 -19.28
CA SER C 235 31.44 -17.57 -20.15
C SER C 235 31.24 -17.01 -21.54
N ARG C 236 32.29 -16.54 -22.22
CA ARG C 236 32.16 -16.09 -23.62
C ARG C 236 32.05 -17.26 -24.59
N THR C 237 32.11 -18.51 -24.11
CA THR C 237 31.62 -19.66 -24.89
C THR C 237 30.14 -19.50 -25.25
N VAL C 238 29.35 -18.76 -24.48
CA VAL C 238 27.94 -18.48 -24.78
C VAL C 238 27.82 -17.64 -26.06
N GLY C 239 28.53 -16.52 -26.20
CA GLY C 239 28.56 -15.78 -27.46
C GLY C 239 29.32 -16.50 -28.57
N GLY C 240 30.29 -17.32 -28.20
CA GLY C 240 30.89 -18.31 -29.08
C GLY C 240 32.06 -17.79 -29.93
N ASP C 241 32.46 -16.53 -29.79
CA ASP C 241 33.71 -16.01 -30.33
C ASP C 241 34.92 -16.47 -29.50
N VAL C 242 35.12 -17.78 -29.46
CA VAL C 242 36.20 -18.48 -28.78
C VAL C 242 36.87 -19.38 -29.81
N ASP C 243 38.20 -19.56 -29.71
CA ASP C 243 39.01 -20.26 -30.71
C ASP C 243 38.73 -19.67 -32.11
N ALA C 244 38.46 -20.50 -33.12
CA ALA C 244 38.16 -20.03 -34.47
C ALA C 244 36.68 -19.65 -34.71
N GLY C 245 35.81 -19.76 -33.70
CA GLY C 245 34.39 -19.41 -33.81
C GLY C 245 34.16 -17.92 -33.97
N THR C 246 33.17 -17.54 -34.78
CA THR C 246 32.65 -16.17 -34.84
C THR C 246 31.73 -15.87 -33.66
N ASP C 247 31.48 -14.58 -33.38
CA ASP C 247 30.44 -14.19 -32.44
C ASP C 247 29.07 -14.50 -33.04
N THR C 248 28.29 -15.33 -32.38
CA THR C 248 26.93 -15.66 -32.78
C THR C 248 25.93 -14.54 -32.48
N GLY C 249 26.28 -13.59 -31.62
CA GLY C 249 25.36 -12.59 -31.08
C GLY C 249 24.51 -13.10 -29.92
N ILE C 250 24.64 -14.37 -29.54
CA ILE C 250 23.97 -14.93 -28.38
C ILE C 250 24.57 -14.29 -27.14
N ARG C 251 23.75 -13.86 -26.19
CA ARG C 251 24.22 -13.28 -24.92
C ARG C 251 23.66 -13.95 -23.69
N ALA C 252 22.61 -14.74 -23.84
CA ALA C 252 22.15 -15.64 -22.79
C ALA C 252 21.50 -16.87 -23.37
N ILE C 253 21.47 -17.95 -22.60
CA ILE C 253 20.63 -19.11 -22.83
C ILE C 253 19.94 -19.40 -21.50
N GLY C 254 18.63 -19.55 -21.50
CA GLY C 254 17.85 -19.92 -20.31
C GLY C 254 17.16 -21.25 -20.52
N GLY C 255 16.88 -21.99 -19.46
CA GLY C 255 16.14 -23.24 -19.56
C GLY C 255 16.09 -23.99 -18.24
N ASP C 256 15.61 -25.23 -18.22
CA ASP C 256 16.00 -26.15 -17.16
C ASP C 256 17.10 -27.08 -17.63
N TRP C 257 18.24 -26.95 -16.98
CA TRP C 257 19.45 -27.63 -17.41
C TRP C 257 19.41 -29.13 -17.10
N ASP C 258 18.40 -29.61 -16.38
CA ASP C 258 18.10 -31.03 -16.29
C ASP C 258 17.59 -31.63 -17.61
N ALA C 259 17.08 -30.81 -18.54
CA ALA C 259 16.77 -31.26 -19.89
C ALA C 259 18.02 -31.52 -20.72
N LEU C 260 19.21 -31.14 -20.25
CA LEU C 260 20.49 -31.45 -20.83
C LEU C 260 21.19 -32.44 -19.92
N ARG C 261 21.39 -33.67 -20.40
CA ARG C 261 22.20 -34.65 -19.69
C ARG C 261 23.54 -34.76 -20.38
N PHE C 262 24.63 -34.77 -19.64
CA PHE C 262 26.00 -34.76 -20.14
C PHE C 262 26.86 -35.73 -19.37
N GLY C 263 27.83 -36.37 -20.02
CA GLY C 263 28.88 -37.09 -19.31
C GLY C 263 30.10 -37.40 -20.16
N TYR C 264 31.22 -37.62 -19.50
CA TYR C 264 32.45 -38.13 -20.09
C TYR C 264 32.43 -39.65 -20.14
N ALA C 265 32.58 -40.23 -21.33
CA ALA C 265 32.78 -41.66 -21.48
C ALA C 265 34.21 -42.07 -21.15
N HIS C 266 35.21 -41.34 -21.67
CA HIS C 266 36.62 -41.63 -21.45
C HIS C 266 37.48 -40.36 -21.58
N GLN C 267 38.60 -40.26 -20.88
CA GLN C 267 39.54 -39.13 -20.99
C GLN C 267 40.98 -39.62 -21.15
N ILE C 268 41.70 -39.04 -22.11
CA ILE C 268 43.12 -39.27 -22.33
C ILE C 268 43.88 -38.06 -21.80
N GLY C 269 44.72 -38.26 -20.79
CA GLY C 269 45.59 -37.23 -20.25
C GLY C 269 46.67 -36.78 -21.23
N LEU C 270 47.55 -35.87 -20.82
CA LEU C 270 48.65 -35.43 -21.67
C LEU C 270 49.59 -36.61 -21.96
N ARG C 271 49.65 -37.02 -23.22
CA ARG C 271 50.49 -38.14 -23.68
C ARG C 271 51.57 -37.63 -24.63
N LYS C 272 52.84 -37.85 -24.30
CA LYS C 272 53.97 -37.65 -25.22
C LYS C 272 54.05 -38.82 -26.18
N ILE C 273 54.21 -38.55 -27.46
CA ILE C 273 54.33 -39.51 -28.54
C ILE C 273 55.67 -39.29 -29.22
N GLU C 274 56.49 -40.34 -29.32
CA GLU C 274 57.85 -40.24 -29.87
C GLU C 274 58.04 -41.04 -31.16
N TYR C 275 57.07 -41.83 -31.59
CA TYR C 275 57.19 -42.76 -32.71
C TYR C 275 56.03 -42.66 -33.69
N GLY C 276 56.25 -43.00 -34.96
CA GLY C 276 55.22 -42.99 -35.97
C GLY C 276 54.84 -41.58 -36.42
N ASP C 277 53.74 -41.45 -37.13
CA ASP C 277 53.27 -40.20 -37.72
C ASP C 277 51.85 -39.86 -37.21
N PRO C 278 51.70 -39.34 -35.98
CA PRO C 278 50.41 -39.16 -35.33
C PRO C 278 49.52 -38.08 -35.94
N PHE C 279 50.05 -37.12 -36.71
CA PHE C 279 49.28 -35.99 -37.26
C PHE C 279 49.43 -35.78 -38.76
N GLY C 280 50.07 -36.70 -39.48
CA GLY C 280 50.23 -36.61 -40.94
C GLY C 280 51.33 -35.68 -41.40
N ASN C 281 52.20 -35.24 -40.50
CA ASN C 281 53.35 -34.40 -40.80
C ASN C 281 54.54 -35.21 -41.32
N GLY C 282 54.59 -36.50 -41.03
CA GLY C 282 55.70 -37.41 -41.30
C GLY C 282 56.22 -38.02 -40.00
N ASP C 283 56.99 -39.09 -40.11
CA ASP C 283 57.41 -39.86 -38.93
C ASP C 283 58.25 -39.04 -37.95
N LEU C 284 57.91 -39.09 -36.67
CA LEU C 284 58.60 -38.33 -35.64
C LEU C 284 60.07 -38.69 -35.48
N GLN C 285 60.46 -39.92 -35.74
CA GLN C 285 61.87 -40.30 -35.71
C GLN C 285 62.61 -39.88 -36.97
N ARG C 286 62.00 -39.91 -38.17
CA ARG C 286 62.64 -39.35 -39.37
C ARG C 286 62.89 -37.86 -39.26
N ARG C 287 61.91 -37.14 -38.73
CA ARG C 287 61.94 -35.68 -38.65
C ARG C 287 62.62 -35.16 -37.39
N ASN C 288 63.01 -36.04 -36.47
CA ASN C 288 63.53 -35.68 -35.15
C ASN C 288 62.58 -34.70 -34.45
N ALA C 289 61.39 -35.17 -34.12
CA ALA C 289 60.29 -34.40 -33.57
C ALA C 289 59.64 -35.14 -32.41
N VAL C 290 58.82 -34.44 -31.65
CA VAL C 290 58.00 -35.00 -30.57
C VAL C 290 56.59 -34.48 -30.74
N ALA C 291 55.59 -35.32 -30.46
CA ALA C 291 54.19 -34.93 -30.45
C ALA C 291 53.61 -35.05 -29.05
N TYR C 292 52.62 -34.22 -28.76
CA TYR C 292 51.81 -34.29 -27.55
C TYR C 292 50.34 -34.38 -27.95
N LEU C 293 49.55 -35.10 -27.16
CA LEU C 293 48.15 -35.39 -27.43
C LEU C 293 47.33 -35.29 -26.15
N MET C 294 46.09 -34.83 -26.27
CA MET C 294 45.02 -35.06 -25.30
C MET C 294 43.70 -35.32 -26.02
N GLU C 295 42.83 -36.11 -25.41
CA GLU C 295 41.50 -36.37 -25.94
C GLU C 295 40.47 -36.51 -24.85
N VAL C 296 39.22 -36.29 -25.20
CA VAL C 296 38.09 -36.67 -24.38
C VAL C 296 36.99 -37.23 -25.27
N ILE C 297 36.34 -38.29 -24.81
CA ILE C 297 35.15 -38.87 -25.41
C ILE C 297 33.99 -38.50 -24.48
N PHE C 298 32.98 -37.84 -25.00
CA PHE C 298 31.89 -37.29 -24.21
C PHE C 298 30.59 -37.37 -24.99
N GLY C 299 29.47 -37.34 -24.30
CA GLY C 299 28.16 -37.37 -24.94
C GLY C 299 27.14 -36.61 -24.12
N TRP C 300 26.11 -36.14 -24.80
CA TRP C 300 25.02 -35.40 -24.20
C TRP C 300 23.72 -35.61 -24.97
N VAL C 301 22.60 -35.38 -24.30
CA VAL C 301 21.28 -35.33 -24.93
C VAL C 301 20.56 -34.05 -24.51
N VAL C 302 19.97 -33.38 -25.48
CA VAL C 302 18.94 -32.36 -25.27
C VAL C 302 17.58 -33.07 -25.32
N LEU C 303 16.95 -33.28 -24.18
CA LEU C 303 15.73 -34.08 -24.06
C LEU C 303 14.49 -33.39 -24.63
N ASP C 304 14.51 -32.08 -24.75
CA ASP C 304 13.45 -31.29 -25.37
C ASP C 304 14.08 -30.01 -25.94
N PRO C 305 14.01 -29.74 -27.25
CA PRO C 305 14.55 -28.51 -27.83
C PRO C 305 13.99 -27.25 -27.18
N ASN C 306 12.77 -27.32 -26.67
CA ASN C 306 12.01 -26.20 -26.14
C ASN C 306 12.21 -25.98 -24.64
N ALA C 307 12.95 -26.87 -23.98
CA ALA C 307 13.39 -26.66 -22.60
C ALA C 307 14.44 -25.56 -22.46
N PHE C 308 14.93 -25.04 -23.58
CA PHE C 308 15.91 -23.97 -23.68
C PHE C 308 15.38 -22.83 -24.52
N VAL C 309 15.83 -21.62 -24.24
CA VAL C 309 15.57 -20.41 -25.01
C VAL C 309 16.88 -19.66 -25.18
N VAL C 310 17.09 -19.13 -26.37
CA VAL C 310 18.32 -18.43 -26.76
C VAL C 310 18.01 -16.94 -26.84
N TYR C 311 18.75 -16.12 -26.12
CA TYR C 311 18.63 -14.67 -26.19
C TYR C 311 19.77 -14.11 -27.04
N LYS C 312 19.42 -13.48 -28.16
CA LYS C 312 20.37 -13.15 -29.23
C LYS C 312 20.20 -11.69 -29.65
N LEU C 313 21.27 -10.94 -29.79
CA LEU C 313 21.21 -9.54 -30.20
C LEU C 313 20.65 -9.39 -31.60
N ALA C 314 19.86 -8.35 -31.84
CA ALA C 314 19.36 -8.01 -33.16
C ALA C 314 20.51 -7.72 -34.15
N ALA C 315 20.26 -7.88 -35.45
CA ALA C 315 21.20 -7.44 -36.47
C ALA C 315 21.28 -5.91 -36.53
N GLU C 316 22.49 -5.36 -36.61
CA GLU C 316 22.72 -3.92 -36.69
C GLU C 316 22.33 -3.33 -38.04
N ALA D 2 52.76 72.27 9.35
CA ALA D 2 53.96 72.38 10.16
C ALA D 2 54.13 71.22 11.14
N THR D 3 53.05 70.53 11.50
CA THR D 3 53.07 69.27 12.25
C THR D 3 53.58 68.11 11.39
N LYS D 4 54.20 67.09 11.99
CA LYS D 4 54.95 66.05 11.27
C LYS D 4 54.12 64.83 10.95
N SER D 5 53.83 64.61 9.67
CA SER D 5 53.25 63.38 9.14
C SER D 5 54.32 62.34 8.80
N VAL D 6 53.92 61.11 8.48
CA VAL D 6 54.83 60.05 8.03
C VAL D 6 54.26 59.20 6.89
N LEU D 7 52.94 59.15 6.69
CA LEU D 7 52.31 58.45 5.55
C LEU D 7 52.46 59.25 4.25
N GLN D 8 52.37 58.56 3.11
CA GLN D 8 52.36 59.20 1.78
C GLN D 8 51.16 59.14 0.81
N PRO D 9 50.93 60.24 0.08
CA PRO D 9 51.55 61.54 0.26
C PRO D 9 51.30 62.12 1.67
N PRO D 10 52.10 63.09 2.14
CA PRO D 10 51.85 63.73 3.43
C PRO D 10 50.50 64.44 3.47
N ALA D 11 49.85 64.40 4.63
CA ALA D 11 48.55 65.05 4.87
C ALA D 11 48.60 66.55 4.56
N ALA D 12 47.53 67.11 4.02
CA ALA D 12 47.57 68.36 3.26
C ALA D 12 48.13 69.58 4.01
N GLY D 13 47.92 69.67 5.33
CA GLY D 13 48.39 70.78 6.16
C GLY D 13 49.75 70.57 6.82
N SER D 14 50.49 69.52 6.47
CA SER D 14 51.57 68.98 7.30
C SER D 14 52.91 68.94 6.56
N ALA D 15 53.98 68.82 7.32
CA ALA D 15 55.22 68.36 6.76
C ALA D 15 55.69 66.91 7.01
N SER D 16 56.21 66.25 6.00
CA SER D 16 56.66 64.87 6.18
C SER D 16 57.90 64.82 7.07
N ILE D 17 57.91 64.02 8.12
CA ILE D 17 59.17 63.68 8.80
C ILE D 17 60.30 63.02 8.00
N VAL D 18 60.01 62.55 6.78
CA VAL D 18 60.95 61.98 5.81
C VAL D 18 60.89 62.75 4.50
N GLY D 19 60.57 64.05 4.56
CA GLY D 19 60.39 64.92 3.40
C GLY D 19 61.67 65.44 2.77
N GLY D 20 62.81 65.31 3.45
CA GLY D 20 64.11 65.52 2.81
C GLY D 20 64.39 64.47 1.74
N ALA D 21 65.15 64.83 0.70
CA ALA D 21 65.38 63.92 -0.42
C ALA D 21 65.79 62.43 -0.21
N GLY D 22 65.02 61.57 -0.86
CA GLY D 22 65.09 60.12 -0.71
C GLY D 22 64.71 59.60 0.67
N GLY D 23 64.12 60.41 1.55
CA GLY D 23 63.86 60.04 2.95
C GLY D 23 62.88 58.90 3.12
N THR D 24 61.98 58.68 2.16
CA THR D 24 61.04 57.56 2.14
C THR D 24 61.71 56.19 2.12
N GLN D 25 62.95 56.09 1.64
CA GLN D 25 63.77 54.88 1.75
C GLN D 25 64.09 54.50 3.19
N LEU D 26 63.95 55.42 4.13
CA LEU D 26 63.93 55.13 5.57
C LEU D 26 62.73 54.48 6.26
N LEU D 27 61.58 54.38 5.59
CA LEU D 27 60.37 53.83 6.17
C LEU D 27 60.47 52.32 6.30
N PRO D 28 60.01 51.73 7.41
CA PRO D 28 60.14 50.30 7.66
C PRO D 28 59.35 49.48 6.64
N LYS D 29 59.83 48.27 6.35
CA LYS D 29 59.09 47.22 5.67
C LYS D 29 58.99 45.99 6.55
N ASN D 30 57.90 45.27 6.36
CA ASN D 30 57.56 44.04 7.04
C ASN D 30 57.26 43.02 5.96
N ILE D 31 58.24 42.20 5.59
CA ILE D 31 58.09 41.19 4.54
C ILE D 31 57.76 39.87 5.21
N SER D 32 56.63 39.28 4.87
CA SER D 32 56.17 38.03 5.46
C SER D 32 57.03 36.83 5.05
N GLN D 33 57.38 35.98 6.01
CA GLN D 33 58.01 34.69 5.71
C GLN D 33 57.03 33.66 5.12
N GLU D 34 55.73 33.94 5.10
CA GLU D 34 54.71 33.03 4.62
C GLU D 34 54.23 33.47 3.24
N TRP D 35 54.46 32.62 2.24
CA TRP D 35 54.23 32.93 0.84
C TRP D 35 52.80 32.75 0.38
N TRP D 36 52.42 33.47 -0.68
CA TRP D 36 51.31 33.09 -1.52
C TRP D 36 51.80 32.23 -2.69
N LYS D 37 51.74 30.91 -2.53
CA LYS D 37 52.13 29.93 -3.54
C LYS D 37 51.14 28.78 -3.57
N LYS D 38 50.76 28.37 -4.78
CA LYS D 38 49.89 27.21 -5.02
C LYS D 38 50.64 25.91 -4.78
N ALA D 39 49.93 24.82 -4.51
CA ALA D 39 50.46 23.48 -4.77
C ALA D 39 50.48 23.20 -6.28
N THR D 40 51.41 22.37 -6.75
CA THR D 40 51.44 21.88 -8.13
C THR D 40 50.77 20.50 -8.25
N GLU D 41 50.36 20.14 -9.46
CA GLU D 41 49.67 18.87 -9.72
C GLU D 41 50.57 17.65 -9.50
N GLN D 42 50.02 16.61 -8.86
CA GLN D 42 50.71 15.35 -8.65
C GLN D 42 50.82 14.54 -9.94
N SER D 43 51.93 13.81 -10.10
CA SER D 43 52.03 12.73 -11.05
C SER D 43 51.23 11.51 -10.58
N ILE D 44 50.46 10.89 -11.47
CA ILE D 44 49.66 9.69 -11.15
C ILE D 44 50.11 8.44 -11.90
N ILE D 45 50.85 8.56 -12.99
CA ILE D 45 51.24 7.41 -13.83
C ILE D 45 52.06 6.35 -13.09
N PRO D 46 53.07 6.67 -12.28
CA PRO D 46 53.80 5.68 -11.50
C PRO D 46 52.93 4.94 -10.47
N THR D 47 51.78 5.49 -10.09
CA THR D 47 50.83 4.88 -9.16
C THR D 47 49.85 3.96 -9.90
N LEU D 48 49.31 4.41 -11.03
CA LEU D 48 48.34 3.65 -11.82
C LEU D 48 48.95 2.43 -12.51
N SER D 49 50.07 2.64 -13.18
CA SER D 49 50.75 1.64 -14.01
C SER D 49 51.26 0.44 -13.22
N LYS D 50 51.47 -0.66 -13.94
CA LYS D 50 52.19 -1.83 -13.45
C LYS D 50 53.69 -1.56 -13.44
N SER D 51 54.34 -1.80 -12.32
CA SER D 51 55.78 -1.63 -12.20
C SER D 51 56.54 -2.67 -13.03
N THR D 52 57.60 -2.27 -13.72
CA THR D 52 58.50 -3.16 -14.45
C THR D 52 59.95 -2.70 -14.36
N PRO D 53 60.94 -3.62 -14.38
CA PRO D 53 62.32 -3.25 -14.65
C PRO D 53 62.45 -2.67 -16.05
N VAL D 54 63.25 -1.61 -16.21
CA VAL D 54 63.51 -0.94 -17.48
C VAL D 54 65.00 -0.71 -17.64
N ILE D 55 65.51 -0.85 -18.86
CA ILE D 55 66.86 -0.55 -19.29
C ILE D 55 66.82 0.52 -20.38
N ILE D 56 67.90 1.28 -20.52
CA ILE D 56 67.97 2.34 -21.52
C ILE D 56 67.91 1.75 -22.94
N GLY D 57 67.14 2.39 -23.83
CA GLY D 57 66.97 1.99 -25.23
C GLY D 57 65.78 1.07 -25.49
N ASP D 58 65.57 0.67 -26.73
CA ASP D 58 64.43 -0.13 -27.19
C ASP D 58 64.52 -1.63 -26.87
N GLY D 59 65.42 -2.04 -25.98
CA GLY D 59 65.71 -3.42 -25.63
C GLY D 59 64.86 -3.98 -24.49
N ASN D 60 63.79 -3.29 -24.08
CA ASN D 60 62.83 -3.81 -23.12
C ASN D 60 61.76 -4.58 -23.87
N VAL D 61 61.51 -5.83 -23.49
CA VAL D 61 60.72 -6.78 -24.27
C VAL D 61 59.72 -7.51 -23.38
N VAL D 62 58.47 -7.59 -23.82
CA VAL D 62 57.41 -8.37 -23.19
C VAL D 62 57.03 -9.51 -24.13
N PRO D 63 57.07 -10.79 -23.71
CA PRO D 63 56.62 -11.90 -24.53
C PRO D 63 55.09 -11.98 -24.60
N VAL D 64 54.55 -12.21 -25.80
CA VAL D 64 53.12 -12.20 -26.12
C VAL D 64 52.69 -13.56 -26.64
N LEU D 65 51.76 -14.26 -25.98
CA LEU D 65 51.20 -15.49 -26.55
C LEU D 65 50.27 -15.14 -27.71
N THR D 66 50.58 -15.64 -28.90
CA THR D 66 50.04 -15.12 -30.16
C THR D 66 49.09 -16.10 -30.86
N LYS D 67 49.27 -17.41 -30.65
CA LYS D 67 48.34 -18.47 -31.05
C LYS D 67 48.31 -19.53 -29.98
N ARG D 68 47.19 -20.24 -29.86
CA ARG D 68 46.96 -21.26 -28.83
C ARG D 68 46.37 -22.52 -29.46
N PRO D 69 46.55 -23.70 -28.85
CA PRO D 69 45.88 -24.90 -29.30
C PRO D 69 44.36 -24.76 -29.24
N SER D 70 43.69 -25.32 -30.24
CA SER D 70 42.24 -25.45 -30.34
C SER D 70 41.92 -26.91 -30.65
N ALA D 71 40.98 -27.51 -29.94
CA ALA D 71 40.64 -28.91 -30.18
C ALA D 71 39.76 -29.08 -31.41
N SER D 72 39.58 -30.32 -31.81
CA SER D 72 38.87 -30.71 -33.02
C SER D 72 38.01 -31.94 -32.73
N ILE D 73 36.97 -32.21 -33.52
CA ILE D 73 36.10 -33.38 -33.35
C ILE D 73 36.41 -34.43 -34.41
N ILE D 74 36.60 -35.68 -34.00
CA ILE D 74 37.01 -36.77 -34.89
C ILE D 74 36.22 -38.07 -34.69
N GLY D 75 36.02 -38.82 -35.76
CA GLY D 75 35.36 -40.14 -35.77
C GLY D 75 36.18 -41.26 -35.14
N GLU D 76 35.78 -42.52 -35.34
CA GLU D 76 36.43 -43.67 -34.69
C GLU D 76 37.84 -43.93 -35.22
N LEU D 77 38.00 -43.94 -36.54
CA LEU D 77 39.25 -44.22 -37.24
C LEU D 77 39.61 -43.09 -38.21
N GLN D 78 39.10 -41.88 -37.95
CA GLN D 78 39.49 -40.65 -38.63
C GLN D 78 40.86 -40.17 -38.12
N ASN D 79 41.62 -39.50 -38.98
CA ASN D 79 42.96 -39.02 -38.63
C ASN D 79 42.94 -37.94 -37.52
N LYS D 80 43.69 -38.15 -36.45
CA LYS D 80 43.99 -37.12 -35.45
C LYS D 80 44.78 -35.96 -36.10
N VAL D 81 44.69 -34.74 -35.60
CA VAL D 81 45.31 -33.57 -36.26
C VAL D 81 45.85 -32.55 -35.26
N ASP D 82 46.99 -31.93 -35.57
CA ASP D 82 47.65 -30.96 -34.71
C ASP D 82 47.08 -29.54 -34.85
N SER D 83 47.43 -28.68 -33.90
CA SER D 83 46.94 -27.31 -33.77
C SER D 83 48.08 -26.29 -33.67
N GLU D 84 47.74 -25.01 -33.60
CA GLU D 84 48.68 -23.89 -33.55
C GLU D 84 49.18 -23.59 -32.13
N LEU D 85 50.41 -23.10 -32.01
CA LEU D 85 50.98 -22.49 -30.81
C LEU D 85 52.10 -21.54 -31.26
N GLU D 86 52.07 -20.28 -30.85
CA GLU D 86 52.97 -19.26 -31.39
C GLU D 86 53.15 -18.11 -30.41
N VAL D 87 54.28 -17.42 -30.49
CA VAL D 87 54.57 -16.23 -29.70
C VAL D 87 55.08 -15.09 -30.56
N GLY D 88 54.96 -13.90 -30.02
CA GLY D 88 55.62 -12.70 -30.48
C GLY D 88 56.17 -11.97 -29.27
N ALA D 89 56.60 -10.74 -29.48
CA ALA D 89 56.97 -9.87 -28.40
C ALA D 89 56.66 -8.43 -28.74
N LYS D 90 56.39 -7.63 -27.72
CA LYS D 90 56.31 -6.18 -27.80
C LYS D 90 57.56 -5.63 -27.17
N ASN D 91 58.20 -4.66 -27.80
CA ASN D 91 59.36 -4.00 -27.22
C ASN D 91 59.13 -2.49 -27.10
N PHE D 92 59.75 -1.86 -26.12
CA PHE D 92 59.57 -0.44 -25.82
C PHE D 92 60.87 0.27 -25.47
N LYS D 93 60.98 1.52 -25.92
CA LYS D 93 62.09 2.43 -25.66
C LYS D 93 61.87 3.28 -24.43
N THR D 94 62.97 3.66 -23.78
CA THR D 94 62.99 4.77 -22.85
C THR D 94 63.01 6.12 -23.56
N ILE D 95 62.59 7.17 -22.86
CA ILE D 95 62.89 8.57 -23.18
C ILE D 95 63.43 9.25 -21.93
N LYS D 96 63.92 10.48 -22.07
CA LYS D 96 64.55 11.25 -21.00
C LYS D 96 63.86 12.59 -20.81
N ALA D 97 63.46 12.88 -19.58
CA ALA D 97 62.97 14.19 -19.19
C ALA D 97 64.05 14.93 -18.43
N GLU D 98 64.20 16.22 -18.68
CA GLU D 98 65.16 17.05 -17.97
C GLU D 98 64.59 18.44 -17.70
N VAL D 99 65.05 19.05 -16.61
CA VAL D 99 64.73 20.41 -16.23
C VAL D 99 65.98 21.08 -15.70
N GLY D 100 66.15 22.36 -16.01
CA GLY D 100 67.26 23.13 -15.45
C GLY D 100 66.96 24.62 -15.34
N LEU D 101 67.71 25.27 -14.47
CA LEU D 101 67.58 26.68 -14.14
C LEU D 101 68.98 27.31 -14.13
N GLU D 102 69.10 28.54 -14.59
CA GLU D 102 70.37 29.27 -14.61
C GLU D 102 70.22 30.63 -13.95
N PHE D 103 71.13 30.97 -13.05
CA PHE D 103 71.10 32.18 -12.23
C PHE D 103 72.40 32.94 -12.32
N SER D 104 72.38 34.27 -12.39
CA SER D 104 73.60 35.06 -12.21
C SER D 104 74.18 34.89 -10.81
N LEU D 105 75.48 35.14 -10.67
CA LEU D 105 76.16 35.15 -9.38
C LEU D 105 75.49 36.11 -8.39
N GLU D 106 75.11 37.30 -8.83
CA GLU D 106 74.39 38.25 -7.98
C GLU D 106 73.06 37.69 -7.50
N THR D 107 72.34 36.93 -8.33
CA THR D 107 71.10 36.26 -7.92
C THR D 107 71.37 35.23 -6.85
N ILE D 108 72.40 34.40 -7.00
CA ILE D 108 72.79 33.41 -5.99
C ILE D 108 73.19 34.07 -4.67
N LEU D 109 73.96 35.16 -4.72
CA LEU D 109 74.41 35.89 -3.54
C LEU D 109 73.26 36.63 -2.84
N THR D 110 72.32 37.18 -3.61
CA THR D 110 71.15 37.87 -3.08
C THR D 110 70.15 36.91 -2.46
N ASN D 111 69.80 35.82 -3.15
CA ASN D 111 68.70 34.90 -2.84
C ASN D 111 67.39 35.64 -2.49
N PRO D 112 66.71 36.27 -3.48
CA PRO D 112 65.82 37.43 -3.30
C PRO D 112 64.81 37.40 -2.14
N ALA D 113 64.12 36.28 -1.92
CA ALA D 113 63.28 36.07 -0.74
C ALA D 113 63.47 34.69 -0.10
N GLY D 114 64.63 34.05 -0.31
CA GLY D 114 64.85 32.63 -0.02
C GLY D 114 64.39 31.70 -1.15
N ILE D 115 64.04 32.23 -2.31
CA ILE D 115 63.52 31.47 -3.46
C ILE D 115 64.49 30.39 -3.96
N LEU D 116 65.81 30.59 -3.91
CA LEU D 116 66.75 29.55 -4.34
C LEU D 116 66.66 28.30 -3.46
N ASP D 117 66.07 28.40 -2.27
CA ASP D 117 65.88 27.27 -1.37
C ASP D 117 64.82 26.27 -1.88
N ILE D 118 63.94 26.67 -2.81
CA ILE D 118 62.86 25.80 -3.30
C ILE D 118 63.26 24.93 -4.48
N ILE D 119 64.32 25.27 -5.21
CA ILE D 119 64.52 24.77 -6.58
C ILE D 119 64.70 23.26 -6.68
N GLY D 120 65.15 22.58 -5.63
CA GLY D 120 65.26 21.13 -5.61
C GLY D 120 63.89 20.48 -5.81
N GLU D 121 62.99 20.62 -4.82
CA GLU D 121 61.65 20.02 -4.90
C GLU D 121 60.81 20.61 -6.03
N GLU D 122 61.07 21.85 -6.40
CA GLU D 122 60.36 22.50 -7.49
C GLU D 122 60.74 21.92 -8.86
N MET D 123 62.00 21.51 -9.04
CA MET D 123 62.44 20.76 -10.22
C MET D 123 62.05 19.28 -10.17
N SER D 124 62.08 18.62 -9.01
CA SER D 124 61.56 17.24 -8.89
C SER D 124 60.12 17.15 -9.36
N GLY D 125 59.26 18.09 -8.93
CA GLY D 125 57.89 18.18 -9.40
C GLY D 125 57.80 18.39 -10.90
N ALA D 126 58.63 19.25 -11.48
CA ALA D 126 58.61 19.51 -12.92
C ALA D 126 58.85 18.24 -13.74
N LEU D 127 59.77 17.38 -13.31
CA LEU D 127 60.02 16.09 -13.94
C LEU D 127 58.83 15.17 -13.82
N ALA D 128 58.29 15.01 -12.62
CA ALA D 128 57.13 14.16 -12.38
C ALA D 128 55.93 14.54 -13.26
N ARG D 129 55.62 15.83 -13.42
CA ARG D 129 54.55 16.27 -14.31
C ARG D 129 54.84 15.98 -15.78
N GLN D 130 56.10 15.99 -16.20
CA GLN D 130 56.49 15.61 -17.55
C GLN D 130 56.43 14.10 -17.79
N VAL D 131 56.63 13.26 -16.78
CA VAL D 131 56.33 11.83 -16.89
C VAL D 131 54.85 11.65 -17.25
N ASP D 132 53.92 12.22 -16.49
CA ASP D 132 52.51 12.18 -16.83
C ASP D 132 52.21 12.77 -18.20
N ALA D 133 52.75 13.93 -18.54
CA ALA D 133 52.45 14.56 -19.83
C ALA D 133 52.91 13.72 -21.02
N ALA D 134 54.01 12.98 -20.88
CA ALA D 134 54.50 12.10 -21.93
C ALA D 134 53.62 10.87 -22.06
N VAL D 135 53.48 10.12 -20.97
CA VAL D 135 52.73 8.86 -20.95
C VAL D 135 51.25 9.06 -21.25
N ILE D 136 50.58 10.06 -20.68
CA ILE D 136 49.15 10.29 -20.92
C ILE D 136 48.93 10.94 -22.27
N HIS D 137 49.56 12.08 -22.54
CA HIS D 137 49.18 12.98 -23.64
C HIS D 137 50.12 13.01 -24.82
N ASN D 138 51.31 12.40 -24.73
CA ASN D 138 52.38 12.57 -25.70
C ASN D 138 52.86 14.01 -25.81
N ARG D 139 52.99 14.76 -24.69
CA ARG D 139 53.33 16.19 -24.73
C ARG D 139 54.59 16.55 -23.98
N GLN D 140 55.29 17.55 -24.50
CA GLN D 140 56.41 18.22 -23.85
C GLN D 140 55.86 19.29 -22.90
N SER D 141 56.00 19.17 -21.59
CA SER D 141 55.26 20.01 -20.67
C SER D 141 55.74 21.47 -20.66
N SER D 142 57.01 21.73 -20.96
CA SER D 142 57.56 23.08 -21.15
C SER D 142 56.96 23.88 -22.31
N ASN D 143 56.21 23.24 -23.18
CA ASN D 143 55.88 23.78 -24.50
C ASN D 143 54.43 23.48 -24.92
N GLY D 144 53.84 22.41 -24.40
CA GLY D 144 52.54 21.89 -24.82
C GLY D 144 52.52 21.26 -26.22
N ALA D 145 53.67 21.12 -26.87
CA ALA D 145 53.80 20.48 -28.17
C ALA D 145 53.78 18.95 -28.07
N GLN D 146 53.37 18.29 -29.14
CA GLN D 146 53.48 16.84 -29.29
C GLN D 146 54.93 16.38 -29.30
N LEU D 147 55.23 15.29 -28.61
CA LEU D 147 56.54 14.64 -28.70
C LEU D 147 56.74 14.04 -30.09
N THR D 148 57.95 14.17 -30.62
CA THR D 148 58.35 13.56 -31.89
C THR D 148 59.13 12.25 -31.68
N SER D 149 59.25 11.79 -30.44
CA SER D 149 59.78 10.48 -30.07
C SER D 149 58.94 9.33 -30.64
N GLY D 150 59.45 8.11 -30.59
CA GLY D 150 58.74 6.94 -31.11
C GLY D 150 57.72 6.30 -30.18
N THR D 151 57.57 6.81 -28.95
CA THR D 151 56.66 6.30 -27.92
C THR D 151 55.19 6.51 -28.25
N VAL D 152 54.31 5.69 -27.68
CA VAL D 152 52.84 5.85 -27.78
C VAL D 152 52.24 6.20 -26.42
N SER D 153 51.45 7.26 -26.36
CA SER D 153 50.73 7.62 -25.13
C SER D 153 49.44 6.82 -24.95
N ILE D 154 48.92 6.77 -23.74
CA ILE D 154 47.59 6.20 -23.46
C ILE D 154 46.52 6.84 -24.34
N THR D 155 46.55 8.15 -24.55
CA THR D 155 45.54 8.84 -25.38
C THR D 155 45.68 8.58 -26.87
N ALA D 156 46.83 8.12 -27.36
CA ALA D 156 47.00 7.80 -28.77
C ALA D 156 46.34 6.44 -29.07
N GLY D 157 45.35 6.44 -29.96
CA GLY D 157 44.67 5.23 -30.40
C GLY D 157 43.71 4.59 -29.38
N ALA D 158 43.60 5.12 -28.15
CA ALA D 158 42.50 4.79 -27.26
C ALA D 158 41.18 5.37 -27.80
N PRO D 159 40.05 4.64 -27.72
CA PRO D 159 38.74 5.13 -28.10
C PRO D 159 38.28 6.28 -27.17
N THR D 160 37.50 7.21 -27.73
CA THR D 160 36.97 8.37 -27.03
C THR D 160 35.46 8.26 -26.80
N VAL D 161 35.02 8.46 -25.56
CA VAL D 161 33.62 8.67 -25.20
C VAL D 161 33.43 10.17 -24.96
N GLU D 162 32.54 10.80 -25.71
CA GLU D 162 32.29 12.23 -25.61
C GLU D 162 31.33 12.57 -24.45
N LEU D 163 31.82 13.20 -23.40
CA LEU D 163 31.00 13.72 -22.31
C LEU D 163 30.27 15.01 -22.75
N PRO D 164 28.95 15.14 -22.56
CA PRO D 164 28.23 16.36 -22.89
C PRO D 164 28.60 17.49 -21.94
N LEU D 165 28.79 18.70 -22.47
CA LEU D 165 29.25 19.86 -21.69
C LEU D 165 28.11 20.65 -21.00
N THR D 166 26.86 20.25 -21.21
CA THR D 166 25.65 20.89 -20.67
C THR D 166 25.63 20.93 -19.14
N ALA D 167 25.18 22.04 -18.55
CA ALA D 167 25.13 22.20 -17.10
C ALA D 167 24.15 21.22 -16.44
N GLY D 168 24.58 20.58 -15.36
CA GLY D 168 23.79 19.65 -14.56
C GLY D 168 23.47 18.30 -15.21
N VAL D 169 24.05 17.98 -16.37
CA VAL D 169 23.83 16.72 -17.09
C VAL D 169 24.31 15.49 -16.31
N ASP D 170 23.65 14.35 -16.49
CA ASP D 170 24.10 13.07 -15.92
C ASP D 170 25.14 12.39 -16.82
N ILE D 171 26.37 12.23 -16.33
CA ILE D 171 27.43 11.53 -17.06
C ILE D 171 27.52 10.03 -16.76
N ASP D 172 26.70 9.49 -15.86
CA ASP D 172 26.67 8.06 -15.55
C ASP D 172 26.47 7.14 -16.78
N PRO D 173 25.58 7.44 -17.75
CA PRO D 173 25.47 6.66 -18.97
C PRO D 173 26.80 6.55 -19.73
N PHE D 174 27.55 7.65 -19.76
CA PHE D 174 28.79 7.77 -20.51
C PHE D 174 29.94 7.09 -19.77
N LEU D 175 30.05 7.24 -18.46
CA LEU D 175 31.07 6.54 -17.69
C LEU D 175 30.95 5.02 -17.85
N TRP D 176 29.72 4.49 -17.88
CA TRP D 176 29.49 3.08 -18.20
C TRP D 176 29.76 2.74 -19.66
N GLU D 177 29.43 3.58 -20.63
CA GLU D 177 29.71 3.33 -22.04
C GLU D 177 31.20 3.08 -22.29
N GLY D 178 32.07 3.82 -21.61
CA GLY D 178 33.50 3.61 -21.72
C GLY D 178 33.96 2.33 -21.07
N TYR D 179 33.43 1.97 -19.90
CA TYR D 179 33.71 0.68 -19.28
C TYR D 179 33.36 -0.49 -20.20
N ASN D 180 32.24 -0.42 -20.91
CA ASN D 180 31.93 -1.39 -21.94
C ASN D 180 32.97 -1.34 -23.06
N THR D 181 33.32 -0.16 -23.55
CA THR D 181 34.28 -0.01 -24.65
C THR D 181 35.62 -0.68 -24.34
N VAL D 182 36.09 -0.65 -23.08
CA VAL D 182 37.25 -1.41 -22.64
C VAL D 182 36.96 -2.89 -22.54
N THR D 183 35.95 -3.30 -21.77
CA THR D 183 35.75 -4.71 -21.39
C THR D 183 35.01 -5.57 -22.42
N GLU D 184 34.39 -4.98 -23.44
CA GLU D 184 33.75 -5.74 -24.50
C GLU D 184 34.77 -6.48 -25.37
N ALA D 185 35.99 -5.96 -25.50
CA ALA D 185 37.13 -6.70 -26.04
C ALA D 185 37.64 -7.73 -25.01
N ALA D 186 37.81 -8.98 -25.43
CA ALA D 186 38.07 -10.09 -24.51
C ALA D 186 39.36 -9.92 -23.71
N GLY D 187 39.34 -10.36 -22.45
CA GLY D 187 40.51 -10.42 -21.58
C GLY D 187 40.88 -9.11 -20.88
N ASN D 188 40.40 -7.95 -21.33
CA ASN D 188 40.59 -6.69 -20.61
C ASN D 188 39.84 -6.73 -19.28
N ASN D 189 40.54 -6.50 -18.18
CA ASN D 189 39.87 -6.08 -16.95
C ASN D 189 39.44 -4.62 -17.07
N PHE D 190 38.88 -4.10 -16.00
CA PHE D 190 38.88 -2.69 -15.70
C PHE D 190 39.31 -2.57 -14.25
N SER D 191 40.22 -1.67 -13.94
CA SER D 191 40.84 -1.63 -12.61
C SER D 191 40.91 -0.23 -12.02
N GLY D 192 40.37 0.76 -12.69
CA GLY D 192 40.20 2.09 -12.12
C GLY D 192 40.09 3.18 -13.16
N PHE D 193 40.03 4.39 -12.64
CA PHE D 193 40.05 5.61 -13.41
C PHE D 193 41.20 6.52 -13.01
N ALA D 194 41.70 7.28 -13.97
CA ALA D 194 42.32 8.55 -13.73
C ALA D 194 41.23 9.61 -13.91
N PHE D 195 40.94 10.42 -12.91
CA PHE D 195 40.00 11.53 -12.99
C PHE D 195 40.73 12.87 -12.99
N ASP D 196 40.32 13.78 -13.87
CA ASP D 196 40.60 15.18 -13.63
C ASP D 196 39.71 15.65 -12.49
N PRO D 197 40.20 16.39 -11.48
CA PRO D 197 39.36 16.83 -10.37
C PRO D 197 38.18 17.71 -10.78
N ARG D 198 38.18 18.28 -11.98
CA ARG D 198 37.02 18.96 -12.57
C ARG D 198 35.85 18.05 -12.89
N LEU D 199 36.05 16.74 -13.02
CA LEU D 199 34.96 15.78 -13.14
C LEU D 199 34.10 15.76 -11.86
N THR D 200 34.67 16.00 -10.68
CA THR D 200 33.90 15.99 -9.44
C THR D 200 32.83 17.06 -9.45
N TYR D 201 33.05 18.23 -10.03
CA TYR D 201 32.01 19.24 -10.17
C TYR D 201 30.89 18.79 -11.11
N VAL D 202 31.21 18.14 -12.23
CA VAL D 202 30.21 17.60 -13.15
C VAL D 202 29.34 16.56 -12.46
N LEU D 203 29.93 15.67 -11.66
CA LEU D 203 29.17 14.72 -10.86
C LEU D 203 28.35 15.42 -9.76
N ALA D 204 28.98 16.25 -8.95
CA ALA D 204 28.35 16.90 -7.80
C ALA D 204 27.18 17.80 -8.20
N THR D 205 27.20 18.39 -9.39
CA THR D 205 26.12 19.23 -9.88
C THR D 205 25.15 18.53 -10.82
N ALA D 206 25.27 17.23 -11.04
CA ALA D 206 24.34 16.46 -11.88
C ALA D 206 22.95 16.39 -11.26
N ARG D 207 21.90 16.61 -12.05
CA ARG D 207 20.51 16.73 -11.60
C ARG D 207 19.51 15.88 -12.39
N ASP D 208 18.51 15.37 -11.70
CA ASP D 208 17.27 14.82 -12.26
C ASP D 208 16.53 15.84 -13.13
N SER D 209 15.58 15.37 -13.94
CA SER D 209 14.73 16.24 -14.76
C SER D 209 13.86 17.19 -13.92
N ASP D 210 13.53 16.80 -12.69
CA ASP D 210 12.84 17.66 -11.71
C ASP D 210 13.78 18.63 -10.96
N GLY D 211 15.10 18.50 -11.10
CA GLY D 211 16.11 19.39 -10.52
C GLY D 211 16.79 18.90 -9.24
N ARG D 212 16.45 17.75 -8.67
CA ARG D 212 17.19 17.23 -7.49
C ARG D 212 18.55 16.64 -7.88
N ARG D 213 19.55 16.69 -6.98
CA ARG D 213 20.91 16.19 -7.26
C ARG D 213 20.94 14.68 -7.36
N LEU D 214 21.69 14.16 -8.34
CA LEU D 214 21.93 12.72 -8.52
C LEU D 214 23.02 12.16 -7.60
N ASN D 215 23.98 12.98 -7.20
CA ASN D 215 25.06 12.61 -6.28
C ASN D 215 25.06 13.53 -5.05
N PRO D 216 24.00 13.53 -4.23
CA PRO D 216 23.85 14.49 -3.13
C PRO D 216 24.90 14.33 -2.02
N ASP D 217 25.59 13.19 -1.97
CA ASP D 217 26.64 12.92 -0.97
C ASP D 217 27.95 13.66 -1.23
N ILE D 218 28.19 14.19 -2.44
CA ILE D 218 29.41 14.94 -2.73
C ILE D 218 29.29 16.36 -2.14
N ASN D 219 30.15 16.70 -1.20
CA ASN D 219 30.30 18.03 -0.64
C ASN D 219 31.21 18.92 -1.49
N MET D 220 31.09 20.24 -1.33
CA MET D 220 32.12 21.17 -1.82
C MET D 220 33.45 20.88 -1.13
N GLY D 221 34.54 20.82 -1.90
CA GLY D 221 35.88 20.55 -1.39
C GLY D 221 36.26 19.07 -1.30
N GLN D 222 35.35 18.16 -1.65
CA GLN D 222 35.69 16.75 -1.89
C GLN D 222 36.13 16.52 -3.34
N THR D 223 36.83 15.41 -3.56
CA THR D 223 37.02 14.79 -4.88
C THR D 223 36.60 13.33 -4.80
N VAL D 224 35.97 12.82 -5.84
CA VAL D 224 35.57 11.40 -5.87
C VAL D 224 36.79 10.51 -6.06
N THR D 225 37.05 9.62 -5.10
CA THR D 225 38.18 8.67 -5.14
C THR D 225 37.75 7.26 -5.58
N SER D 226 36.51 7.10 -6.01
CA SER D 226 35.98 5.87 -6.60
C SER D 226 34.71 6.17 -7.38
N TYR D 227 34.31 5.25 -8.26
CA TYR D 227 33.08 5.33 -9.02
C TYR D 227 32.58 3.93 -9.35
N SER D 228 31.34 3.62 -9.00
CA SER D 228 30.74 2.29 -9.23
C SER D 228 31.57 1.13 -8.69
N GLY D 229 32.28 1.33 -7.59
CA GLY D 229 33.17 0.33 -6.98
C GLY D 229 34.60 0.32 -7.52
N GLN D 230 34.87 0.92 -8.68
CA GLN D 230 36.23 1.08 -9.20
C GLN D 230 36.95 2.23 -8.51
N PRO D 231 38.23 2.12 -8.15
CA PRO D 231 38.98 3.24 -7.59
C PRO D 231 39.21 4.33 -8.64
N ALA D 232 39.40 5.57 -8.19
CA ALA D 232 39.81 6.67 -9.05
C ALA D 232 40.91 7.50 -8.38
N ILE D 233 41.92 7.91 -9.15
CA ILE D 233 43.00 8.78 -8.70
C ILE D 233 42.86 10.13 -9.40
N ASN D 234 43.05 11.24 -8.70
CA ASN D 234 42.76 12.57 -9.22
C ASN D 234 44.03 13.37 -9.53
N SER D 235 44.12 13.99 -10.71
CA SER D 235 45.13 15.01 -11.01
C SER D 235 44.75 15.82 -12.25
N ARG D 236 45.04 17.13 -12.30
CA ARG D 236 44.85 17.90 -13.55
C ARG D 236 45.85 17.55 -14.63
N THR D 237 46.83 16.68 -14.36
CA THR D 237 47.58 16.04 -15.44
C THR D 237 46.68 15.24 -16.37
N VAL D 238 45.49 14.80 -15.94
CA VAL D 238 44.50 14.14 -16.79
C VAL D 238 43.90 15.10 -17.81
N GLY D 239 43.48 16.30 -17.44
CA GLY D 239 43.03 17.31 -18.40
C GLY D 239 44.16 17.96 -19.18
N GLY D 240 45.34 18.04 -18.58
CA GLY D 240 46.59 18.36 -19.27
C GLY D 240 46.91 19.84 -19.41
N ASP D 241 46.11 20.75 -18.88
CA ASP D 241 46.43 22.18 -18.74
C ASP D 241 47.39 22.45 -17.57
N VAL D 242 48.51 21.73 -17.59
CA VAL D 242 49.56 21.74 -16.59
C VAL D 242 50.84 22.20 -17.29
N ASP D 243 51.68 22.97 -16.60
CA ASP D 243 52.80 23.68 -17.23
C ASP D 243 52.30 24.50 -18.44
N ALA D 244 52.95 24.43 -19.60
CA ALA D 244 52.54 25.14 -20.80
C ALA D 244 51.48 24.41 -21.64
N GLY D 245 50.97 23.28 -21.16
CA GLY D 245 49.93 22.51 -21.84
C GLY D 245 48.59 23.25 -21.94
N THR D 246 47.90 23.09 -23.07
CA THR D 246 46.49 23.49 -23.24
C THR D 246 45.56 22.44 -22.63
N ASP D 247 44.37 22.82 -22.18
CA ASP D 247 43.37 21.85 -21.72
C ASP D 247 42.89 20.98 -22.88
N THR D 248 43.07 19.67 -22.77
CA THR D 248 42.63 18.71 -23.79
C THR D 248 41.12 18.50 -23.80
N GLY D 249 40.41 18.91 -22.75
CA GLY D 249 39.02 18.54 -22.52
C GLY D 249 38.83 17.15 -21.95
N ILE D 250 39.90 16.37 -21.75
CA ILE D 250 39.84 15.06 -21.11
C ILE D 250 39.49 15.25 -19.65
N ARG D 251 38.55 14.47 -19.13
CA ARG D 251 38.13 14.54 -17.71
C ARG D 251 38.20 13.20 -17.00
N ALA D 252 38.24 12.11 -17.72
CA ALA D 252 38.61 10.82 -17.16
C ALA D 252 39.34 9.97 -18.18
N ILE D 253 40.13 9.03 -17.69
CA ILE D 253 40.64 7.91 -18.46
C ILE D 253 40.31 6.66 -17.66
N GLY D 254 39.67 5.67 -18.26
CA GLY D 254 39.41 4.39 -17.62
C GLY D 254 40.18 3.27 -18.30
N GLY D 255 40.49 2.18 -17.60
CA GLY D 255 41.09 1.05 -18.29
C GLY D 255 41.54 -0.10 -17.43
N ASP D 256 42.18 -1.06 -18.09
CA ASP D 256 42.97 -2.10 -17.45
C ASP D 256 44.39 -1.57 -17.22
N TRP D 257 44.64 -0.98 -16.07
CA TRP D 257 45.93 -0.33 -15.80
C TRP D 257 47.11 -1.30 -15.74
N ASP D 258 46.90 -2.62 -15.76
CA ASP D 258 47.99 -3.57 -15.98
C ASP D 258 48.44 -3.69 -17.44
N ALA D 259 47.65 -3.20 -18.39
CA ALA D 259 48.07 -3.05 -19.77
C ALA D 259 49.07 -1.90 -19.98
N LEU D 260 49.32 -1.09 -18.94
CA LEU D 260 50.37 -0.09 -18.94
C LEU D 260 51.45 -0.53 -17.97
N ARG D 261 52.64 -0.84 -18.49
CA ARG D 261 53.81 -1.11 -17.68
C ARG D 261 54.75 0.07 -17.75
N PHE D 262 55.34 0.47 -16.64
CA PHE D 262 56.17 1.67 -16.56
C PHE D 262 57.33 1.47 -15.58
N GLY D 263 58.47 2.11 -15.83
CA GLY D 263 59.54 2.20 -14.85
C GLY D 263 60.58 3.26 -15.16
N TYR D 264 61.41 3.56 -14.16
CA TYR D 264 62.57 4.43 -14.29
C TYR D 264 63.81 3.61 -14.63
N ALA D 265 64.49 3.96 -15.71
CA ALA D 265 65.78 3.38 -16.06
C ALA D 265 66.91 4.01 -15.24
N HIS D 266 66.93 5.35 -15.15
CA HIS D 266 67.98 6.10 -14.48
C HIS D 266 67.45 7.43 -13.96
N GLN D 267 67.93 7.90 -12.82
CA GLN D 267 67.59 9.23 -12.29
C GLN D 267 68.86 10.02 -11.95
N ILE D 268 68.92 11.25 -12.43
CA ILE D 268 69.97 12.21 -12.10
C ILE D 268 69.38 13.24 -11.15
N GLY D 269 69.85 13.23 -9.91
CA GLY D 269 69.43 14.18 -8.88
C GLY D 269 69.88 15.61 -9.17
N LEU D 270 69.63 16.53 -8.24
CA LEU D 270 70.00 17.93 -8.38
C LEU D 270 71.51 18.07 -8.59
N ARG D 271 71.93 18.53 -9.77
CA ARG D 271 73.34 18.73 -10.12
C ARG D 271 73.62 20.19 -10.40
N LYS D 272 74.55 20.80 -9.68
CA LYS D 272 75.07 22.14 -9.96
C LYS D 272 76.16 22.08 -11.03
N ILE D 273 76.05 22.89 -12.06
CA ILE D 273 76.99 23.04 -13.17
C ILE D 273 77.59 24.43 -13.10
N GLU D 274 78.90 24.55 -13.15
CA GLU D 274 79.60 25.84 -13.02
C GLU D 274 80.39 26.27 -14.25
N TYR D 275 80.56 25.37 -15.23
CA TYR D 275 81.39 25.57 -16.42
C TYR D 275 80.64 25.25 -17.71
N GLY D 276 81.09 25.80 -18.82
CA GLY D 276 80.50 25.55 -20.13
C GLY D 276 79.19 26.29 -20.34
N ASP D 277 78.44 25.92 -21.37
CA ASP D 277 77.17 26.54 -21.74
C ASP D 277 76.06 25.47 -21.83
N PRO D 278 75.50 25.01 -20.70
CA PRO D 278 74.63 23.84 -20.65
C PRO D 278 73.25 24.05 -21.29
N PHE D 279 72.77 25.27 -21.44
CA PHE D 279 71.42 25.58 -21.91
C PHE D 279 71.37 26.54 -23.10
N GLY D 280 72.50 26.91 -23.69
CA GLY D 280 72.56 27.76 -24.88
C GLY D 280 72.38 29.25 -24.59
N ASN D 281 72.53 29.67 -23.34
CA ASN D 281 72.48 31.08 -22.94
C ASN D 281 73.82 31.80 -23.08
N GLY D 282 74.92 31.06 -23.04
CA GLY D 282 76.29 31.58 -22.98
C GLY D 282 77.08 30.90 -21.86
N ASP D 283 78.40 30.97 -21.92
CA ASP D 283 79.24 30.26 -20.97
C ASP D 283 79.05 30.74 -19.53
N LEU D 284 78.89 29.83 -18.59
CA LEU D 284 78.62 30.14 -17.20
C LEU D 284 79.73 30.91 -16.52
N GLN D 285 81.00 30.64 -16.81
CA GLN D 285 82.09 31.44 -16.28
C GLN D 285 82.16 32.78 -16.99
N ARG D 286 81.95 32.85 -18.30
CA ARG D 286 81.98 34.12 -19.02
C ARG D 286 80.91 35.09 -18.55
N ARG D 287 79.71 34.60 -18.26
CA ARG D 287 78.58 35.42 -17.80
C ARG D 287 78.46 35.51 -16.28
N ASN D 288 79.36 34.90 -15.51
CA ASN D 288 79.32 34.85 -14.06
C ASN D 288 77.96 34.34 -13.57
N ALA D 289 77.61 33.11 -13.96
CA ALA D 289 76.35 32.44 -13.68
C ALA D 289 76.57 31.01 -13.19
N VAL D 290 75.54 30.41 -12.63
CA VAL D 290 75.51 29.02 -12.18
C VAL D 290 74.28 28.36 -12.76
N ALA D 291 74.36 27.09 -13.14
CA ALA D 291 73.24 26.31 -13.62
C ALA D 291 72.95 25.14 -12.68
N TYR D 292 71.69 24.75 -12.62
CA TYR D 292 71.23 23.55 -11.96
C TYR D 292 70.48 22.69 -12.96
N LEU D 293 70.62 21.38 -12.83
CA LEU D 293 70.07 20.39 -13.72
C LEU D 293 69.48 19.24 -12.92
N MET D 294 68.41 18.65 -13.43
CA MET D 294 67.85 17.41 -12.93
C MET D 294 67.28 16.62 -14.10
N GLU D 295 67.40 15.30 -14.11
CA GLU D 295 66.93 14.47 -15.22
C GLU D 295 66.37 13.13 -14.76
N VAL D 296 65.50 12.54 -15.56
CA VAL D 296 65.04 11.16 -15.39
C VAL D 296 64.95 10.48 -16.74
N ILE D 297 65.39 9.23 -16.82
CA ILE D 297 65.19 8.35 -17.97
C ILE D 297 64.16 7.32 -17.55
N PHE D 298 63.08 7.20 -18.31
CA PHE D 298 61.94 6.36 -17.98
C PHE D 298 61.39 5.72 -19.25
N GLY D 299 60.68 4.62 -19.11
CA GLY D 299 60.04 3.96 -20.23
C GLY D 299 58.72 3.32 -19.83
N TRP D 300 57.85 3.13 -20.80
CA TRP D 300 56.57 2.47 -20.62
C TRP D 300 56.15 1.73 -21.88
N VAL D 301 55.23 0.78 -21.73
CA VAL D 301 54.53 0.13 -22.84
C VAL D 301 53.04 0.12 -22.59
N VAL D 302 52.26 0.48 -23.60
CA VAL D 302 50.82 0.24 -23.68
C VAL D 302 50.63 -1.05 -24.46
N LEU D 303 50.32 -2.14 -23.77
CA LEU D 303 50.26 -3.49 -24.34
C LEU D 303 49.04 -3.72 -25.23
N ASP D 304 47.96 -2.95 -25.06
CA ASP D 304 46.83 -2.87 -25.97
C ASP D 304 46.26 -1.46 -25.92
N PRO D 305 46.20 -0.70 -27.03
CA PRO D 305 45.58 0.62 -27.05
C PRO D 305 44.14 0.62 -26.54
N ASN D 306 43.42 -0.48 -26.74
CA ASN D 306 42.02 -0.64 -26.42
C ASN D 306 41.78 -1.07 -24.97
N ALA D 307 42.83 -1.29 -24.19
CA ALA D 307 42.72 -1.49 -22.75
C ALA D 307 42.36 -0.19 -22.00
N PHE D 308 42.35 0.95 -22.68
CA PHE D 308 42.08 2.27 -22.13
C PHE D 308 40.98 2.96 -22.92
N VAL D 309 40.21 3.82 -22.27
CA VAL D 309 39.19 4.68 -22.88
C VAL D 309 39.34 6.09 -22.35
N VAL D 310 39.16 7.07 -23.22
CA VAL D 310 39.30 8.48 -22.89
C VAL D 310 37.91 9.10 -22.83
N TYR D 311 37.56 9.73 -21.72
CA TYR D 311 36.33 10.49 -21.59
C TYR D 311 36.64 11.97 -21.78
N LYS D 312 36.16 12.56 -22.86
CA LYS D 312 36.52 13.92 -23.28
C LYS D 312 35.28 14.77 -23.45
N LEU D 313 35.28 16.00 -22.95
CA LEU D 313 34.19 16.94 -23.15
C LEU D 313 33.94 17.24 -24.63
N ALA D 314 32.69 17.43 -25.00
CA ALA D 314 32.30 17.87 -26.33
C ALA D 314 32.86 19.27 -26.68
N ALA D 315 33.02 19.56 -27.97
CA ALA D 315 33.33 20.90 -28.45
C ALA D 315 32.11 21.84 -28.34
N GLU D 316 32.34 23.12 -28.09
CA GLU D 316 31.31 24.15 -27.96
C GLU D 316 30.54 24.37 -29.26
N ALA E 2 -17.90 65.65 46.08
CA ALA E 2 -17.51 64.69 45.05
C ALA E 2 -16.47 63.67 45.55
N THR E 3 -16.59 62.44 45.06
CA THR E 3 -15.66 61.34 45.34
C THR E 3 -14.29 61.58 44.70
N LYS E 4 -13.21 61.09 45.33
CA LYS E 4 -11.83 61.42 44.92
C LYS E 4 -11.24 60.38 43.98
N SER E 5 -10.87 60.81 42.79
CA SER E 5 -10.18 60.02 41.76
C SER E 5 -8.67 60.25 41.76
N VAL E 6 -7.91 59.48 40.98
CA VAL E 6 -6.44 59.61 40.86
C VAL E 6 -5.94 59.42 39.44
N LEU E 7 -6.68 58.75 38.57
CA LEU E 7 -6.34 58.65 37.14
C LEU E 7 -6.59 59.98 36.43
N GLN E 8 -5.88 60.21 35.32
CA GLN E 8 -6.01 61.39 34.48
C GLN E 8 -6.44 61.30 32.99
N PRO E 9 -7.31 62.20 32.51
CA PRO E 9 -8.08 63.15 33.30
C PRO E 9 -8.94 62.48 34.38
N PRO E 10 -9.37 63.21 35.42
CA PRO E 10 -10.26 62.66 36.44
C PRO E 10 -11.61 62.25 35.85
N ALA E 11 -12.16 61.15 36.36
CA ALA E 11 -13.46 60.63 35.95
C ALA E 11 -14.56 61.68 36.11
N ALA E 12 -15.52 61.74 35.19
CA ALA E 12 -16.62 62.68 35.34
C ALA E 12 -17.46 62.72 36.62
N GLY E 13 -17.72 63.95 37.08
CA GLY E 13 -18.36 64.22 38.38
C GLY E 13 -17.51 63.90 39.62
N SER E 14 -16.33 63.29 39.49
CA SER E 14 -15.36 63.14 40.58
C SER E 14 -14.51 64.40 40.75
N ALA E 15 -13.78 64.50 41.85
CA ALA E 15 -12.61 65.35 41.90
C ALA E 15 -11.22 64.73 42.11
N SER E 16 -10.20 65.23 41.45
CA SER E 16 -8.89 64.60 41.51
C SER E 16 -8.25 64.79 42.88
N ILE E 17 -7.80 63.72 43.52
CA ILE E 17 -6.91 63.84 44.67
C ILE E 17 -5.58 64.61 44.56
N VAL E 18 -5.19 64.94 43.33
CA VAL E 18 -3.99 65.68 42.94
C VAL E 18 -4.36 66.81 41.99
N GLY E 19 -5.59 67.33 42.11
CA GLY E 19 -6.14 68.39 41.27
C GLY E 19 -5.67 69.79 41.63
N GLY E 20 -5.00 69.96 42.77
CA GLY E 20 -4.31 71.20 43.12
C GLY E 20 -3.16 71.48 42.17
N ALA E 21 -2.76 72.73 42.03
CA ALA E 21 -1.68 73.06 41.10
C ALA E 21 -0.35 72.27 41.09
N GLY E 22 0.01 71.79 39.90
CA GLY E 22 1.13 70.87 39.70
C GLY E 22 0.99 69.51 40.37
N GLY E 23 -0.16 69.13 40.91
CA GLY E 23 -0.30 67.96 41.78
C GLY E 23 -0.02 66.63 41.11
N THR E 24 -0.21 66.53 39.80
CA THR E 24 0.10 65.31 39.01
C THR E 24 1.57 64.92 39.10
N GLN E 25 2.49 65.85 39.37
CA GLN E 25 3.90 65.55 39.64
C GLN E 25 4.09 64.66 40.87
N LEU E 26 3.10 64.58 41.76
CA LEU E 26 3.02 63.57 42.80
C LEU E 26 2.67 62.11 42.50
N LEU E 27 2.18 61.78 41.29
CA LEU E 27 1.77 60.43 40.93
C LEU E 27 3.01 59.56 40.74
N PRO E 28 3.04 58.34 41.28
CA PRO E 28 4.23 57.50 41.23
C PRO E 28 4.54 57.09 39.78
N LYS E 29 5.83 56.82 39.51
CA LYS E 29 6.24 56.12 38.30
C LYS E 29 7.16 54.95 38.60
N ASN E 30 7.07 53.95 37.74
CA ASN E 30 7.72 52.66 37.81
C ASN E 30 8.54 52.55 36.53
N ILE E 31 9.85 52.81 36.60
CA ILE E 31 10.74 52.75 35.45
C ILE E 31 11.47 51.42 35.48
N SER E 32 11.35 50.63 34.42
CA SER E 32 11.97 49.32 34.34
C SER E 32 13.50 49.41 34.24
N GLN E 33 14.21 48.60 35.02
CA GLN E 33 15.65 48.43 34.86
C GLN E 33 16.01 47.66 33.58
N GLU E 34 15.05 47.03 32.90
CA GLU E 34 15.27 46.18 31.74
C GLU E 34 14.89 46.92 30.47
N TRP E 35 15.87 47.23 29.63
CA TRP E 35 15.73 48.03 28.43
C TRP E 35 15.09 47.29 27.27
N TRP E 36 14.46 48.04 26.36
CA TRP E 36 14.28 47.59 24.99
C TRP E 36 15.47 48.04 24.15
N LYS E 37 16.41 47.14 23.91
CA LYS E 37 17.58 47.38 23.06
C LYS E 37 17.91 46.13 22.24
N LYS E 38 18.11 46.32 20.94
CA LYS E 38 18.56 45.27 20.02
C LYS E 38 20.03 44.95 20.27
N ALA E 39 20.48 43.74 19.99
CA ALA E 39 21.92 43.48 19.85
C ALA E 39 22.42 44.04 18.51
N THR E 40 23.70 44.42 18.44
CA THR E 40 24.35 44.86 17.20
C THR E 40 25.02 43.70 16.45
N GLU E 41 25.20 43.85 15.13
CA GLU E 41 25.85 42.84 14.29
C GLU E 41 27.29 42.57 14.71
N GLN E 42 27.68 41.30 14.78
CA GLN E 42 29.05 40.90 15.03
C GLN E 42 29.95 41.19 13.83
N SER E 43 31.21 41.57 14.11
CA SER E 43 32.28 41.57 13.12
C SER E 43 32.75 40.14 12.86
N ILE E 44 32.85 39.74 11.60
CA ILE E 44 33.29 38.41 11.20
C ILE E 44 34.70 38.41 10.59
N ILE E 45 35.23 39.54 10.14
CA ILE E 45 36.47 39.57 9.39
C ILE E 45 37.69 39.10 10.18
N PRO E 46 37.92 39.49 11.44
CA PRO E 46 39.03 38.96 12.22
C PRO E 46 38.94 37.46 12.50
N THR E 47 37.75 36.87 12.40
CA THR E 47 37.54 35.43 12.59
C THR E 47 37.82 34.67 11.30
N LEU E 48 37.36 35.16 10.16
CA LEU E 48 37.57 34.53 8.86
C LEU E 48 39.00 34.62 8.37
N SER E 49 39.55 35.83 8.34
CA SER E 49 40.87 36.15 7.81
C SER E 49 42.01 35.39 8.50
N LYS E 50 43.12 35.23 7.78
CA LYS E 50 44.40 34.77 8.33
C LYS E 50 45.09 35.90 9.11
N SER E 51 45.47 35.67 10.35
CA SER E 51 46.20 36.71 11.09
C SER E 51 47.59 36.92 10.51
N THR E 52 48.07 38.16 10.53
CA THR E 52 49.41 38.55 10.12
C THR E 52 49.92 39.67 11.00
N PRO E 53 51.22 39.78 11.26
CA PRO E 53 51.81 41.01 11.76
C PRO E 53 51.58 42.14 10.78
N VAL E 54 51.25 43.33 11.28
CA VAL E 54 51.02 44.54 10.49
C VAL E 54 51.76 45.71 11.11
N ILE E 55 52.35 46.57 10.29
CA ILE E 55 53.02 47.81 10.67
C ILE E 55 52.31 48.99 10.01
N ILE E 56 52.35 50.17 10.63
CA ILE E 56 51.74 51.38 10.07
C ILE E 56 52.39 51.74 8.73
N GLY E 57 51.59 52.12 7.75
CA GLY E 57 52.02 52.51 6.41
C GLY E 57 51.98 51.38 5.39
N ASP E 58 52.34 51.67 4.15
CA ASP E 58 52.22 50.76 3.00
C ASP E 58 53.37 49.73 2.87
N GLY E 59 54.14 49.52 3.94
CA GLY E 59 55.34 48.70 3.96
C GLY E 59 55.13 47.24 4.35
N ASN E 60 53.90 46.77 4.46
CA ASN E 60 53.60 45.36 4.69
C ASN E 60 53.62 44.61 3.37
N VAL E 61 54.37 43.51 3.26
CA VAL E 61 54.63 42.85 1.98
C VAL E 61 54.48 41.34 2.10
N VAL E 62 53.82 40.70 1.15
CA VAL E 62 53.71 39.25 1.02
C VAL E 62 54.38 38.79 -0.29
N PRO E 63 55.33 37.85 -0.27
CA PRO E 63 55.93 37.30 -1.48
C PRO E 63 55.00 36.29 -2.18
N VAL E 64 54.95 36.37 -3.51
CA VAL E 64 54.07 35.59 -4.39
C VAL E 64 54.88 34.78 -5.39
N LEU E 65 54.78 33.44 -5.38
CA LEU E 65 55.40 32.63 -6.44
C LEU E 65 54.64 32.78 -7.75
N THR E 66 55.32 33.13 -8.84
CA THR E 66 54.70 33.70 -10.05
C THR E 66 54.98 32.91 -11.32
N LYS E 67 56.15 32.28 -11.45
CA LYS E 67 56.47 31.30 -12.49
C LYS E 67 57.24 30.15 -11.87
N ARG E 68 57.14 28.96 -12.46
CA ARG E 68 57.70 27.72 -11.92
C ARG E 68 58.43 26.95 -13.02
N PRO E 69 59.46 26.17 -12.71
CA PRO E 69 60.13 25.35 -13.70
C PRO E 69 59.19 24.30 -14.27
N SER E 70 59.39 24.02 -15.55
CA SER E 70 58.72 22.99 -16.30
C SER E 70 59.75 22.16 -17.07
N ALA E 71 59.63 20.83 -17.02
CA ALA E 71 60.56 19.94 -17.67
C ALA E 71 60.28 19.78 -19.15
N SER E 72 61.23 19.17 -19.84
CA SER E 72 61.21 18.96 -21.28
C SER E 72 61.64 17.54 -21.59
N ILE E 73 61.23 16.97 -22.73
CA ILE E 73 61.72 15.67 -23.19
C ILE E 73 62.91 15.90 -24.10
N ILE E 74 64.03 15.35 -23.69
CA ILE E 74 65.31 15.39 -24.40
C ILE E 74 65.87 14.10 -25.04
N GLY E 75 66.05 14.12 -26.36
CA GLY E 75 66.61 12.98 -27.09
C GLY E 75 68.08 12.70 -26.78
N GLU E 76 68.59 11.53 -27.14
CA GLU E 76 70.03 11.37 -27.20
C GLU E 76 70.87 12.37 -28.04
N LEU E 77 71.82 13.01 -27.35
CA LEU E 77 72.65 14.10 -27.88
C LEU E 77 71.86 15.32 -28.40
N GLN E 78 70.59 15.48 -28.02
CA GLN E 78 69.80 16.69 -28.26
C GLN E 78 70.10 17.74 -27.18
N ASN E 79 70.06 19.03 -27.51
CA ASN E 79 70.39 20.12 -26.59
C ASN E 79 69.40 20.25 -25.42
N LYS E 80 69.91 20.17 -24.19
CA LYS E 80 69.17 20.47 -22.95
C LYS E 80 68.78 21.96 -22.89
N VAL E 81 67.75 22.31 -22.12
CA VAL E 81 67.15 23.66 -22.07
C VAL E 81 66.81 24.09 -20.66
N ASP E 82 66.82 25.39 -20.39
CA ASP E 82 66.43 25.97 -19.11
C ASP E 82 64.93 26.29 -19.05
N SER E 83 64.42 26.50 -17.84
CA SER E 83 63.03 26.88 -17.60
C SER E 83 62.89 28.18 -16.80
N GLU E 84 61.66 28.53 -16.46
CA GLU E 84 61.26 29.75 -15.75
C GLU E 84 61.27 29.57 -14.24
N LEU E 85 61.50 30.65 -13.50
CA LEU E 85 61.26 30.77 -12.06
C LEU E 85 61.16 32.26 -11.75
N GLU E 86 60.08 32.70 -11.12
CA GLU E 86 59.82 34.12 -10.93
C GLU E 86 58.96 34.38 -9.71
N VAL E 87 59.11 35.54 -9.09
CA VAL E 87 58.31 35.98 -7.95
C VAL E 87 57.81 37.39 -8.16
N GLY E 88 56.74 37.70 -7.44
CA GLY E 88 56.21 39.03 -7.25
C GLY E 88 55.94 39.26 -5.78
N ALA E 89 55.28 40.35 -5.46
CA ALA E 89 54.81 40.60 -4.13
C ALA E 89 53.56 41.47 -4.17
N LYS E 90 52.73 41.36 -3.14
CA LYS E 90 51.67 42.32 -2.87
C LYS E 90 52.02 43.06 -1.61
N ASN E 91 51.82 44.38 -1.62
CA ASN E 91 51.96 45.21 -0.44
C ASN E 91 50.61 45.76 0.00
N PHE E 92 50.49 46.11 1.27
CA PHE E 92 49.27 46.70 1.80
C PHE E 92 49.52 47.74 2.89
N LYS E 93 48.63 48.73 2.95
CA LYS E 93 48.63 49.79 3.96
C LYS E 93 47.67 49.50 5.10
N THR E 94 47.91 50.16 6.22
CA THR E 94 46.94 50.35 7.28
C THR E 94 45.98 51.51 6.99
N ILE E 95 44.82 51.49 7.64
CA ILE E 95 43.93 52.64 7.84
C ILE E 95 43.51 52.69 9.31
N LYS E 96 42.94 53.82 9.74
CA LYS E 96 42.55 54.05 11.14
C LYS E 96 41.05 54.27 11.27
N ALA E 97 40.39 53.49 12.13
CA ALA E 97 39.02 53.69 12.53
C ALA E 97 38.95 54.33 13.91
N GLU E 98 38.07 55.29 14.10
CA GLU E 98 37.84 55.91 15.41
C GLU E 98 36.37 56.21 15.64
N VAL E 99 36.00 56.18 16.91
CA VAL E 99 34.69 56.56 17.40
C VAL E 99 34.85 57.37 18.68
N GLY E 100 34.04 58.39 18.86
CA GLY E 100 33.99 59.12 20.11
C GLY E 100 32.66 59.78 20.36
N LEU E 101 32.42 60.12 21.62
CA LEU E 101 31.21 60.72 22.14
C LEU E 101 31.59 61.83 23.12
N GLU E 102 30.86 62.94 23.16
CA GLU E 102 31.04 63.92 24.23
C GLU E 102 29.72 64.27 24.92
N PHE E 103 29.81 64.49 26.22
CA PHE E 103 28.69 64.69 27.14
C PHE E 103 28.92 65.95 27.96
N SER E 104 27.87 66.73 28.22
CA SER E 104 27.95 67.82 29.19
C SER E 104 28.16 67.32 30.61
N LEU E 105 28.66 68.16 31.50
CA LEU E 105 28.83 67.86 32.92
C LEU E 105 27.53 67.37 33.55
N GLU E 106 26.40 68.06 33.35
CA GLU E 106 25.16 67.62 33.95
C GLU E 106 24.67 66.29 33.38
N THR E 107 25.01 65.94 32.14
CA THR E 107 24.76 64.61 31.60
C THR E 107 25.58 63.55 32.33
N ILE E 108 26.86 63.78 32.58
CA ILE E 108 27.71 62.86 33.34
C ILE E 108 27.17 62.67 34.76
N LEU E 109 26.74 63.75 35.42
CA LEU E 109 26.22 63.72 36.77
C LEU E 109 24.85 63.05 36.86
N THR E 110 23.97 63.28 35.89
CA THR E 110 22.64 62.66 35.84
C THR E 110 22.71 61.17 35.50
N ASN E 111 23.50 60.78 34.50
CA ASN E 111 23.52 59.44 33.90
C ASN E 111 22.10 58.92 33.60
N PRO E 112 21.38 59.51 32.63
CA PRO E 112 19.92 59.55 32.56
C PRO E 112 19.11 58.31 32.91
N ALA E 113 19.51 57.14 32.41
CA ALA E 113 18.91 55.86 32.81
C ALA E 113 19.97 54.77 33.07
N GLY E 114 21.19 55.16 33.45
CA GLY E 114 22.36 54.29 33.44
C GLY E 114 23.02 54.16 32.06
N ILE E 115 22.64 54.99 31.09
CA ILE E 115 23.12 54.93 29.71
C ILE E 115 24.64 55.08 29.60
N LEU E 116 25.28 55.89 30.44
CA LEU E 116 26.73 56.08 30.35
C LEU E 116 27.50 54.84 30.79
N ASP E 117 26.82 53.83 31.34
CA ASP E 117 27.44 52.56 31.68
C ASP E 117 27.77 51.73 30.42
N ILE E 118 27.10 51.98 29.28
CA ILE E 118 27.27 51.19 28.05
C ILE E 118 28.31 51.74 27.07
N ILE E 119 28.91 52.91 27.35
CA ILE E 119 29.81 53.62 26.44
C ILE E 119 30.96 52.75 25.93
N GLY E 120 31.68 52.06 26.81
CA GLY E 120 32.82 51.26 26.40
C GLY E 120 32.47 50.16 25.41
N GLU E 121 31.42 49.38 25.70
CA GLU E 121 31.02 48.30 24.80
C GLU E 121 30.36 48.82 23.52
N GLU E 122 29.57 49.87 23.56
CA GLU E 122 28.91 50.38 22.36
C GLU E 122 29.93 51.01 21.40
N MET E 123 30.99 51.63 21.92
CA MET E 123 32.11 52.11 21.13
C MET E 123 33.03 50.99 20.64
N SER E 124 33.31 49.97 21.47
CA SER E 124 34.07 48.79 21.03
C SER E 124 33.40 48.09 19.85
N GLY E 125 32.08 47.92 19.91
CA GLY E 125 31.31 47.33 18.83
C GLY E 125 31.30 48.19 17.58
N ALA E 126 31.22 49.52 17.71
CA ALA E 126 31.24 50.45 16.58
C ALA E 126 32.53 50.33 15.77
N LEU E 127 33.69 50.16 16.44
CA LEU E 127 34.95 49.92 15.76
C LEU E 127 34.94 48.59 15.02
N ALA E 128 34.54 47.50 15.67
CA ALA E 128 34.48 46.19 15.05
C ALA E 128 33.58 46.18 13.80
N ARG E 129 32.42 46.81 13.81
CA ARG E 129 31.58 46.91 12.62
C ARG E 129 32.23 47.72 11.50
N GLN E 130 33.04 48.72 11.81
CA GLN E 130 33.78 49.48 10.81
C GLN E 130 34.97 48.70 10.24
N VAL E 131 35.57 47.77 10.97
CA VAL E 131 36.53 46.83 10.37
C VAL E 131 35.84 46.03 9.26
N ASP E 132 34.72 45.39 9.51
CA ASP E 132 33.97 44.69 8.46
C ASP E 132 33.53 45.61 7.32
N ALA E 133 33.01 46.81 7.60
CA ALA E 133 32.55 47.70 6.55
C ALA E 133 33.68 48.13 5.62
N ALA E 134 34.89 48.30 6.13
CA ALA E 134 36.04 48.66 5.31
C ALA E 134 36.51 47.46 4.49
N VAL E 135 36.81 46.36 5.16
CA VAL E 135 37.38 45.16 4.54
C VAL E 135 36.43 44.50 3.55
N ILE E 136 35.13 44.40 3.84
CA ILE E 136 34.16 43.79 2.93
C ILE E 136 33.72 44.77 1.86
N HIS E 137 33.27 45.97 2.23
CA HIS E 137 32.52 46.87 1.33
C HIS E 137 33.25 48.13 0.89
N ASN E 138 34.43 48.42 1.45
CA ASN E 138 35.11 49.69 1.25
C ASN E 138 34.25 50.88 1.74
N ARG E 139 33.57 50.76 2.88
CA ARG E 139 32.62 51.79 3.36
C ARG E 139 32.96 52.37 4.73
N GLN E 140 32.61 53.63 4.92
CA GLN E 140 32.64 54.30 6.22
C GLN E 140 31.33 54.02 6.95
N SER E 141 31.34 53.38 8.11
CA SER E 141 30.10 52.85 8.69
C SER E 141 29.20 53.96 9.26
N SER E 142 29.78 55.04 9.77
CA SER E 142 29.05 56.24 10.20
C SER E 142 28.32 57.01 9.10
N ASN E 143 28.50 56.67 7.83
CA ASN E 143 28.12 57.51 6.71
C ASN E 143 27.56 56.71 5.51
N GLY E 144 28.00 55.47 5.33
CA GLY E 144 27.66 54.62 4.20
C GLY E 144 28.32 55.00 2.87
N ALA E 145 29.21 55.99 2.86
CA ALA E 145 29.97 56.38 1.68
C ALA E 145 31.16 55.44 1.43
N GLN E 146 31.65 55.38 0.20
CA GLN E 146 32.88 54.66 -0.13
C GLN E 146 34.10 55.38 0.43
N LEU E 147 35.06 54.62 0.95
CA LEU E 147 36.34 55.16 1.41
C LEU E 147 37.18 55.65 0.23
N THR E 148 37.78 56.83 0.36
CA THR E 148 38.76 57.37 -0.60
C THR E 148 40.18 56.87 -0.32
N SER E 149 40.41 56.20 0.81
CA SER E 149 41.64 55.47 1.12
C SER E 149 42.00 54.47 0.03
N GLY E 150 43.29 54.21 -0.17
CA GLY E 150 43.78 53.37 -1.27
C GLY E 150 43.70 51.86 -1.06
N THR E 151 43.12 51.39 0.05
CA THR E 151 42.89 49.97 0.38
C THR E 151 41.88 49.32 -0.57
N VAL E 152 42.01 48.02 -0.83
CA VAL E 152 41.06 47.24 -1.66
C VAL E 152 40.23 46.28 -0.82
N SER E 153 38.91 46.32 -0.93
CA SER E 153 38.03 45.43 -0.20
C SER E 153 37.84 44.08 -0.90
N ILE E 154 37.31 43.09 -0.19
CA ILE E 154 36.95 41.79 -0.76
C ILE E 154 35.98 41.94 -1.94
N THR E 155 34.95 42.79 -1.82
CA THR E 155 33.94 42.90 -2.88
C THR E 155 34.39 43.72 -4.07
N ALA E 156 35.49 44.47 -4.00
CA ALA E 156 36.04 45.15 -5.16
C ALA E 156 36.82 44.16 -6.03
N GLY E 157 36.41 43.96 -7.28
CA GLY E 157 37.09 43.07 -8.22
C GLY E 157 36.94 41.57 -7.98
N ALA E 158 36.29 41.11 -6.92
CA ALA E 158 35.83 39.72 -6.85
C ALA E 158 34.72 39.45 -7.86
N PRO E 159 34.68 38.26 -8.51
CA PRO E 159 33.59 37.87 -9.39
C PRO E 159 32.26 37.79 -8.66
N THR E 160 31.18 38.13 -9.36
CA THR E 160 29.80 38.10 -8.83
C THR E 160 29.01 36.95 -9.43
N VAL E 161 28.32 36.19 -8.60
CA VAL E 161 27.26 35.25 -9.00
C VAL E 161 25.92 35.86 -8.61
N GLU E 162 25.05 36.07 -9.59
CA GLU E 162 23.76 36.73 -9.38
C GLU E 162 22.69 35.74 -8.90
N LEU E 163 22.27 35.85 -7.65
CA LEU E 163 21.16 35.07 -7.08
C LEU E 163 19.81 35.62 -7.58
N PRO E 164 18.88 34.80 -8.07
CA PRO E 164 17.59 35.27 -8.55
C PRO E 164 16.67 35.71 -7.40
N LEU E 165 15.75 36.65 -7.67
CA LEU E 165 14.80 37.17 -6.68
C LEU E 165 13.55 36.31 -6.47
N THR E 166 13.26 35.37 -7.38
CA THR E 166 12.01 34.60 -7.42
C THR E 166 11.71 33.91 -6.08
N ALA E 167 10.46 34.00 -5.63
CA ALA E 167 10.04 33.40 -4.36
C ALA E 167 10.23 31.88 -4.34
N GLY E 168 10.87 31.38 -3.30
CA GLY E 168 11.13 29.95 -3.10
C GLY E 168 12.05 29.29 -4.13
N VAL E 169 12.83 30.04 -4.89
CA VAL E 169 13.84 29.53 -5.82
C VAL E 169 14.96 28.76 -5.12
N ASP E 170 15.49 27.72 -5.78
CA ASP E 170 16.63 26.94 -5.29
C ASP E 170 17.95 27.64 -5.63
N ILE E 171 18.72 28.09 -4.63
CA ILE E 171 20.01 28.75 -4.84
C ILE E 171 21.20 27.77 -4.86
N ASP E 172 20.99 26.47 -4.62
CA ASP E 172 22.06 25.48 -4.65
C ASP E 172 22.86 25.43 -5.96
N PRO E 173 22.26 25.52 -7.17
CA PRO E 173 23.03 25.63 -8.41
C PRO E 173 23.98 26.83 -8.43
N PHE E 174 23.56 27.95 -7.85
CA PHE E 174 24.32 29.19 -7.82
C PHE E 174 25.42 29.15 -6.78
N LEU E 175 25.17 28.61 -5.60
CA LEU E 175 26.22 28.46 -4.59
C LEU E 175 27.35 27.55 -5.10
N TRP E 176 27.04 26.51 -5.85
CA TRP E 176 28.02 25.68 -6.55
C TRP E 176 28.71 26.40 -7.71
N GLU E 177 28.00 27.20 -8.51
CA GLU E 177 28.65 28.00 -9.57
C GLU E 177 29.73 28.93 -9.01
N GLY E 178 29.51 29.51 -7.84
CA GLY E 178 30.54 30.34 -7.21
C GLY E 178 31.71 29.53 -6.71
N TYR E 179 31.48 28.41 -6.03
CA TYR E 179 32.54 27.51 -5.59
C TYR E 179 33.40 27.03 -6.77
N ASN E 180 32.78 26.75 -7.91
CA ASN E 180 33.49 26.41 -9.13
C ASN E 180 34.30 27.60 -9.69
N THR E 181 33.75 28.80 -9.65
CA THR E 181 34.47 30.00 -10.08
C THR E 181 35.75 30.23 -9.26
N VAL E 182 35.72 30.02 -7.95
CA VAL E 182 36.93 30.12 -7.12
C VAL E 182 37.88 28.96 -7.41
N THR E 183 37.42 27.72 -7.34
CA THR E 183 38.32 26.56 -7.32
C THR E 183 38.74 26.04 -8.68
N GLU E 184 37.90 26.12 -9.71
CA GLU E 184 38.27 25.71 -11.06
C GLU E 184 38.81 26.89 -11.85
N ALA E 185 38.01 27.94 -12.05
CA ALA E 185 38.36 29.00 -12.99
C ALA E 185 39.55 29.85 -12.50
N ALA E 186 39.58 30.18 -11.21
CA ALA E 186 40.67 30.92 -10.58
C ALA E 186 41.74 30.01 -9.93
N GLY E 187 41.43 28.75 -9.65
CA GLY E 187 42.40 27.77 -9.17
C GLY E 187 42.80 27.88 -7.69
N ASN E 188 42.11 28.70 -6.89
CA ASN E 188 42.40 28.83 -5.45
C ASN E 188 41.81 27.66 -4.65
N ASN E 189 42.13 27.56 -3.36
CA ASN E 189 41.37 26.71 -2.45
C ASN E 189 39.96 27.29 -2.19
N PHE E 190 39.18 26.63 -1.35
CA PHE E 190 37.98 27.19 -0.76
C PHE E 190 37.93 26.75 0.71
N SER E 191 37.65 27.67 1.62
CA SER E 191 37.73 27.39 3.07
C SER E 191 36.49 27.78 3.84
N GLY E 192 35.45 28.31 3.18
CA GLY E 192 34.16 28.55 3.80
C GLY E 192 33.41 29.74 3.21
N PHE E 193 32.33 30.10 3.88
CA PHE E 193 31.47 31.22 3.53
C PHE E 193 31.34 32.25 4.65
N ALA E 194 31.15 33.49 4.25
CA ALA E 194 30.45 34.50 5.02
C ALA E 194 29.02 34.58 4.50
N PHE E 195 28.02 34.42 5.36
CA PHE E 195 26.61 34.51 5.01
C PHE E 195 25.97 35.73 5.65
N ASP E 196 25.09 36.39 4.94
CA ASP E 196 24.10 37.25 5.55
C ASP E 196 22.98 36.37 6.12
N PRO E 197 22.44 36.65 7.33
CA PRO E 197 21.30 35.91 7.87
C PRO E 197 20.11 35.79 6.92
N ARG E 198 19.88 36.76 6.04
CA ARG E 198 18.83 36.70 5.00
C ARG E 198 19.01 35.57 3.99
N LEU E 199 20.21 35.03 3.81
CA LEU E 199 20.40 33.82 3.01
C LEU E 199 19.70 32.61 3.63
N THR E 200 19.67 32.50 4.96
CA THR E 200 18.98 31.37 5.60
C THR E 200 17.49 31.36 5.28
N TYR E 201 16.83 32.52 5.17
CA TYR E 201 15.46 32.58 4.71
C TYR E 201 15.32 32.10 3.27
N VAL E 202 16.23 32.47 2.37
CA VAL E 202 16.20 32.02 0.97
C VAL E 202 16.37 30.51 0.88
N LEU E 203 17.27 29.92 1.66
CA LEU E 203 17.42 28.47 1.77
C LEU E 203 16.17 27.82 2.36
N ALA E 204 15.70 28.28 3.51
CA ALA E 204 14.59 27.68 4.23
C ALA E 204 13.29 27.71 3.45
N THR E 205 13.08 28.72 2.61
CA THR E 205 11.89 28.84 1.77
C THR E 205 12.04 28.28 0.37
N ALA E 206 13.17 27.65 0.03
CA ALA E 206 13.36 27.01 -1.27
C ALA E 206 12.41 25.82 -1.45
N ARG E 207 11.66 25.78 -2.55
CA ARG E 207 10.63 24.77 -2.84
C ARG E 207 10.81 24.18 -4.23
N ASP E 208 10.55 22.88 -4.34
CA ASP E 208 10.61 22.14 -5.60
C ASP E 208 9.49 22.56 -6.56
N SER E 209 9.48 22.00 -7.77
CA SER E 209 8.45 22.30 -8.79
C SER E 209 7.02 21.93 -8.38
N ASP E 210 6.83 21.00 -7.45
CA ASP E 210 5.53 20.62 -6.89
C ASP E 210 5.18 21.36 -5.59
N GLY E 211 6.01 22.30 -5.15
CA GLY E 211 5.79 23.13 -3.97
C GLY E 211 6.28 22.55 -2.65
N ARG E 212 6.93 21.39 -2.64
CA ARG E 212 7.51 20.81 -1.41
C ARG E 212 8.83 21.48 -1.02
N ARG E 213 9.11 21.68 0.27
CA ARG E 213 10.36 22.33 0.74
C ARG E 213 11.58 21.48 0.40
N LEU E 214 12.63 22.13 -0.08
CA LEU E 214 13.93 21.50 -0.37
C LEU E 214 14.82 21.39 0.87
N ASN E 215 14.70 22.33 1.81
CA ASN E 215 15.47 22.36 3.05
C ASN E 215 14.56 22.28 4.28
N PRO E 216 13.75 21.22 4.45
CA PRO E 216 12.74 21.14 5.51
C PRO E 216 13.34 21.08 6.91
N ASP E 217 14.63 20.78 7.05
CA ASP E 217 15.33 20.75 8.34
C ASP E 217 15.66 22.14 8.89
N ILE E 218 15.64 23.19 8.07
CA ILE E 218 15.87 24.55 8.56
C ILE E 218 14.62 25.06 9.27
N ASN E 219 14.73 25.31 10.57
CA ASN E 219 13.69 25.89 11.41
C ASN E 219 13.68 27.41 11.33
N MET E 220 12.55 28.04 11.63
CA MET E 220 12.50 29.47 11.93
C MET E 220 13.38 29.76 13.15
N GLY E 221 14.21 30.80 13.08
CA GLY E 221 15.13 31.18 14.15
C GLY E 221 16.50 30.49 14.10
N GLN E 222 16.71 29.52 13.20
CA GLN E 222 18.05 29.06 12.88
C GLN E 222 18.72 30.00 11.86
N THR E 223 20.05 30.05 11.89
CA THR E 223 20.90 30.46 10.77
C THR E 223 21.82 29.30 10.43
N VAL E 224 22.00 28.97 9.16
CA VAL E 224 22.86 27.84 8.78
C VAL E 224 24.33 28.16 9.05
N THR E 225 25.04 27.27 9.75
CA THR E 225 26.47 27.44 10.09
C THR E 225 27.40 26.59 9.22
N SER E 226 26.87 25.93 8.20
CA SER E 226 27.63 25.23 7.18
C SER E 226 26.77 25.06 5.94
N TYR E 227 27.39 24.83 4.80
CA TYR E 227 26.70 24.57 3.55
C TYR E 227 27.52 23.65 2.68
N SER E 228 26.96 22.53 2.25
CA SER E 228 27.65 21.56 1.39
C SER E 228 29.01 21.15 1.96
N GLY E 229 29.07 20.95 3.28
CA GLY E 229 30.27 20.55 4.01
C GLY E 229 31.26 21.67 4.33
N GLN E 230 31.15 22.84 3.71
CA GLN E 230 31.97 24.02 4.02
C GLN E 230 31.39 24.79 5.22
N PRO E 231 32.21 25.32 6.13
CA PRO E 231 31.71 26.13 7.24
C PRO E 231 31.17 27.47 6.76
N ALA E 232 30.25 28.05 7.52
CA ALA E 232 29.70 29.38 7.28
C ALA E 232 29.62 30.18 8.59
N ILE E 233 29.80 31.49 8.51
CA ILE E 233 29.64 32.42 9.63
C ILE E 233 28.67 33.52 9.21
N ASN E 234 27.80 33.97 10.11
CA ASN E 234 26.69 34.83 9.76
C ASN E 234 26.85 36.25 10.33
N SER E 235 26.64 37.28 9.53
CA SER E 235 26.45 38.65 10.01
C SER E 235 25.79 39.53 8.96
N ARG E 236 24.93 40.49 9.34
CA ARG E 236 24.42 41.46 8.37
C ARG E 236 25.48 42.46 7.93
N THR E 237 26.69 42.43 8.48
CA THR E 237 27.82 43.11 7.86
C THR E 237 28.09 42.59 6.45
N VAL E 238 27.67 41.37 6.09
CA VAL E 238 27.78 40.83 4.74
C VAL E 238 26.85 41.56 3.76
N GLY E 239 25.56 41.73 4.05
CA GLY E 239 24.66 42.54 3.22
C GLY E 239 24.93 44.04 3.33
N GLY E 240 25.41 44.48 4.49
CA GLY E 240 26.03 45.79 4.66
C GLY E 240 25.11 46.91 5.10
N ASP E 241 23.82 46.67 5.30
CA ASP E 241 22.88 47.63 5.89
C ASP E 241 23.03 47.72 7.41
N VAL E 242 24.24 48.03 7.85
CA VAL E 242 24.67 48.16 9.23
C VAL E 242 25.16 49.58 9.43
N ASP E 243 24.94 50.16 10.60
CA ASP E 243 25.14 51.60 10.83
C ASP E 243 24.42 52.42 9.77
N ALA E 244 25.07 53.37 9.09
CA ALA E 244 24.45 54.19 8.05
C ALA E 244 24.49 53.57 6.64
N GLY E 245 25.04 52.35 6.48
CA GLY E 245 25.14 51.69 5.18
C GLY E 245 23.78 51.28 4.60
N THR E 246 23.66 51.31 3.27
CA THR E 246 22.55 50.70 2.54
C THR E 246 22.75 49.21 2.34
N ASP E 247 21.69 48.46 2.07
CA ASP E 247 21.82 47.05 1.70
C ASP E 247 22.41 46.94 0.29
N THR E 248 23.53 46.24 0.17
CA THR E 248 24.20 46.00 -1.11
C THR E 248 23.51 44.93 -1.96
N GLY E 249 22.61 44.14 -1.38
CA GLY E 249 22.06 42.93 -1.99
C GLY E 249 22.99 41.72 -1.91
N ILE E 250 24.20 41.85 -1.37
CA ILE E 250 25.09 40.72 -1.15
C ILE E 250 24.51 39.83 -0.08
N ARG E 251 24.51 38.52 -0.29
CA ARG E 251 23.94 37.55 0.66
C ARG E 251 24.90 36.45 1.06
N ALA E 252 25.92 36.19 0.26
CA ALA E 252 27.04 35.38 0.69
C ALA E 252 28.33 35.85 0.05
N ILE E 253 29.45 35.55 0.67
CA ILE E 253 30.78 35.62 0.07
C ILE E 253 31.43 34.28 0.35
N GLY E 254 31.92 33.59 -0.66
CA GLY E 254 32.67 32.35 -0.50
C GLY E 254 34.09 32.54 -0.97
N GLY E 255 35.03 31.80 -0.44
CA GLY E 255 36.39 31.85 -0.97
C GLY E 255 37.40 31.07 -0.17
N ASP E 256 38.67 31.29 -0.48
CA ASP E 256 39.73 30.96 0.44
C ASP E 256 40.02 32.12 1.37
N TRP E 257 39.61 32.00 2.61
CA TRP E 257 39.85 33.04 3.60
C TRP E 257 41.30 33.16 4.01
N ASP E 258 42.19 32.25 3.62
CA ASP E 258 43.63 32.52 3.71
C ASP E 258 44.14 33.48 2.65
N ALA E 259 43.40 33.73 1.57
CA ALA E 259 43.74 34.80 0.65
C ALA E 259 43.52 36.18 1.25
N LEU E 260 42.82 36.29 2.39
CA LEU E 260 42.68 37.52 3.15
C LEU E 260 43.57 37.44 4.38
N ARG E 261 44.62 38.27 4.43
CA ARG E 261 45.42 38.43 5.66
C ARG E 261 45.07 39.74 6.31
N PHE E 262 44.92 39.75 7.62
CA PHE E 262 44.44 40.89 8.39
C PHE E 262 45.20 40.99 9.71
N GLY E 263 45.43 42.21 10.19
CA GLY E 263 45.92 42.40 11.55
C GLY E 263 45.74 43.83 12.05
N TYR E 264 45.88 43.99 13.36
CA TYR E 264 45.86 45.28 14.02
C TYR E 264 47.29 45.78 14.21
N ALA E 265 47.59 46.96 13.68
CA ALA E 265 48.85 47.63 13.94
C ALA E 265 48.87 48.25 15.34
N HIS E 266 47.79 48.92 15.74
CA HIS E 266 47.69 49.59 17.04
C HIS E 266 46.23 49.68 17.50
N GLN E 267 45.99 49.73 18.80
CA GLN E 267 44.66 49.93 19.39
C GLN E 267 44.70 50.95 20.52
N ILE E 268 43.83 51.96 20.44
CA ILE E 268 43.57 52.92 21.51
C ILE E 268 42.30 52.48 22.22
N GLY E 269 42.45 51.95 23.43
CA GLY E 269 41.32 51.61 24.29
C GLY E 269 40.51 52.84 24.68
N LEU E 270 39.41 52.66 25.41
CA LEU E 270 38.58 53.78 25.86
C LEU E 270 39.42 54.79 26.65
N ARG E 271 39.52 56.02 26.17
CA ARG E 271 40.15 57.12 26.93
C ARG E 271 39.19 58.27 27.13
N LYS E 272 39.25 58.88 28.30
CA LYS E 272 38.53 60.09 28.66
C LYS E 272 39.41 61.29 28.34
N ILE E 273 38.88 62.24 27.60
CA ILE E 273 39.50 63.49 27.22
C ILE E 273 38.78 64.60 27.96
N GLU E 274 39.52 65.43 28.69
CA GLU E 274 38.94 66.48 29.53
C GLU E 274 39.34 67.89 29.07
N TYR E 275 40.20 68.04 28.08
CA TYR E 275 40.81 69.30 27.65
C TYR E 275 40.81 69.47 26.14
N GLY E 276 40.84 70.70 25.67
CA GLY E 276 40.84 71.01 24.24
C GLY E 276 39.49 70.77 23.58
N ASP E 277 39.47 70.75 22.25
CA ASP E 277 38.29 70.58 21.41
C ASP E 277 38.45 69.35 20.50
N PRO E 278 38.28 68.13 21.01
CA PRO E 278 38.63 66.90 20.30
C PRO E 278 37.75 66.55 19.10
N PHE E 279 36.53 67.08 19.01
CA PHE E 279 35.57 66.75 17.96
C PHE E 279 35.01 67.96 17.23
N GLY E 280 35.52 69.16 17.49
CA GLY E 280 35.11 70.38 16.80
C GLY E 280 33.85 71.03 17.34
N ASN E 281 33.35 70.58 18.49
CA ASN E 281 32.15 71.10 19.13
C ASN E 281 32.40 72.35 19.98
N GLY E 282 33.66 72.60 20.36
CA GLY E 282 34.07 73.65 21.28
C GLY E 282 34.87 73.07 22.44
N ASP E 283 35.64 73.90 23.13
CA ASP E 283 36.55 73.43 24.16
C ASP E 283 35.83 72.77 25.34
N LEU E 284 36.29 71.60 25.77
CA LEU E 284 35.65 70.83 26.82
C LEU E 284 35.61 71.51 28.17
N GLN E 285 36.65 72.25 28.55
CA GLN E 285 36.62 73.03 29.78
C GLN E 285 35.71 74.23 29.61
N ARG E 286 35.74 74.92 28.46
CA ARG E 286 34.89 76.08 28.24
C ARG E 286 33.40 75.74 28.27
N ARG E 287 33.01 74.61 27.69
CA ARG E 287 31.62 74.16 27.65
C ARG E 287 31.23 73.23 28.80
N ASN E 288 32.13 72.96 29.75
CA ASN E 288 31.92 72.03 30.86
C ASN E 288 31.41 70.67 30.36
N ALA E 289 32.26 69.96 29.63
CA ALA E 289 31.96 68.70 28.97
C ALA E 289 33.10 67.69 29.13
N VAL E 290 32.83 66.43 28.85
CA VAL E 290 33.80 65.34 28.83
C VAL E 290 33.69 64.62 27.50
N ALA E 291 34.79 64.20 26.91
CA ALA E 291 34.80 63.41 25.69
C ALA E 291 35.39 62.03 25.95
N TYR E 292 34.92 61.04 25.20
CA TYR E 292 35.44 59.68 25.18
C TYR E 292 35.85 59.34 23.77
N LEU E 293 36.97 58.67 23.63
CA LEU E 293 37.55 58.29 22.34
C LEU E 293 38.01 56.83 22.37
N MET E 294 37.85 56.14 21.26
CA MET E 294 38.42 54.82 21.01
C MET E 294 38.89 54.72 19.57
N GLU E 295 40.00 54.04 19.30
CA GLU E 295 40.54 53.92 17.94
C GLU E 295 41.20 52.58 17.68
N VAL E 296 41.30 52.21 16.41
CA VAL E 296 42.10 51.08 15.96
C VAL E 296 42.78 51.41 14.64
N ILE E 297 44.03 50.99 14.49
CA ILE E 297 44.77 51.01 13.23
C ILE E 297 44.90 49.58 12.77
N PHE E 298 44.48 49.28 11.56
CA PHE E 298 44.42 47.91 11.06
C PHE E 298 44.72 47.90 9.58
N GLY E 299 45.18 46.77 9.07
CA GLY E 299 45.42 46.60 7.65
C GLY E 299 45.13 45.19 7.22
N TRP E 300 44.84 45.04 5.94
CA TRP E 300 44.57 43.76 5.31
C TRP E 300 45.04 43.74 3.86
N VAL E 301 45.23 42.53 3.33
CA VAL E 301 45.49 42.29 1.91
C VAL E 301 44.58 41.18 1.42
N VAL E 302 43.98 41.34 0.25
CA VAL E 302 43.45 40.22 -0.54
C VAL E 302 44.51 39.82 -1.56
N LEU E 303 45.06 38.62 -1.40
CA LEU E 303 46.20 38.13 -2.17
C LEU E 303 45.84 37.74 -3.61
N ASP E 304 44.58 37.42 -3.87
CA ASP E 304 44.03 37.25 -5.20
C ASP E 304 42.57 37.71 -5.19
N PRO E 305 42.16 38.70 -5.99
CA PRO E 305 40.77 39.12 -6.09
C PRO E 305 39.81 37.97 -6.38
N ASN E 306 40.28 36.96 -7.09
CA ASN E 306 39.50 35.83 -7.55
C ASN E 306 39.47 34.67 -6.55
N ALA E 307 40.17 34.78 -5.41
CA ALA E 307 40.04 33.82 -4.34
C ALA E 307 38.71 33.91 -3.59
N PHE E 308 37.88 34.89 -3.94
CA PHE E 308 36.56 35.15 -3.39
C PHE E 308 35.54 35.24 -4.49
N VAL E 309 34.30 34.91 -4.18
CA VAL E 309 33.14 35.11 -5.04
C VAL E 309 32.04 35.73 -4.21
N VAL E 310 31.35 36.70 -4.79
CA VAL E 310 30.27 37.42 -4.14
C VAL E 310 28.95 36.91 -4.70
N TYR E 311 28.06 36.42 -3.86
CA TYR E 311 26.72 36.03 -4.27
C TYR E 311 25.76 37.16 -3.94
N LYS E 312 25.15 37.74 -4.96
CA LYS E 312 24.44 39.02 -4.89
C LYS E 312 23.08 38.90 -5.53
N LEU E 313 22.03 39.36 -4.85
CA LEU E 313 20.67 39.35 -5.37
C LEU E 313 20.57 40.16 -6.66
N ALA E 314 19.80 39.67 -7.63
CA ALA E 314 19.52 40.38 -8.87
C ALA E 314 18.81 41.73 -8.63
N ALA E 315 18.85 42.61 -9.62
CA ALA E 315 18.04 43.82 -9.65
C ALA E 315 16.57 43.50 -10.01
N GLU E 316 15.63 44.30 -9.52
CA GLU E 316 14.21 44.19 -9.87
C GLU E 316 13.93 44.61 -11.32
N ALA F 2 -60.87 2.86 26.72
CA ALA F 2 -60.88 2.85 28.17
C ALA F 2 -59.64 2.20 28.80
N THR F 3 -58.69 1.74 28.00
CA THR F 3 -57.36 1.26 28.46
C THR F 3 -56.57 2.40 29.09
N LYS F 4 -55.79 2.11 30.14
CA LYS F 4 -55.02 3.14 30.88
C LYS F 4 -53.69 3.43 30.22
N SER F 5 -53.64 4.46 29.37
CA SER F 5 -52.41 5.01 28.79
C SER F 5 -51.62 5.85 29.77
N VAL F 6 -50.37 6.20 29.45
CA VAL F 6 -49.51 7.03 30.30
C VAL F 6 -48.64 8.00 29.51
N LEU F 7 -48.45 7.79 28.20
CA LEU F 7 -47.77 8.76 27.35
C LEU F 7 -48.70 9.94 27.03
N GLN F 8 -48.11 11.10 26.79
CA GLN F 8 -48.82 12.32 26.43
C GLN F 8 -48.66 12.97 25.02
N PRO F 9 -49.75 13.49 24.44
CA PRO F 9 -51.12 13.37 24.90
C PRO F 9 -51.62 11.91 24.88
N PRO F 10 -52.75 11.60 25.52
CA PRO F 10 -53.26 10.24 25.59
C PRO F 10 -53.57 9.68 24.20
N ALA F 11 -53.22 8.42 23.97
CA ALA F 11 -53.50 7.70 22.73
C ALA F 11 -55.00 7.62 22.47
N ALA F 12 -55.46 7.74 21.22
CA ALA F 12 -56.88 7.73 20.93
C ALA F 12 -57.81 6.58 21.40
N GLY F 13 -58.96 6.99 21.92
CA GLY F 13 -59.91 6.11 22.61
C GLY F 13 -59.49 5.57 23.98
N SER F 14 -58.23 5.74 24.38
CA SER F 14 -57.76 5.38 25.72
C SER F 14 -58.11 6.45 26.75
N ALA F 15 -57.93 6.14 28.04
CA ALA F 15 -57.78 7.17 29.04
C ALA F 15 -56.48 7.23 29.86
N SER F 16 -55.99 8.42 30.18
CA SER F 16 -54.71 8.51 30.88
C SER F 16 -54.82 8.05 32.33
N ILE F 17 -53.94 7.17 32.79
CA ILE F 17 -53.78 6.95 34.22
C ILE F 17 -53.46 8.11 35.16
N VAL F 18 -53.06 9.26 34.60
CA VAL F 18 -52.80 10.52 35.27
C VAL F 18 -53.70 11.62 34.69
N GLY F 19 -54.88 11.23 34.20
CA GLY F 19 -55.84 12.12 33.55
C GLY F 19 -56.68 12.98 34.47
N GLY F 20 -56.58 12.80 35.80
CA GLY F 20 -57.18 13.70 36.78
C GLY F 20 -56.51 15.07 36.77
N ALA F 21 -57.18 16.10 37.28
CA ALA F 21 -56.66 17.47 37.25
C ALA F 21 -55.27 17.57 37.87
N GLY F 22 -54.32 18.15 37.14
CA GLY F 22 -52.92 18.26 37.56
C GLY F 22 -52.13 16.95 37.61
N GLY F 23 -52.69 15.83 37.13
CA GLY F 23 -52.09 14.51 37.33
C GLY F 23 -50.77 14.29 36.61
N THR F 24 -50.54 14.94 35.47
CA THR F 24 -49.29 14.83 34.71
C THR F 24 -48.05 15.27 35.50
N GLN F 25 -48.21 16.10 36.53
CA GLN F 25 -47.13 16.45 37.45
C GLN F 25 -46.59 15.23 38.21
N LEU F 26 -47.37 14.16 38.31
CA LEU F 26 -46.90 12.85 38.71
C LEU F 26 -45.95 12.00 37.85
N LEU F 27 -45.76 12.34 36.56
CA LEU F 27 -44.98 11.53 35.65
C LEU F 27 -43.49 11.61 36.01
N PRO F 28 -42.75 10.51 35.95
CA PRO F 28 -41.35 10.49 36.32
C PRO F 28 -40.51 11.37 35.39
N LYS F 29 -39.42 11.90 35.93
CA LYS F 29 -38.47 12.76 35.23
C LYS F 29 -37.05 12.28 35.53
N ASN F 30 -36.21 12.22 34.50
CA ASN F 30 -34.82 11.80 34.63
C ASN F 30 -33.92 12.93 34.13
N ILE F 31 -33.44 13.77 35.04
CA ILE F 31 -32.47 14.82 34.73
C ILE F 31 -31.07 14.19 34.75
N SER F 32 -30.32 14.29 33.67
CA SER F 32 -28.94 13.83 33.66
C SER F 32 -28.06 14.70 34.55
N GLN F 33 -27.23 14.07 35.39
CA GLN F 33 -26.22 14.79 36.16
C GLN F 33 -25.10 15.36 35.27
N GLU F 34 -24.92 14.86 34.06
CA GLU F 34 -23.91 15.34 33.12
C GLU F 34 -24.50 16.33 32.13
N TRP F 35 -24.05 17.58 32.21
CA TRP F 35 -24.53 18.68 31.40
C TRP F 35 -24.06 18.64 29.96
N TRP F 36 -24.78 19.32 29.07
CA TRP F 36 -24.24 19.78 27.81
C TRP F 36 -23.64 21.18 27.98
N LYS F 37 -22.35 21.22 28.31
CA LYS F 37 -21.59 22.42 28.69
C LYS F 37 -20.21 22.35 28.07
N LYS F 38 -19.99 23.11 26.99
CA LYS F 38 -18.69 23.24 26.31
C LYS F 38 -17.68 23.95 27.22
N ALA F 39 -16.40 23.62 27.13
CA ALA F 39 -15.35 24.40 27.78
C ALA F 39 -15.19 25.78 27.12
N THR F 40 -14.72 26.77 27.87
CA THR F 40 -14.40 28.11 27.35
C THR F 40 -12.94 28.25 26.94
N GLU F 41 -12.65 29.24 26.10
CA GLU F 41 -11.32 29.46 25.56
C GLU F 41 -10.29 29.86 26.61
N GLN F 42 -9.10 29.27 26.52
CA GLN F 42 -7.94 29.59 27.35
C GLN F 42 -7.43 31.01 27.08
N SER F 43 -7.09 31.76 28.13
CA SER F 43 -6.30 32.99 27.99
C SER F 43 -4.83 32.67 27.75
N ILE F 44 -4.25 33.21 26.68
CA ILE F 44 -2.86 32.97 26.30
C ILE F 44 -1.93 34.14 26.59
N ILE F 45 -2.45 35.36 26.75
CA ILE F 45 -1.60 36.54 26.90
C ILE F 45 -0.70 36.49 28.14
N PRO F 46 -1.15 36.10 29.34
CA PRO F 46 -0.28 36.07 30.51
C PRO F 46 0.84 35.04 30.47
N THR F 47 0.80 34.06 29.57
CA THR F 47 1.90 33.09 29.39
C THR F 47 2.79 33.44 28.22
N LEU F 48 2.25 34.00 27.14
CA LEU F 48 3.05 34.50 26.02
C LEU F 48 3.90 35.70 26.40
N SER F 49 3.29 36.72 27.00
CA SER F 49 3.95 37.96 27.39
C SER F 49 5.11 37.76 28.37
N LYS F 50 6.03 38.72 28.38
CA LYS F 50 7.05 38.89 29.41
C LYS F 50 6.45 39.51 30.67
N SER F 51 6.65 38.93 31.84
CA SER F 51 6.14 39.52 33.07
C SER F 51 6.88 40.80 33.44
N THR F 52 6.17 41.76 34.04
CA THR F 52 6.76 42.99 34.58
C THR F 52 5.99 43.43 35.82
N PRO F 53 6.63 44.10 36.80
CA PRO F 53 5.92 44.87 37.79
C PRO F 53 5.08 45.95 37.12
N VAL F 54 3.87 46.18 37.63
CA VAL F 54 2.93 47.18 37.14
C VAL F 54 2.34 47.94 38.30
N ILE F 55 2.18 49.26 38.14
CA ILE F 55 1.53 50.16 39.08
C ILE F 55 0.30 50.76 38.41
N ILE F 56 -0.70 51.15 39.21
CA ILE F 56 -1.92 51.75 38.68
C ILE F 56 -1.63 53.11 38.06
N GLY F 57 -2.22 53.39 36.89
CA GLY F 57 -2.08 54.64 36.15
C GLY F 57 -1.05 54.58 35.04
N ASP F 58 -0.83 55.69 34.34
CA ASP F 58 0.03 55.78 33.15
C ASP F 58 1.53 55.90 33.43
N GLY F 59 1.94 55.63 34.67
CA GLY F 59 3.30 55.81 35.16
C GLY F 59 4.22 54.61 35.04
N ASN F 60 3.93 53.64 34.19
CA ASN F 60 4.81 52.51 33.95
C ASN F 60 5.68 52.82 32.75
N VAL F 61 7.00 52.72 32.85
CA VAL F 61 7.93 53.24 31.83
C VAL F 61 9.01 52.23 31.51
N VAL F 62 9.26 51.99 30.23
CA VAL F 62 10.36 51.14 29.74
C VAL F 62 11.34 52.00 28.95
N PRO F 63 12.65 52.03 29.29
CA PRO F 63 13.64 52.74 28.50
C PRO F 63 13.99 52.01 27.21
N VAL F 64 14.17 52.77 26.14
CA VAL F 64 14.45 52.29 24.78
C VAL F 64 15.76 52.88 24.28
N LEU F 65 16.70 52.08 23.77
CA LEU F 65 17.88 52.61 23.10
C LEU F 65 17.53 53.04 21.67
N THR F 66 17.70 54.32 21.33
CA THR F 66 17.15 54.93 20.12
C THR F 66 18.19 55.25 19.05
N LYS F 67 19.42 55.64 19.42
CA LYS F 67 20.55 55.84 18.51
C LYS F 67 21.82 55.27 19.12
N ARG F 68 22.79 54.95 18.27
CA ARG F 68 24.02 54.25 18.64
C ARG F 68 25.28 54.85 18.01
N PRO F 69 26.45 54.66 18.63
CA PRO F 69 27.71 55.03 18.04
C PRO F 69 28.00 54.18 16.79
N SER F 70 28.55 54.83 15.77
CA SER F 70 29.14 54.21 14.59
C SER F 70 30.47 54.88 14.28
N ALA F 71 31.49 54.10 13.95
CA ALA F 71 32.84 54.61 13.76
C ALA F 71 33.04 55.24 12.38
N SER F 72 34.12 55.98 12.23
CA SER F 72 34.58 56.53 10.97
C SER F 72 35.99 56.04 10.68
N ILE F 73 36.34 55.87 9.41
CA ILE F 73 37.74 55.87 8.96
C ILE F 73 38.21 57.31 8.83
N ILE F 74 39.38 57.65 9.35
CA ILE F 74 39.86 59.03 9.46
C ILE F 74 41.24 59.27 8.82
N GLY F 75 42.28 58.52 9.19
CA GLY F 75 43.61 58.70 8.57
C GLY F 75 44.45 59.86 9.14
N GLU F 76 45.72 59.95 8.74
CA GLU F 76 46.71 60.79 9.44
C GLU F 76 46.40 62.29 9.36
N LEU F 77 46.35 62.95 10.52
CA LEU F 77 46.10 64.38 10.72
C LEU F 77 44.80 64.92 10.13
N GLN F 78 43.91 64.07 9.65
CA GLN F 78 42.49 64.40 9.49
C GLN F 78 41.86 64.47 10.88
N ASN F 79 40.98 65.44 11.13
CA ASN F 79 40.40 65.63 12.45
C ASN F 79 39.29 64.64 12.77
N LYS F 80 39.38 64.06 13.97
CA LYS F 80 38.45 63.09 14.55
C LYS F 80 37.06 63.70 14.75
N VAL F 81 36.01 62.88 14.89
CA VAL F 81 34.63 63.37 15.00
C VAL F 81 33.76 62.50 15.90
N ASP F 82 32.82 63.10 16.61
CA ASP F 82 31.80 62.35 17.35
C ASP F 82 30.62 61.64 16.68
N SER F 83 30.07 60.65 17.37
CA SER F 83 28.91 59.88 16.95
C SER F 83 27.66 60.17 17.79
N GLU F 84 26.57 59.48 17.48
CA GLU F 84 25.28 59.60 18.13
C GLU F 84 25.12 58.63 19.30
N LEU F 85 24.32 58.99 20.29
CA LEU F 85 23.83 58.13 21.36
C LEU F 85 22.57 58.77 21.93
N GLU F 86 21.43 58.09 21.91
CA GLU F 86 20.13 58.68 22.25
C GLU F 86 19.21 57.61 22.80
N VAL F 87 18.29 58.00 23.68
CA VAL F 87 17.31 57.08 24.26
C VAL F 87 15.93 57.69 24.25
N GLY F 88 14.95 56.82 24.28
CA GLY F 88 13.56 57.14 24.47
C GLY F 88 12.99 56.31 25.60
N ALA F 89 11.68 56.37 25.75
CA ALA F 89 10.95 55.46 26.60
C ALA F 89 9.55 55.28 26.07
N LYS F 90 8.94 54.14 26.37
CA LYS F 90 7.51 53.93 26.18
C LYS F 90 6.87 53.81 27.54
N ASN F 91 5.71 54.42 27.71
CA ASN F 91 4.94 54.31 28.93
C ASN F 91 3.58 53.67 28.67
N PHE F 92 3.03 53.00 29.67
CA PHE F 92 1.75 52.33 29.58
C PHE F 92 0.89 52.51 30.82
N LYS F 93 -0.43 52.55 30.59
CA LYS F 93 -1.46 52.63 31.61
C LYS F 93 -2.07 51.28 31.90
N THR F 94 -2.49 51.09 33.14
CA THR F 94 -3.41 50.00 33.49
C THR F 94 -4.84 50.28 33.03
N ILE F 95 -5.62 49.23 32.85
CA ILE F 95 -7.08 49.26 32.77
C ILE F 95 -7.67 48.22 33.69
N LYS F 96 -8.96 48.32 33.98
CA LYS F 96 -9.68 47.46 34.92
C LYS F 96 -10.76 46.68 34.19
N ALA F 97 -10.72 45.36 34.32
CA ALA F 97 -11.76 44.47 33.87
C ALA F 97 -12.55 43.93 35.05
N GLU F 98 -13.86 43.85 34.92
CA GLU F 98 -14.74 43.29 35.94
C GLU F 98 -15.90 42.53 35.35
N VAL F 99 -16.35 41.55 36.13
CA VAL F 99 -17.52 40.73 35.89
C VAL F 99 -18.28 40.56 37.21
N GLY F 100 -19.60 40.56 37.11
CA GLY F 100 -20.45 40.25 38.25
C GLY F 100 -21.79 39.65 37.87
N LEU F 101 -22.43 39.05 38.86
CA LEU F 101 -23.69 38.33 38.75
C LEU F 101 -24.54 38.62 39.97
N GLU F 102 -25.86 38.64 39.82
CA GLU F 102 -26.79 38.88 40.93
C GLU F 102 -27.95 37.89 40.91
N PHE F 103 -28.25 37.29 42.06
CA PHE F 103 -29.25 36.24 42.23
C PHE F 103 -30.22 36.56 43.34
N SER F 104 -31.51 36.31 43.14
CA SER F 104 -32.50 36.35 44.23
C SER F 104 -32.21 35.30 45.29
N LEU F 105 -32.67 35.52 46.52
CA LEU F 105 -32.59 34.56 47.62
C LEU F 105 -33.18 33.21 47.23
N GLU F 106 -34.34 33.20 46.56
CA GLU F 106 -34.95 31.97 46.07
C GLU F 106 -34.04 31.22 45.11
N THR F 107 -33.31 31.91 44.23
CA THR F 107 -32.35 31.29 43.32
C THR F 107 -31.19 30.68 44.08
N ILE F 108 -30.64 31.37 45.07
CA ILE F 108 -29.58 30.83 45.93
C ILE F 108 -30.03 29.56 46.66
N LEU F 109 -31.25 29.56 47.20
CA LEU F 109 -31.81 28.44 47.94
C LEU F 109 -32.19 27.26 47.04
N THR F 110 -32.69 27.54 45.84
CA THR F 110 -33.07 26.52 44.86
C THR F 110 -31.86 25.83 44.24
N ASN F 111 -30.87 26.61 43.79
CA ASN F 111 -29.72 26.18 42.99
C ASN F 111 -30.12 25.26 41.81
N PRO F 112 -30.83 25.79 40.80
CA PRO F 112 -31.73 25.06 39.90
C PRO F 112 -31.27 23.71 39.37
N ALA F 113 -30.03 23.59 38.90
CA ALA F 113 -29.43 22.33 38.47
C ALA F 113 -28.00 22.14 39.01
N GLY F 114 -27.67 22.78 40.13
CA GLY F 114 -26.29 22.94 40.60
C GLY F 114 -25.52 24.07 39.92
N ILE F 115 -26.18 24.91 39.13
CA ILE F 115 -25.56 26.00 38.38
C ILE F 115 -24.77 26.97 39.25
N LEU F 116 -25.19 27.24 40.48
CA LEU F 116 -24.47 28.17 41.34
C LEU F 116 -23.13 27.60 41.84
N ASP F 117 -22.82 26.34 41.52
CA ASP F 117 -21.52 25.75 41.79
C ASP F 117 -20.45 26.23 40.79
N ILE F 118 -20.84 26.76 39.63
CA ILE F 118 -19.89 27.17 38.56
C ILE F 118 -19.56 28.67 38.56
N ILE F 119 -20.09 29.46 39.50
CA ILE F 119 -19.95 30.92 39.54
C ILE F 119 -18.49 31.37 39.52
N GLY F 120 -17.68 30.82 40.41
CA GLY F 120 -16.29 31.25 40.56
C GLY F 120 -15.47 31.01 39.30
N GLU F 121 -15.52 29.79 38.76
CA GLU F 121 -14.80 29.45 37.54
C GLU F 121 -15.33 30.17 36.30
N GLU F 122 -16.63 30.35 36.15
CA GLU F 122 -17.18 31.07 34.99
C GLU F 122 -16.80 32.55 35.00
N MET F 123 -16.78 33.19 36.16
CA MET F 123 -16.36 34.58 36.30
C MET F 123 -14.84 34.73 36.21
N SER F 124 -14.08 33.85 36.83
CA SER F 124 -12.62 33.83 36.72
C SER F 124 -12.17 33.67 35.27
N GLY F 125 -12.83 32.78 34.52
CA GLY F 125 -12.59 32.62 33.10
C GLY F 125 -13.01 33.83 32.28
N ALA F 126 -14.08 34.51 32.64
CA ALA F 126 -14.53 35.70 31.92
C ALA F 126 -13.52 36.84 32.01
N LEU F 127 -12.88 37.03 33.17
CA LEU F 127 -11.79 37.99 33.30
C LEU F 127 -10.62 37.64 32.39
N ALA F 128 -10.18 36.39 32.41
CA ALA F 128 -9.09 35.92 31.58
C ALA F 128 -9.39 36.08 30.08
N ARG F 129 -10.59 35.77 29.60
CA ARG F 129 -11.00 36.07 28.22
C ARG F 129 -10.97 37.55 27.90
N GLN F 130 -11.27 38.42 28.85
CA GLN F 130 -11.23 39.87 28.64
C GLN F 130 -9.81 40.43 28.67
N VAL F 131 -8.89 39.85 29.43
CA VAL F 131 -7.47 40.17 29.29
C VAL F 131 -7.02 39.93 27.86
N ASP F 132 -7.25 38.75 27.30
CA ASP F 132 -6.89 38.49 25.89
C ASP F 132 -7.60 39.43 24.92
N ALA F 133 -8.91 39.65 25.07
CA ALA F 133 -9.65 40.50 24.15
C ALA F 133 -9.17 41.95 24.16
N ALA F 134 -8.66 42.46 25.29
CA ALA F 134 -8.10 43.80 25.37
C ALA F 134 -6.72 43.85 24.71
N VAL F 135 -5.79 43.00 25.16
CA VAL F 135 -4.42 43.00 24.67
C VAL F 135 -4.32 42.64 23.19
N ILE F 136 -5.05 41.65 22.70
CA ILE F 136 -4.97 41.23 21.30
C ILE F 136 -5.79 42.17 20.41
N HIS F 137 -7.07 42.36 20.71
CA HIS F 137 -8.04 42.92 19.77
C HIS F 137 -8.48 44.34 20.08
N ASN F 138 -8.15 44.87 21.26
CA ASN F 138 -8.71 46.13 21.77
C ASN F 138 -10.23 46.07 21.97
N ARG F 139 -10.78 44.96 22.48
CA ARG F 139 -12.24 44.78 22.57
C ARG F 139 -12.75 44.53 23.98
N GLN F 140 -13.96 45.02 24.24
CA GLN F 140 -14.73 44.67 25.42
C GLN F 140 -15.43 43.34 25.20
N SER F 141 -15.18 42.31 26.01
CA SER F 141 -15.66 40.97 25.68
C SER F 141 -17.16 40.81 25.89
N SER F 142 -17.79 41.53 26.82
CA SER F 142 -19.24 41.57 26.99
C SER F 142 -20.03 42.19 25.84
N ASN F 143 -19.38 42.88 24.91
CA ASN F 143 -20.05 43.69 23.90
C ASN F 143 -19.48 43.50 22.48
N GLY F 144 -18.22 43.07 22.35
CA GLY F 144 -17.49 43.04 21.09
C GLY F 144 -17.17 44.42 20.51
N ALA F 145 -17.41 45.50 21.25
CA ALA F 145 -17.06 46.85 20.85
C ALA F 145 -15.59 47.17 21.13
N GLN F 146 -15.04 48.13 20.41
CA GLN F 146 -13.70 48.65 20.63
C GLN F 146 -13.58 49.35 21.99
N LEU F 147 -12.49 49.13 22.71
CA LEU F 147 -12.15 49.93 23.89
C LEU F 147 -11.77 51.35 23.48
N THR F 148 -12.32 52.35 24.15
CA THR F 148 -11.94 53.77 24.01
C THR F 148 -10.91 54.21 25.04
N SER F 149 -10.37 53.28 25.83
CA SER F 149 -9.21 53.47 26.69
C SER F 149 -7.96 53.87 25.89
N GLY F 150 -6.93 54.38 26.55
CA GLY F 150 -5.70 54.83 25.89
C GLY F 150 -4.67 53.75 25.57
N THR F 151 -5.03 52.48 25.73
CA THR F 151 -4.17 51.31 25.50
C THR F 151 -4.04 50.96 24.02
N VAL F 152 -2.90 50.38 23.63
CA VAL F 152 -2.66 49.86 22.26
C VAL F 152 -2.60 48.34 22.27
N SER F 153 -3.37 47.70 21.39
CA SER F 153 -3.38 46.25 21.26
C SER F 153 -2.31 45.73 20.31
N ILE F 154 -1.98 44.45 20.40
CA ILE F 154 -1.06 43.78 19.47
C ILE F 154 -1.54 43.91 18.03
N THR F 155 -2.83 43.76 17.73
CA THR F 155 -3.32 43.85 16.34
C THR F 155 -3.45 45.27 15.83
N ALA F 156 -3.28 46.31 16.66
CA ALA F 156 -3.25 47.68 16.20
C ALA F 156 -1.84 48.04 15.69
N GLY F 157 -1.72 48.40 14.42
CA GLY F 157 -0.45 48.81 13.82
C GLY F 157 0.59 47.71 13.60
N ALA F 158 0.34 46.46 13.98
CA ALA F 158 1.14 45.33 13.53
C ALA F 158 0.89 45.04 12.04
N PRO F 159 1.91 44.66 11.25
CA PRO F 159 1.76 44.30 9.85
C PRO F 159 0.89 43.04 9.69
N THR F 160 0.11 43.00 8.62
CA THR F 160 -0.76 41.88 8.29
C THR F 160 -0.24 41.06 7.11
N VAL F 161 -0.17 39.75 7.27
CA VAL F 161 0.00 38.80 6.18
C VAL F 161 -1.36 38.17 5.87
N GLU F 162 -1.83 38.35 4.65
CA GLU F 162 -3.14 37.84 4.24
C GLU F 162 -3.06 36.36 3.84
N LEU F 163 -3.64 35.46 4.62
CA LEU F 163 -3.74 34.05 4.30
C LEU F 163 -4.84 33.81 3.25
N PRO F 164 -4.59 33.08 2.16
CA PRO F 164 -5.57 32.81 1.13
C PRO F 164 -6.68 31.85 1.61
N LEU F 165 -7.90 32.01 1.10
CA LEU F 165 -9.04 31.16 1.47
C LEU F 165 -9.07 29.79 0.76
N THR F 166 -8.36 29.66 -0.37
CA THR F 166 -8.48 28.54 -1.31
C THR F 166 -8.27 27.17 -0.64
N ALA F 167 -9.10 26.19 -0.99
CA ALA F 167 -9.04 24.85 -0.42
C ALA F 167 -7.70 24.15 -0.70
N GLY F 168 -7.10 23.54 0.32
CA GLY F 168 -5.88 22.76 0.21
C GLY F 168 -4.58 23.55 -0.02
N VAL F 169 -4.64 24.89 -0.06
CA VAL F 169 -3.49 25.78 -0.24
C VAL F 169 -2.47 25.62 0.87
N ASP F 170 -1.18 25.70 0.54
CA ASP F 170 -0.13 25.73 1.56
C ASP F 170 0.05 27.14 2.11
N ILE F 171 -0.04 27.30 3.43
CA ILE F 171 0.22 28.56 4.11
C ILE F 171 1.65 28.69 4.63
N ASP F 172 2.49 27.66 4.54
CA ASP F 172 3.90 27.75 4.93
C ASP F 172 4.67 28.90 4.25
N PRO F 173 4.48 29.23 2.95
CA PRO F 173 5.06 30.42 2.36
C PRO F 173 4.68 31.71 3.10
N PHE F 174 3.46 31.80 3.63
CA PHE F 174 2.93 32.98 4.29
C PHE F 174 3.40 33.04 5.74
N LEU F 175 3.44 31.93 6.46
CA LEU F 175 4.00 31.90 7.80
C LEU F 175 5.49 32.24 7.80
N TRP F 176 6.24 31.85 6.78
CA TRP F 176 7.61 32.31 6.61
C TRP F 176 7.70 33.78 6.18
N GLU F 177 6.82 34.29 5.33
CA GLU F 177 6.77 35.71 5.01
C GLU F 177 6.58 36.59 6.26
N GLY F 178 5.71 36.18 7.18
CA GLY F 178 5.51 36.92 8.42
C GLY F 178 6.72 36.85 9.33
N TYR F 179 7.33 35.68 9.51
CA TYR F 179 8.58 35.55 10.24
C TYR F 179 9.68 36.44 9.67
N ASN F 180 9.81 36.52 8.34
CA ASN F 180 10.76 37.38 7.69
C ASN F 180 10.44 38.86 7.96
N THR F 181 9.16 39.24 7.93
CA THR F 181 8.73 40.60 8.24
C THR F 181 9.16 41.04 9.64
N VAL F 182 8.95 40.20 10.65
CA VAL F 182 9.35 40.53 12.02
C VAL F 182 10.86 40.59 12.17
N THR F 183 11.58 39.59 11.65
CA THR F 183 13.01 39.43 11.93
C THR F 183 13.93 40.25 11.05
N GLU F 184 13.53 40.61 9.83
CA GLU F 184 14.38 41.37 8.92
C GLU F 184 13.82 42.77 8.67
N ALA F 185 12.60 42.91 8.18
CA ALA F 185 12.02 44.22 7.92
C ALA F 185 11.92 45.10 9.17
N ALA F 186 11.76 44.47 10.35
CA ALA F 186 11.76 45.14 11.65
C ALA F 186 12.94 44.78 12.57
N GLY F 187 13.81 43.85 12.20
CA GLY F 187 15.02 43.54 12.97
C GLY F 187 14.80 42.92 14.36
N ASN F 188 13.60 42.46 14.68
CA ASN F 188 13.28 41.88 16.00
C ASN F 188 13.74 40.42 16.12
N ASN F 189 13.73 39.86 17.34
CA ASN F 189 13.75 38.40 17.51
C ASN F 189 12.41 37.80 17.03
N PHE F 190 12.27 36.50 17.15
CA PHE F 190 10.99 35.81 17.03
C PHE F 190 10.99 34.67 18.02
N SER F 191 9.93 34.53 18.80
CA SER F 191 9.93 33.65 19.98
C SER F 191 8.71 32.74 20.06
N GLY F 192 7.81 32.81 19.10
CA GLY F 192 6.70 31.86 18.98
C GLY F 192 5.49 32.41 18.26
N PHE F 193 4.44 31.60 18.25
CA PHE F 193 3.13 31.93 17.71
C PHE F 193 2.02 31.82 18.74
N ALA F 194 0.99 32.63 18.56
CA ALA F 194 -0.36 32.34 18.99
C ALA F 194 -1.14 31.84 17.77
N PHE F 195 -1.78 30.68 17.86
CA PHE F 195 -2.61 30.12 16.80
C PHE F 195 -4.06 30.06 17.22
N ASP F 196 -4.97 30.38 16.32
CA ASP F 196 -6.34 29.93 16.45
C ASP F 196 -6.40 28.42 16.14
N PRO F 197 -7.13 27.58 16.90
CA PRO F 197 -7.25 26.16 16.62
C PRO F 197 -7.69 25.84 15.19
N ARG F 198 -8.46 26.73 14.55
CA ARG F 198 -8.88 26.59 13.16
C ARG F 198 -7.74 26.63 12.14
N LEU F 199 -6.56 27.12 12.50
CA LEU F 199 -5.39 27.06 11.63
C LEU F 199 -4.88 25.64 11.42
N THR F 200 -5.02 24.73 12.39
CA THR F 200 -4.51 23.36 12.26
C THR F 200 -5.15 22.61 11.09
N TYR F 201 -6.42 22.85 10.78
CA TYR F 201 -7.03 22.32 9.57
C TYR F 201 -6.38 22.85 8.29
N VAL F 202 -6.10 24.15 8.24
CA VAL F 202 -5.47 24.78 7.08
C VAL F 202 -4.06 24.23 6.87
N LEU F 203 -3.33 23.99 7.96
CA LEU F 203 -2.06 23.27 7.91
C LEU F 203 -2.25 21.85 7.42
N ALA F 204 -3.04 21.05 8.11
CA ALA F 204 -3.20 19.62 7.87
C ALA F 204 -3.68 19.28 6.46
N THR F 205 -4.48 20.14 5.84
CA THR F 205 -4.98 19.94 4.48
C THR F 205 -4.13 20.59 3.40
N ALA F 206 -3.00 21.20 3.71
CA ALA F 206 -2.09 21.73 2.71
C ALA F 206 -1.53 20.60 1.83
N ARG F 207 -1.53 20.77 0.51
CA ARG F 207 -1.06 19.73 -0.42
C ARG F 207 -0.33 20.24 -1.66
N ASP F 208 0.54 19.39 -2.19
CA ASP F 208 1.42 19.61 -3.36
C ASP F 208 0.65 20.01 -4.62
N SER F 209 1.36 20.47 -5.65
CA SER F 209 0.79 20.70 -6.99
C SER F 209 0.19 19.43 -7.63
N ASP F 210 0.60 18.23 -7.19
CA ASP F 210 -0.01 16.95 -7.56
C ASP F 210 -0.81 16.27 -6.42
N GLY F 211 -1.15 17.02 -5.37
CA GLY F 211 -2.24 16.68 -4.45
C GLY F 211 -1.88 15.89 -3.20
N ARG F 212 -0.63 15.50 -2.96
CA ARG F 212 -0.25 14.83 -1.71
C ARG F 212 -0.11 15.80 -0.55
N ARG F 213 -0.45 15.40 0.68
CA ARG F 213 -0.36 16.26 1.88
C ARG F 213 1.08 16.68 2.16
N LEU F 214 1.29 17.92 2.56
CA LEU F 214 2.61 18.51 2.87
C LEU F 214 3.11 18.22 4.28
N ASN F 215 2.23 17.79 5.18
CA ASN F 215 2.48 17.59 6.61
C ASN F 215 1.59 16.45 7.14
N PRO F 216 1.68 15.24 6.57
CA PRO F 216 0.76 14.14 6.81
C PRO F 216 0.77 13.59 8.25
N ASP F 217 1.71 14.03 9.09
CA ASP F 217 1.77 13.65 10.50
C ASP F 217 0.69 14.31 11.37
N ILE F 218 0.00 15.35 10.89
CA ILE F 218 -1.13 15.93 11.61
C ILE F 218 -2.35 15.02 11.47
N ASN F 219 -2.83 14.45 12.57
CA ASN F 219 -4.06 13.67 12.65
C ASN F 219 -5.31 14.55 12.82
N MET F 220 -6.49 14.02 12.54
CA MET F 220 -7.73 14.68 12.93
C MET F 220 -7.83 14.72 14.46
N GLY F 221 -8.31 15.83 15.01
CA GLY F 221 -8.44 16.03 16.44
C GLY F 221 -7.15 16.47 17.15
N GLN F 222 -6.04 16.66 16.43
CA GLN F 222 -4.85 17.33 16.96
C GLN F 222 -4.92 18.84 16.77
N THR F 223 -4.18 19.57 17.60
CA THR F 223 -3.76 20.96 17.33
C THR F 223 -2.25 21.05 17.46
N VAL F 224 -1.61 21.83 16.59
CA VAL F 224 -0.15 21.95 16.59
C VAL F 224 0.33 22.86 17.72
N THR F 225 1.23 22.38 18.58
CA THR F 225 1.84 23.16 19.67
C THR F 225 3.25 23.66 19.32
N SER F 226 3.67 23.48 18.08
CA SER F 226 4.94 23.91 17.54
C SER F 226 4.80 24.10 16.04
N TYR F 227 5.57 24.99 15.43
CA TYR F 227 5.62 25.16 14.00
C TYR F 227 6.99 25.62 13.56
N SER F 228 7.64 24.88 12.67
CA SER F 228 8.96 25.23 12.14
C SER F 228 9.98 25.49 13.26
N GLY F 229 9.92 24.69 14.33
CA GLY F 229 10.77 24.80 15.51
C GLY F 229 10.40 25.89 16.51
N GLN F 230 9.49 26.81 16.17
CA GLN F 230 8.96 27.82 17.09
C GLN F 230 7.79 27.25 17.88
N PRO F 231 7.67 27.51 19.19
CA PRO F 231 6.51 27.08 19.95
C PRO F 231 5.24 27.80 19.47
N ALA F 232 4.11 27.13 19.60
CA ALA F 232 2.80 27.72 19.34
C ALA F 232 1.87 27.44 20.51
N ILE F 233 0.93 28.35 20.77
CA ILE F 233 -0.11 28.16 21.79
C ILE F 233 -1.46 28.45 21.16
N ASN F 234 -2.48 27.66 21.50
CA ASN F 234 -3.74 27.64 20.77
C ASN F 234 -4.88 28.25 21.57
N SER F 235 -5.64 29.17 20.99
CA SER F 235 -6.89 29.64 21.57
C SER F 235 -7.74 30.41 20.57
N ARG F 236 -9.07 30.25 20.57
CA ARG F 236 -9.94 31.10 19.74
C ARG F 236 -10.01 32.54 20.22
N THR F 237 -9.37 32.90 21.34
CA THR F 237 -9.11 34.31 21.60
C THR F 237 -8.28 34.95 20.49
N VAL F 238 -7.49 34.19 19.71
CA VAL F 238 -6.78 34.69 18.54
C VAL F 238 -7.75 35.10 17.43
N GLY F 239 -8.71 34.27 17.02
CA GLY F 239 -9.72 34.68 16.04
C GLY F 239 -10.71 35.69 16.59
N GLY F 240 -10.99 35.63 17.89
CA GLY F 240 -11.68 36.67 18.62
C GLY F 240 -13.20 36.53 18.68
N ASP F 241 -13.80 35.51 18.06
CA ASP F 241 -15.22 35.14 18.25
C ASP F 241 -15.41 34.40 19.57
N VAL F 242 -15.15 35.10 20.67
CA VAL F 242 -15.28 34.66 22.05
C VAL F 242 -16.13 35.69 22.78
N ASP F 243 -16.96 35.25 23.72
CA ASP F 243 -17.99 36.09 24.35
C ASP F 243 -18.85 36.77 23.26
N ALA F 244 -19.04 38.10 23.30
CA ALA F 244 -19.82 38.82 22.30
C ALA F 244 -19.01 39.28 21.08
N GLY F 245 -17.72 38.98 21.01
CA GLY F 245 -16.87 39.34 19.86
C GLY F 245 -17.26 38.61 18.58
N THR F 246 -17.12 39.27 17.43
CA THR F 246 -17.16 38.63 16.11
C THR F 246 -15.81 38.02 15.73
N ASP F 247 -15.79 37.11 14.76
CA ASP F 247 -14.57 36.55 14.22
C ASP F 247 -13.85 37.60 13.37
N THR F 248 -12.62 37.93 13.75
CA THR F 248 -11.77 38.88 13.02
C THR F 248 -11.21 38.29 11.73
N GLY F 249 -11.22 36.97 11.56
CA GLY F 249 -10.51 36.27 10.49
C GLY F 249 -9.02 36.09 10.77
N ILE F 250 -8.50 36.57 11.90
CA ILE F 250 -7.13 36.29 12.32
C ILE F 250 -7.04 34.82 12.68
N ARG F 251 -5.97 34.14 12.24
CA ARG F 251 -5.73 32.73 12.54
C ARG F 251 -4.38 32.46 13.16
N ALA F 252 -3.45 33.39 13.08
CA ALA F 252 -2.23 33.33 13.85
C ALA F 252 -1.74 34.74 14.15
N ILE F 253 -0.96 34.87 15.21
CA ILE F 253 -0.12 36.04 15.47
C ILE F 253 1.26 35.49 15.79
N GLY F 254 2.30 35.98 15.14
CA GLY F 254 3.68 35.59 15.42
C GLY F 254 4.48 36.80 15.86
N GLY F 255 5.56 36.61 16.60
CA GLY F 255 6.41 37.74 16.93
C GLY F 255 7.49 37.46 17.94
N ASP F 256 8.14 38.52 18.40
CA ASP F 256 8.87 38.49 19.65
C ASP F 256 7.95 38.82 20.81
N TRP F 257 7.54 37.81 21.55
CA TRP F 257 6.68 37.99 22.69
C TRP F 257 7.36 38.69 23.85
N ASP F 258 8.69 38.85 23.85
CA ASP F 258 9.32 39.78 24.80
C ASP F 258 9.10 41.25 24.49
N ALA F 259 8.67 41.60 23.28
CA ALA F 259 8.19 42.93 22.97
C ALA F 259 6.84 43.24 23.61
N LEU F 260 6.14 42.25 24.16
CA LEU F 260 4.94 42.44 24.94
C LEU F 260 5.27 42.22 26.40
N ARG F 261 5.24 43.27 27.21
CA ARG F 261 5.36 43.14 28.67
C ARG F 261 3.99 43.31 29.30
N PHE F 262 3.64 42.47 30.25
CA PHE F 262 2.32 42.43 30.87
C PHE F 262 2.44 42.21 32.38
N GLY F 263 1.53 42.77 33.15
CA GLY F 263 1.39 42.41 34.56
C GLY F 263 0.07 42.83 35.16
N TYR F 264 -0.25 42.21 36.28
CA TYR F 264 -1.38 42.57 37.12
C TYR F 264 -0.95 43.62 38.14
N ALA F 265 -1.62 44.76 38.16
CA ALA F 265 -1.45 45.75 39.21
C ALA F 265 -2.18 45.33 40.48
N HIS F 266 -3.43 44.86 40.35
CA HIS F 266 -4.25 44.40 41.45
C HIS F 266 -5.26 43.35 40.99
N GLN F 267 -5.62 42.40 41.84
CA GLN F 267 -6.65 41.39 41.58
C GLN F 267 -7.62 41.31 42.75
N ILE F 268 -8.92 41.30 42.45
CA ILE F 268 -9.99 41.09 43.42
C ILE F 268 -10.62 39.74 43.13
N GLY F 269 -10.46 38.82 44.09
CA GLY F 269 -11.03 37.47 44.02
C GLY F 269 -12.55 37.49 44.09
N LEU F 270 -13.17 36.31 44.08
CA LEU F 270 -14.63 36.21 44.18
C LEU F 270 -15.13 36.82 45.48
N ARG F 271 -15.86 37.93 45.37
CA ARG F 271 -16.42 38.69 46.49
C ARG F 271 -17.93 38.57 46.48
N LYS F 272 -18.53 38.08 47.58
CA LYS F 272 -19.99 38.15 47.80
C LYS F 272 -20.36 39.51 48.40
N ILE F 273 -21.35 40.15 47.84
CA ILE F 273 -21.88 41.45 48.26
C ILE F 273 -23.33 41.27 48.67
N GLU F 274 -23.68 41.61 49.91
CA GLU F 274 -25.04 41.50 50.43
C GLU F 274 -25.76 42.84 50.54
N TYR F 275 -25.07 43.96 50.42
CA TYR F 275 -25.58 45.30 50.75
C TYR F 275 -25.48 46.28 49.60
N GLY F 276 -26.35 47.27 49.56
CA GLY F 276 -26.34 48.32 48.54
C GLY F 276 -26.85 47.82 47.20
N ASP F 277 -26.55 48.54 46.14
CA ASP F 277 -27.01 48.29 44.78
C ASP F 277 -25.83 48.25 43.81
N PRO F 278 -25.04 47.16 43.78
CA PRO F 278 -23.75 47.14 43.11
C PRO F 278 -23.81 47.14 41.58
N PHE F 279 -24.95 46.84 40.95
CA PHE F 279 -25.08 46.77 39.50
C PHE F 279 -26.25 47.57 38.92
N GLY F 280 -26.93 48.38 39.72
CA GLY F 280 -28.00 49.26 39.27
C GLY F 280 -29.36 48.59 39.12
N ASN F 281 -29.52 47.39 39.66
CA ASN F 281 -30.78 46.64 39.62
C ASN F 281 -31.73 47.00 40.76
N GLY F 282 -31.22 47.58 41.84
CA GLY F 282 -31.94 47.91 43.07
C GLY F 282 -31.23 47.30 44.27
N ASP F 283 -31.54 47.78 45.46
CA ASP F 283 -30.81 47.38 46.66
C ASP F 283 -30.99 45.90 46.98
N LEU F 284 -29.89 45.22 47.27
CA LEU F 284 -29.85 43.79 47.52
C LEU F 284 -30.64 43.35 48.75
N GLN F 285 -30.64 44.13 49.83
CA GLN F 285 -31.47 43.80 50.98
C GLN F 285 -32.93 44.09 50.67
N ARG F 286 -33.24 45.21 50.01
CA ARG F 286 -34.62 45.55 49.65
C ARG F 286 -35.28 44.53 48.72
N ARG F 287 -34.52 43.96 47.80
CA ARG F 287 -34.96 42.91 46.86
C ARG F 287 -34.74 41.49 47.34
N ASN F 288 -34.07 41.28 48.47
CA ASN F 288 -33.66 39.96 48.97
C ASN F 288 -32.84 39.20 47.91
N ALA F 289 -31.69 39.76 47.54
CA ALA F 289 -30.80 39.27 46.50
C ALA F 289 -29.34 39.28 46.99
N VAL F 290 -28.45 38.60 46.29
CA VAL F 290 -27.02 38.56 46.57
C VAL F 290 -26.26 38.80 45.28
N ALA F 291 -25.16 39.55 45.36
CA ALA F 291 -24.30 39.82 44.22
C ALA F 291 -22.94 39.17 44.41
N TYR F 292 -22.31 38.80 43.30
CA TYR F 292 -20.94 38.29 43.24
C TYR F 292 -20.13 39.15 42.27
N LEU F 293 -18.88 39.41 42.61
CA LEU F 293 -17.98 40.28 41.85
C LEU F 293 -16.58 39.67 41.75
N MET F 294 -15.94 39.83 40.60
CA MET F 294 -14.49 39.70 40.43
C MET F 294 -13.94 40.84 39.59
N GLU F 295 -12.74 41.30 39.89
CA GLU F 295 -12.06 42.33 39.10
C GLU F 295 -10.58 42.05 38.96
N VAL F 296 -10.00 42.61 37.91
CA VAL F 296 -8.57 42.66 37.73
C VAL F 296 -8.17 44.01 37.17
N ILE F 297 -7.09 44.59 37.68
CA ILE F 297 -6.42 45.75 37.12
C ILE F 297 -5.11 45.25 36.53
N PHE F 298 -4.88 45.48 35.25
CA PHE F 298 -3.77 44.93 34.50
C PHE F 298 -3.25 45.95 33.50
N GLY F 299 -1.99 45.84 33.12
CA GLY F 299 -1.42 46.71 32.10
C GLY F 299 -0.39 45.98 31.26
N TRP F 300 -0.18 46.47 30.06
CA TRP F 300 0.78 45.93 29.13
C TRP F 300 1.35 47.01 28.21
N VAL F 301 2.52 46.75 27.65
CA VAL F 301 3.11 47.57 26.59
C VAL F 301 3.54 46.68 25.43
N VAL F 302 3.21 47.10 24.22
CA VAL F 302 3.81 46.62 22.98
C VAL F 302 4.97 47.53 22.62
N LEU F 303 6.20 47.07 22.82
CA LEU F 303 7.41 47.89 22.70
C LEU F 303 7.80 48.25 21.27
N ASP F 304 7.42 47.44 20.28
CA ASP F 304 7.49 47.75 18.86
C ASP F 304 6.28 47.11 18.18
N PRO F 305 5.41 47.85 17.49
CA PRO F 305 4.30 47.26 16.75
C PRO F 305 4.74 46.19 15.76
N ASN F 306 5.95 46.35 15.21
CA ASN F 306 6.54 45.48 14.22
C ASN F 306 7.34 44.33 14.83
N ALA F 307 7.31 44.15 16.15
CA ALA F 307 7.74 42.91 16.76
C ALA F 307 6.71 41.78 16.56
N PHE F 308 5.52 42.10 16.05
CA PHE F 308 4.44 41.17 15.80
C PHE F 308 4.01 41.20 14.36
N VAL F 309 3.44 40.10 13.89
CA VAL F 309 2.79 39.97 12.59
C VAL F 309 1.48 39.24 12.79
N VAL F 310 0.45 39.69 12.10
CA VAL F 310 -0.90 39.16 12.19
C VAL F 310 -1.21 38.42 10.91
N TYR F 311 -1.57 37.15 11.01
CA TYR F 311 -1.96 36.35 9.86
C TYR F 311 -3.48 36.27 9.79
N LYS F 312 -4.07 36.83 8.74
CA LYS F 312 -5.50 37.10 8.65
C LYS F 312 -6.06 36.56 7.34
N LEU F 313 -7.14 35.80 7.39
CA LEU F 313 -7.78 35.25 6.21
C LEU F 313 -8.27 36.36 5.27
N ALA F 314 -8.16 36.18 3.97
CA ALA F 314 -8.70 37.10 2.97
C ALA F 314 -10.24 37.24 3.06
N ALA F 315 -10.78 38.30 2.49
CA ALA F 315 -12.23 38.45 2.29
C ALA F 315 -12.72 37.63 1.09
N GLU F 316 -13.98 37.19 1.10
CA GLU F 316 -14.59 36.49 -0.03
C GLU F 316 -14.61 37.36 -1.30
N ALA G 2 -105.01 -37.04 59.36
CA ALA G 2 -104.74 -37.69 58.07
C ALA G 2 -103.32 -38.23 58.01
N THR G 3 -103.11 -39.39 57.37
CA THR G 3 -101.79 -40.00 57.22
C THR G 3 -100.91 -39.26 56.21
N LYS G 4 -99.58 -39.32 56.36
CA LYS G 4 -98.64 -38.56 55.53
C LYS G 4 -98.24 -39.31 54.25
N SER G 5 -98.16 -38.57 53.15
CA SER G 5 -97.85 -39.04 51.80
C SER G 5 -96.63 -38.34 51.23
N VAL G 6 -95.94 -38.97 50.27
CA VAL G 6 -94.75 -38.39 49.63
C VAL G 6 -94.81 -38.36 48.10
N LEU G 7 -95.66 -39.16 47.44
CA LEU G 7 -95.88 -39.07 45.99
C LEU G 7 -96.91 -37.99 45.65
N GLN G 8 -96.86 -37.39 44.46
CA GLN G 8 -97.82 -36.38 44.00
C GLN G 8 -98.59 -36.83 42.75
N PRO G 9 -99.87 -36.43 42.61
CA PRO G 9 -100.68 -35.80 43.65
C PRO G 9 -100.91 -36.75 44.83
N PRO G 10 -101.04 -36.26 46.06
CA PRO G 10 -101.18 -37.11 47.24
C PRO G 10 -102.46 -37.96 47.17
N ALA G 11 -102.42 -39.14 47.78
CA ALA G 11 -103.55 -40.06 47.84
C ALA G 11 -104.76 -39.41 48.54
N ALA G 12 -105.97 -39.73 48.09
CA ALA G 12 -107.19 -39.22 48.69
C ALA G 12 -107.26 -39.59 50.18
N GLY G 13 -107.69 -38.64 51.03
CA GLY G 13 -107.72 -38.83 52.47
C GLY G 13 -106.34 -38.85 53.14
N SER G 14 -105.34 -38.22 52.54
CA SER G 14 -103.99 -38.09 53.09
C SER G 14 -103.46 -36.67 52.94
N ALA G 15 -102.42 -36.33 53.68
CA ALA G 15 -101.67 -35.12 53.42
C ALA G 15 -100.18 -35.19 53.05
N SER G 16 -99.71 -34.32 52.18
CA SER G 16 -98.31 -34.40 51.76
C SER G 16 -97.38 -34.04 52.92
N ILE G 17 -96.38 -34.85 53.19
CA ILE G 17 -95.24 -34.41 53.99
C ILE G 17 -94.41 -33.21 53.50
N VAL G 18 -94.61 -32.82 52.23
CA VAL G 18 -93.98 -31.71 51.52
C VAL G 18 -95.06 -30.77 50.94
N GLY G 19 -96.20 -30.68 51.62
CA GLY G 19 -97.36 -29.90 51.17
C GLY G 19 -97.28 -28.40 51.45
N GLY G 20 -96.27 -27.93 52.19
CA GLY G 20 -95.97 -26.51 52.33
C GLY G 20 -95.59 -25.85 51.01
N ALA G 21 -95.59 -24.52 50.95
CA ALA G 21 -95.27 -23.79 49.73
C ALA G 21 -93.86 -24.12 49.22
N GLY G 22 -93.77 -24.58 47.97
CA GLY G 22 -92.52 -25.02 47.34
C GLY G 22 -91.91 -26.29 47.91
N GLY G 23 -92.61 -27.06 48.75
CA GLY G 23 -92.06 -28.20 49.47
C GLY G 23 -91.59 -29.34 48.57
N THR G 24 -92.16 -29.50 47.38
CA THR G 24 -91.77 -30.56 46.43
C THR G 24 -90.32 -30.44 45.95
N GLN G 25 -89.71 -29.27 46.04
CA GLN G 25 -88.28 -29.07 45.82
C GLN G 25 -87.43 -29.86 46.81
N LEU G 26 -87.97 -30.21 47.98
CA LEU G 26 -87.40 -31.22 48.86
C LEU G 26 -87.36 -32.71 48.48
N LEU G 27 -88.10 -33.11 47.44
CA LEU G 27 -88.05 -34.46 46.93
C LEU G 27 -86.79 -35.04 46.29
N PRO G 28 -86.50 -36.32 46.58
CA PRO G 28 -85.37 -36.95 45.92
C PRO G 28 -85.32 -37.03 44.38
N LYS G 29 -84.10 -36.96 43.88
CA LYS G 29 -83.82 -36.98 42.45
C LYS G 29 -82.57 -37.82 42.20
N ASN G 30 -82.67 -38.73 41.25
CA ASN G 30 -81.57 -39.59 40.84
C ASN G 30 -81.30 -39.31 39.36
N ILE G 31 -80.09 -38.86 39.05
CA ILE G 31 -79.65 -38.67 37.67
C ILE G 31 -78.74 -39.84 37.33
N SER G 32 -79.05 -40.57 36.27
CA SER G 32 -78.25 -41.71 35.85
C SER G 32 -76.94 -41.28 35.19
N GLN G 33 -75.84 -41.97 35.45
CA GLN G 33 -74.60 -41.78 34.69
C GLN G 33 -74.67 -42.41 33.29
N GLU G 34 -75.53 -43.39 33.04
CA GLU G 34 -75.79 -43.90 31.70
C GLU G 34 -76.65 -42.88 30.94
N TRP G 35 -76.16 -42.41 29.80
CA TRP G 35 -76.59 -41.14 29.25
C TRP G 35 -77.74 -41.21 28.24
N TRP G 36 -78.05 -42.37 27.68
CA TRP G 36 -78.93 -42.50 26.51
C TRP G 36 -78.54 -41.59 25.34
N LYS G 37 -77.34 -41.82 24.83
CA LYS G 37 -76.89 -41.31 23.54
C LYS G 37 -77.64 -42.04 22.42
N LYS G 38 -77.98 -41.35 21.34
CA LYS G 38 -78.39 -41.98 20.07
C LYS G 38 -77.22 -42.80 19.49
N ALA G 39 -77.53 -43.86 18.74
CA ALA G 39 -76.54 -44.84 18.28
C ALA G 39 -75.47 -44.22 17.37
N THR G 40 -74.19 -44.33 17.75
CA THR G 40 -73.06 -43.81 16.96
C THR G 40 -72.80 -44.69 15.73
N GLU G 41 -72.69 -44.08 14.55
CA GLU G 41 -72.37 -44.81 13.33
C GLU G 41 -71.00 -45.50 13.41
N GLN G 42 -70.92 -46.75 12.97
CA GLN G 42 -69.67 -47.49 12.87
C GLN G 42 -68.75 -46.80 11.85
N SER G 43 -67.51 -46.46 12.23
CA SER G 43 -66.55 -45.86 11.31
C SER G 43 -65.91 -46.94 10.43
N ILE G 44 -66.24 -46.91 9.14
CA ILE G 44 -65.74 -47.87 8.17
C ILE G 44 -64.24 -47.71 8.02
N ILE G 45 -63.77 -46.49 7.75
CA ILE G 45 -62.49 -46.30 7.08
C ILE G 45 -61.28 -46.69 7.91
N PRO G 46 -61.17 -46.35 9.20
CA PRO G 46 -60.01 -46.78 9.98
C PRO G 46 -59.93 -48.30 10.16
N THR G 47 -61.02 -49.04 9.93
CA THR G 47 -61.02 -50.51 10.02
C THR G 47 -60.79 -51.17 8.66
N LEU G 48 -61.56 -50.79 7.63
CA LEU G 48 -61.39 -51.25 6.26
C LEU G 48 -60.34 -50.43 5.50
N SER G 49 -59.13 -50.36 6.00
CA SER G 49 -58.02 -49.74 5.28
C SER G 49 -56.70 -50.27 5.77
N LYS G 50 -55.67 -50.21 4.93
CA LYS G 50 -54.30 -50.48 5.36
C LYS G 50 -53.76 -49.26 6.10
N SER G 51 -53.33 -49.43 7.33
CA SER G 51 -52.72 -48.34 8.09
C SER G 51 -51.36 -47.98 7.50
N THR G 52 -51.09 -46.69 7.30
CA THR G 52 -49.79 -46.17 6.88
C THR G 52 -49.35 -45.03 7.79
N PRO G 53 -48.05 -44.81 8.04
CA PRO G 53 -47.58 -43.51 8.50
C PRO G 53 -47.91 -42.43 7.47
N VAL G 54 -48.19 -41.22 7.94
CA VAL G 54 -48.58 -40.06 7.13
C VAL G 54 -47.88 -38.82 7.68
N ILE G 55 -47.53 -37.90 6.80
CA ILE G 55 -46.94 -36.59 7.12
C ILE G 55 -47.82 -35.49 6.54
N ILE G 56 -47.76 -34.29 7.12
CA ILE G 56 -48.59 -33.16 6.69
C ILE G 56 -48.16 -32.72 5.28
N GLY G 57 -49.15 -32.45 4.41
CA GLY G 57 -48.93 -31.96 3.06
C GLY G 57 -48.97 -33.06 2.01
N ASP G 58 -48.62 -32.70 0.77
CA ASP G 58 -48.72 -33.55 -0.42
C ASP G 58 -47.60 -34.59 -0.57
N GLY G 59 -46.68 -34.65 0.39
CA GLY G 59 -45.42 -35.39 0.31
C GLY G 59 -45.49 -36.87 0.70
N ASN G 60 -46.69 -37.40 0.87
CA ASN G 60 -46.91 -38.82 1.14
C ASN G 60 -46.90 -39.59 -0.17
N VAL G 61 -45.96 -40.51 -0.36
CA VAL G 61 -45.76 -41.22 -1.62
C VAL G 61 -45.79 -42.72 -1.39
N VAL G 62 -46.53 -43.45 -2.23
CA VAL G 62 -46.57 -44.90 -2.26
C VAL G 62 -45.93 -45.38 -3.56
N PRO G 63 -44.87 -46.21 -3.54
CA PRO G 63 -44.32 -46.83 -4.73
C PRO G 63 -45.25 -47.92 -5.25
N VAL G 64 -45.54 -47.93 -6.55
CA VAL G 64 -46.40 -48.94 -7.19
C VAL G 64 -45.62 -49.68 -8.26
N LEU G 65 -45.60 -51.02 -8.25
CA LEU G 65 -44.91 -51.79 -9.27
C LEU G 65 -45.74 -51.84 -10.56
N THR G 66 -45.34 -51.07 -11.57
CA THR G 66 -46.09 -50.87 -12.81
C THR G 66 -45.86 -51.99 -13.83
N LYS G 67 -44.63 -52.50 -13.94
CA LYS G 67 -44.29 -53.67 -14.75
C LYS G 67 -43.49 -54.66 -13.93
N ARG G 68 -43.78 -55.93 -14.14
CA ARG G 68 -43.29 -57.06 -13.34
C ARG G 68 -42.45 -57.98 -14.23
N PRO G 69 -41.34 -58.54 -13.75
CA PRO G 69 -40.50 -59.42 -14.55
C PRO G 69 -41.22 -60.73 -14.91
N SER G 70 -40.88 -61.27 -16.08
CA SER G 70 -41.42 -62.52 -16.60
C SER G 70 -40.28 -63.48 -16.91
N ALA G 71 -40.30 -64.69 -16.34
CA ALA G 71 -39.31 -65.71 -16.62
C ALA G 71 -39.48 -66.29 -18.03
N SER G 72 -38.51 -67.07 -18.48
CA SER G 72 -38.56 -67.81 -19.74
C SER G 72 -37.87 -69.16 -19.60
N ILE G 73 -38.20 -70.09 -20.50
CA ILE G 73 -37.57 -71.40 -20.56
C ILE G 73 -36.37 -71.34 -21.51
N ILE G 74 -35.19 -71.59 -20.98
CA ILE G 74 -33.91 -71.49 -21.69
C ILE G 74 -33.34 -72.90 -21.84
N GLY G 75 -33.06 -73.33 -23.07
CA GLY G 75 -32.47 -74.62 -23.36
C GLY G 75 -31.01 -74.74 -22.95
N GLU G 76 -30.44 -75.93 -23.11
CA GLU G 76 -29.01 -76.19 -22.94
C GLU G 76 -28.19 -75.31 -23.90
N LEU G 77 -27.30 -74.48 -23.36
CA LEU G 77 -26.48 -73.51 -24.09
C LEU G 77 -27.27 -72.50 -24.96
N GLN G 78 -28.57 -72.30 -24.73
CA GLN G 78 -29.33 -71.21 -25.32
C GLN G 78 -29.04 -69.89 -24.60
N ASN G 79 -29.14 -68.75 -25.28
CA ASN G 79 -28.92 -67.42 -24.70
C ASN G 79 -29.96 -67.10 -23.62
N LYS G 80 -29.51 -66.86 -22.38
CA LYS G 80 -30.34 -66.31 -21.31
C LYS G 80 -30.82 -64.91 -21.70
N VAL G 81 -32.00 -64.51 -21.22
CA VAL G 81 -32.58 -63.20 -21.53
C VAL G 81 -32.93 -62.43 -20.28
N ASP G 82 -32.75 -61.11 -20.33
CA ASP G 82 -33.07 -60.15 -19.28
C ASP G 82 -34.50 -59.60 -19.49
N SER G 83 -35.16 -59.03 -18.48
CA SER G 83 -36.63 -58.83 -18.47
C SER G 83 -37.09 -57.42 -18.05
N GLU G 84 -38.34 -57.05 -18.36
CA GLU G 84 -39.02 -55.83 -17.89
C GLU G 84 -39.12 -55.71 -16.36
N LEU G 85 -39.08 -54.49 -15.84
CA LEU G 85 -39.33 -54.09 -14.45
C LEU G 85 -39.52 -52.59 -14.44
N GLU G 86 -40.60 -52.08 -13.85
CA GLU G 86 -40.87 -50.65 -13.83
C GLU G 86 -41.67 -50.29 -12.59
N VAL G 87 -41.37 -49.16 -11.98
CA VAL G 87 -42.05 -48.65 -10.80
C VAL G 87 -42.64 -47.27 -11.12
N GLY G 88 -43.84 -47.02 -10.61
CA GLY G 88 -44.53 -45.74 -10.61
C GLY G 88 -44.76 -45.27 -9.18
N ALA G 89 -45.54 -44.23 -8.98
CA ALA G 89 -45.95 -43.85 -7.64
C ALA G 89 -47.29 -43.13 -7.63
N LYS G 90 -47.98 -43.26 -6.51
CA LYS G 90 -49.16 -42.46 -6.14
C LYS G 90 -48.74 -41.57 -4.99
N ASN G 91 -49.26 -40.35 -4.93
CA ASN G 91 -49.06 -39.47 -3.78
C ASN G 91 -50.39 -38.89 -3.29
N PHE G 92 -50.43 -38.46 -2.03
CA PHE G 92 -51.65 -37.91 -1.44
C PHE G 92 -51.38 -36.77 -0.45
N LYS G 93 -52.30 -35.81 -0.43
CA LYS G 93 -52.32 -34.75 0.58
C LYS G 93 -53.10 -35.15 1.81
N THR G 94 -52.70 -34.61 2.94
CA THR G 94 -53.53 -34.57 4.14
C THR G 94 -54.58 -33.47 4.06
N ILE G 95 -55.66 -33.63 4.80
CA ILE G 95 -56.62 -32.59 5.15
C ILE G 95 -56.86 -32.60 6.65
N LYS G 96 -57.49 -31.55 7.17
CA LYS G 96 -57.76 -31.38 8.61
C LYS G 96 -59.25 -31.39 8.89
N ALA G 97 -59.68 -32.19 9.85
CA ALA G 97 -61.02 -32.14 10.42
C ALA G 97 -60.93 -31.58 11.83
N GLU G 98 -61.79 -30.64 12.18
CA GLU G 98 -61.88 -30.08 13.52
C GLU G 98 -63.33 -30.07 13.99
N VAL G 99 -63.52 -30.23 15.29
CA VAL G 99 -64.79 -30.03 15.97
C VAL G 99 -64.55 -29.19 17.21
N GLY G 100 -65.45 -28.24 17.46
CA GLY G 100 -65.34 -27.34 18.59
C GLY G 100 -66.66 -27.08 19.28
N LEU G 101 -66.62 -26.98 20.60
CA LEU G 101 -67.76 -26.67 21.46
C LEU G 101 -67.40 -25.50 22.36
N GLU G 102 -68.35 -24.62 22.64
CA GLU G 102 -68.12 -23.47 23.52
C GLU G 102 -69.23 -23.35 24.57
N PHE G 103 -68.84 -23.11 25.82
CA PHE G 103 -69.70 -23.11 26.98
C PHE G 103 -69.47 -21.87 27.84
N SER G 104 -70.51 -21.28 28.40
CA SER G 104 -70.35 -20.27 29.45
C SER G 104 -69.65 -20.84 30.68
N LEU G 105 -68.98 -20.00 31.47
CA LEU G 105 -68.36 -20.42 32.72
C LEU G 105 -69.38 -21.05 33.67
N GLU G 106 -70.60 -20.54 33.73
CA GLU G 106 -71.66 -21.13 34.51
C GLU G 106 -71.98 -22.56 34.07
N THR G 107 -71.94 -22.85 32.78
CA THR G 107 -72.12 -24.22 32.26
C THR G 107 -70.98 -25.13 32.69
N ILE G 108 -69.73 -24.66 32.62
CA ILE G 108 -68.56 -25.42 33.06
C ILE G 108 -68.63 -25.73 34.55
N LEU G 109 -69.03 -24.76 35.38
CA LEU G 109 -69.10 -24.94 36.83
C LEU G 109 -70.32 -25.78 37.24
N THR G 110 -71.43 -25.68 36.52
CA THR G 110 -72.62 -26.49 36.75
C THR G 110 -72.40 -27.95 36.36
N ASN G 111 -71.83 -28.20 35.18
CA ASN G 111 -71.64 -29.50 34.55
C ASN G 111 -72.91 -30.38 34.53
N PRO G 112 -73.98 -29.97 33.82
CA PRO G 112 -75.28 -30.66 33.83
C PRO G 112 -75.17 -32.16 33.50
N ALA G 113 -75.62 -33.03 34.41
CA ALA G 113 -75.56 -34.49 34.27
C ALA G 113 -74.16 -35.04 33.92
N GLY G 114 -73.08 -34.31 34.20
CA GLY G 114 -71.73 -34.71 33.82
C GLY G 114 -71.41 -34.56 32.33
N ILE G 115 -72.07 -33.67 31.60
CA ILE G 115 -71.87 -33.46 30.16
C ILE G 115 -70.40 -33.25 29.77
N LEU G 116 -69.60 -32.53 30.55
CA LEU G 116 -68.17 -32.34 30.27
C LEU G 116 -67.38 -33.65 30.27
N ASP G 117 -67.89 -34.69 30.92
CA ASP G 117 -67.24 -35.99 30.97
C ASP G 117 -67.49 -36.81 29.69
N ILE G 118 -68.45 -36.42 28.85
CA ILE G 118 -68.78 -37.11 27.60
C ILE G 118 -68.43 -36.32 26.34
N ILE G 119 -68.08 -35.04 26.41
CA ILE G 119 -67.76 -34.27 25.19
C ILE G 119 -66.56 -34.83 24.43
N GLY G 120 -65.54 -35.37 25.10
CA GLY G 120 -64.39 -35.97 24.41
C GLY G 120 -64.77 -37.16 23.55
N GLU G 121 -65.68 -38.01 24.03
CA GLU G 121 -66.23 -39.11 23.25
C GLU G 121 -67.10 -38.62 22.10
N GLU G 122 -67.96 -37.63 22.32
CA GLU G 122 -68.82 -37.07 21.28
C GLU G 122 -68.04 -36.33 20.18
N MET G 123 -66.97 -35.63 20.55
CA MET G 123 -66.10 -34.92 19.62
C MET G 123 -65.22 -35.89 18.83
N SER G 124 -64.54 -36.83 19.48
CA SER G 124 -63.78 -37.85 18.75
C SER G 124 -64.68 -38.72 17.85
N GLY G 125 -65.92 -38.96 18.25
CA GLY G 125 -66.93 -39.55 17.38
C GLY G 125 -67.30 -38.69 16.19
N ALA G 126 -67.48 -37.39 16.36
CA ALA G 126 -67.77 -36.48 15.25
C ALA G 126 -66.62 -36.42 14.23
N LEU G 127 -65.38 -36.46 14.70
CA LEU G 127 -64.20 -36.54 13.84
C LEU G 127 -64.17 -37.84 13.05
N ALA G 128 -64.43 -38.98 13.70
CA ALA G 128 -64.48 -40.27 13.03
C ALA G 128 -65.55 -40.31 11.94
N ARG G 129 -66.71 -39.71 12.15
CA ARG G 129 -67.73 -39.59 11.10
C ARG G 129 -67.31 -38.65 9.98
N GLN G 130 -66.55 -37.60 10.25
CA GLN G 130 -66.00 -36.73 9.22
C GLN G 130 -64.89 -37.43 8.42
N VAL G 131 -64.07 -38.27 9.03
CA VAL G 131 -63.13 -39.11 8.28
C VAL G 131 -63.88 -39.99 7.28
N ASP G 132 -64.89 -40.74 7.70
CA ASP G 132 -65.70 -41.52 6.78
C ASP G 132 -66.36 -40.64 5.70
N ALA G 133 -66.96 -39.52 6.05
CA ALA G 133 -67.62 -38.64 5.09
C ALA G 133 -66.67 -38.06 4.04
N ALA G 134 -65.44 -37.71 4.43
CA ALA G 134 -64.44 -37.20 3.52
C ALA G 134 -63.95 -38.29 2.58
N VAL G 135 -63.48 -39.40 3.13
CA VAL G 135 -62.86 -40.49 2.39
C VAL G 135 -63.86 -41.21 1.49
N ILE G 136 -65.08 -41.47 1.97
CA ILE G 136 -66.09 -42.16 1.17
C ILE G 136 -66.73 -41.21 0.18
N HIS G 137 -67.28 -40.08 0.63
CA HIS G 137 -68.21 -39.27 -0.15
C HIS G 137 -67.66 -37.95 -0.66
N ASN G 138 -66.47 -37.53 -0.24
CA ASN G 138 -65.96 -36.17 -0.44
C ASN G 138 -66.86 -35.10 0.21
N ARG G 139 -67.37 -35.34 1.42
CA ARG G 139 -68.33 -34.45 2.09
C ARG G 139 -67.80 -33.81 3.37
N GLN G 140 -68.26 -32.61 3.65
CA GLN G 140 -68.22 -32.03 4.98
C GLN G 140 -69.38 -32.57 5.83
N SER G 141 -69.12 -33.11 7.02
CA SER G 141 -70.14 -33.60 7.95
C SER G 141 -71.11 -32.52 8.40
N SER G 142 -70.62 -31.32 8.72
CA SER G 142 -71.38 -30.27 9.38
C SER G 142 -72.44 -29.60 8.52
N ASN G 143 -72.36 -29.69 7.19
CA ASN G 143 -73.38 -29.16 6.28
C ASN G 143 -73.69 -30.06 5.08
N GLY G 144 -73.02 -31.20 4.93
CA GLY G 144 -73.23 -32.13 3.82
C GLY G 144 -72.74 -31.65 2.45
N ALA G 145 -72.05 -30.53 2.36
CA ALA G 145 -71.51 -30.01 1.11
C ALA G 145 -70.29 -30.81 0.61
N GLN G 146 -70.02 -30.74 -0.69
CA GLN G 146 -68.79 -31.28 -1.27
C GLN G 146 -67.56 -30.54 -0.74
N LEU G 147 -66.51 -31.27 -0.39
CA LEU G 147 -65.21 -30.69 -0.09
C LEU G 147 -64.60 -30.10 -1.36
N THR G 148 -64.04 -28.89 -1.26
CA THR G 148 -63.31 -28.22 -2.35
C THR G 148 -61.80 -28.49 -2.28
N SER G 149 -61.35 -29.22 -1.27
CA SER G 149 -59.99 -29.77 -1.15
C SER G 149 -59.61 -30.64 -2.36
N GLY G 150 -58.31 -30.84 -2.57
CA GLY G 150 -57.79 -31.61 -3.72
C GLY G 150 -57.85 -33.14 -3.59
N THR G 151 -58.41 -33.67 -2.51
CA THR G 151 -58.50 -35.10 -2.20
C THR G 151 -59.47 -35.86 -3.11
N VAL G 152 -59.23 -37.15 -3.33
CA VAL G 152 -60.09 -38.03 -4.15
C VAL G 152 -60.81 -39.04 -3.27
N SER G 153 -62.14 -39.04 -3.23
CA SER G 153 -62.89 -40.02 -2.43
C SER G 153 -62.97 -41.38 -3.10
N ILE G 154 -63.25 -42.44 -2.34
CA ILE G 154 -63.51 -43.78 -2.88
C ILE G 154 -64.61 -43.74 -3.95
N THR G 155 -65.66 -42.96 -3.74
CA THR G 155 -66.78 -42.85 -4.68
C THR G 155 -66.48 -42.01 -5.91
N ALA G 156 -65.43 -41.19 -5.91
CA ALA G 156 -65.04 -40.42 -7.08
C ALA G 156 -64.35 -41.34 -8.11
N GLY G 157 -65.00 -41.56 -9.26
CA GLY G 157 -64.43 -42.33 -10.36
C GLY G 157 -64.31 -43.85 -10.16
N ALA G 158 -64.72 -44.40 -9.03
CA ALA G 158 -64.95 -45.85 -8.93
C ALA G 158 -66.12 -46.25 -9.85
N PRO G 159 -66.06 -47.42 -10.51
CA PRO G 159 -67.19 -47.93 -11.28
C PRO G 159 -68.41 -48.18 -10.39
N THR G 160 -69.60 -48.05 -10.97
CA THR G 160 -70.85 -48.23 -10.22
C THR G 160 -71.70 -49.36 -10.78
N VAL G 161 -72.44 -50.02 -9.90
CA VAL G 161 -73.50 -50.97 -10.24
C VAL G 161 -74.81 -50.34 -9.83
N GLU G 162 -75.72 -50.17 -10.78
CA GLU G 162 -77.03 -49.60 -10.50
C GLU G 162 -78.01 -50.66 -9.96
N LEU G 163 -78.33 -50.58 -8.68
CA LEU G 163 -79.31 -51.43 -8.01
C LEU G 163 -80.74 -51.05 -8.41
N PRO G 164 -81.64 -52.00 -8.70
CA PRO G 164 -83.04 -51.71 -8.97
C PRO G 164 -83.71 -51.04 -7.77
N LEU G 165 -84.55 -50.05 -8.06
CA LEU G 165 -85.27 -49.28 -7.05
C LEU G 165 -86.55 -49.97 -6.56
N THR G 166 -87.13 -50.86 -7.36
CA THR G 166 -88.40 -51.56 -7.12
C THR G 166 -88.38 -52.42 -5.86
N ALA G 167 -89.45 -52.38 -5.07
CA ALA G 167 -89.57 -53.16 -3.84
C ALA G 167 -89.66 -54.68 -4.11
N GLY G 168 -89.01 -55.48 -3.27
CA GLY G 168 -89.02 -56.95 -3.35
C GLY G 168 -88.18 -57.57 -4.48
N VAL G 169 -87.61 -56.77 -5.40
CA VAL G 169 -86.63 -57.25 -6.38
C VAL G 169 -85.36 -57.70 -5.67
N ASP G 170 -84.81 -58.85 -6.06
CA ASP G 170 -83.58 -59.37 -5.48
C ASP G 170 -82.35 -58.64 -6.01
N ILE G 171 -81.56 -58.03 -5.12
CA ILE G 171 -80.32 -57.35 -5.48
C ILE G 171 -79.08 -58.24 -5.36
N ASP G 172 -79.21 -59.48 -4.89
CA ASP G 172 -78.09 -60.40 -4.77
C ASP G 172 -77.31 -60.65 -6.07
N PRO G 173 -77.92 -60.73 -7.27
CA PRO G 173 -77.17 -60.84 -8.52
C PRO G 173 -76.22 -59.66 -8.77
N PHE G 174 -76.62 -58.47 -8.36
CA PHE G 174 -75.87 -57.24 -8.61
C PHE G 174 -74.62 -57.19 -7.76
N LEU G 175 -74.63 -57.72 -6.54
CA LEU G 175 -73.43 -57.86 -5.73
C LEU G 175 -72.37 -58.78 -6.38
N TRP G 176 -72.78 -59.76 -7.19
CA TRP G 176 -71.84 -60.56 -7.97
C TRP G 176 -71.36 -59.84 -9.22
N GLU G 177 -72.21 -59.07 -9.90
CA GLU G 177 -71.78 -58.24 -11.02
C GLU G 177 -70.67 -57.25 -10.61
N GLY G 178 -70.78 -56.66 -9.44
CA GLY G 178 -69.74 -55.77 -8.94
C GLY G 178 -68.47 -56.51 -8.55
N TYR G 179 -68.56 -57.65 -7.88
CA TYR G 179 -67.38 -58.48 -7.59
C TYR G 179 -66.64 -58.87 -8.88
N ASN G 180 -67.38 -59.24 -9.92
CA ASN G 180 -66.81 -59.54 -11.22
C ASN G 180 -66.14 -58.31 -11.84
N THR G 181 -66.75 -57.14 -11.71
CA THR G 181 -66.17 -55.87 -12.18
C THR G 181 -64.82 -55.58 -11.53
N VAL G 182 -64.68 -55.78 -10.22
CA VAL G 182 -63.40 -55.57 -9.53
C VAL G 182 -62.36 -56.62 -9.90
N THR G 183 -62.75 -57.89 -9.99
CA THR G 183 -61.78 -58.99 -10.07
C THR G 183 -61.47 -59.45 -11.49
N GLU G 184 -62.44 -59.49 -12.40
CA GLU G 184 -62.21 -59.89 -13.79
C GLU G 184 -61.85 -58.69 -14.66
N ALA G 185 -62.69 -57.66 -14.68
CA ALA G 185 -62.52 -56.51 -15.56
C ALA G 185 -61.34 -55.62 -15.14
N ALA G 186 -61.28 -55.22 -13.86
CA ALA G 186 -60.17 -54.42 -13.34
C ALA G 186 -58.96 -55.24 -12.87
N GLY G 187 -59.12 -56.52 -12.54
CA GLY G 187 -58.01 -57.41 -12.21
C GLY G 187 -57.46 -57.33 -10.78
N ASN G 188 -58.15 -56.65 -9.86
CA ASN G 188 -57.68 -56.53 -8.48
C ASN G 188 -58.00 -57.77 -7.62
N ASN G 189 -57.51 -57.81 -6.38
CA ASN G 189 -58.11 -58.66 -5.34
C ASN G 189 -59.52 -58.18 -4.99
N PHE G 190 -60.20 -58.92 -4.13
CA PHE G 190 -61.40 -58.46 -3.44
C PHE G 190 -61.28 -58.88 -1.98
N SER G 191 -61.68 -58.03 -1.06
CA SER G 191 -61.29 -58.13 0.35
C SER G 191 -62.45 -57.94 1.32
N GLY G 192 -63.61 -57.46 0.87
CA GLY G 192 -64.77 -57.28 1.72
C GLY G 192 -65.73 -56.23 1.21
N PHE G 193 -66.75 -55.95 2.01
CA PHE G 193 -67.76 -54.94 1.75
C PHE G 193 -67.91 -53.95 2.92
N ALA G 194 -68.28 -52.72 2.59
CA ALA G 194 -69.02 -51.86 3.48
C ALA G 194 -70.47 -51.84 2.99
N PHE G 195 -71.43 -52.13 3.87
CA PHE G 195 -72.85 -52.13 3.57
C PHE G 195 -73.54 -50.99 4.30
N ASP G 196 -74.48 -50.34 3.64
CA ASP G 196 -75.50 -49.58 4.35
C ASP G 196 -76.54 -50.56 4.92
N PRO G 197 -77.07 -50.37 6.14
CA PRO G 197 -78.06 -51.28 6.70
C PRO G 197 -79.31 -51.48 5.86
N ARG G 198 -79.69 -50.53 5.01
CA ARG G 198 -80.82 -50.68 4.08
C ARG G 198 -80.55 -51.71 3.00
N LEU G 199 -79.30 -51.98 2.63
CA LEU G 199 -78.95 -53.07 1.72
C LEU G 199 -79.31 -54.41 2.36
N THR G 200 -78.88 -54.64 3.59
CA THR G 200 -79.15 -55.87 4.35
C THR G 200 -80.65 -56.15 4.46
N TYR G 201 -81.48 -55.14 4.67
CA TYR G 201 -82.92 -55.30 4.64
C TYR G 201 -83.45 -55.67 3.25
N VAL G 202 -82.98 -55.02 2.19
CA VAL G 202 -83.41 -55.34 0.82
C VAL G 202 -82.97 -56.73 0.39
N LEU G 203 -81.80 -57.20 0.81
CA LEU G 203 -81.38 -58.59 0.64
C LEU G 203 -82.30 -59.55 1.39
N ALA G 204 -82.47 -59.36 2.69
CA ALA G 204 -83.21 -60.26 3.55
C ALA G 204 -84.71 -60.34 3.23
N THR G 205 -85.29 -59.31 2.60
CA THR G 205 -86.71 -59.30 2.22
C THR G 205 -86.98 -59.70 0.78
N ALA G 206 -85.97 -60.06 -0.01
CA ALA G 206 -86.18 -60.63 -1.34
C ALA G 206 -86.76 -62.05 -1.24
N ARG G 207 -87.91 -62.28 -1.89
CA ARG G 207 -88.66 -63.53 -1.82
C ARG G 207 -89.09 -63.99 -3.21
N ASP G 208 -89.12 -65.30 -3.43
CA ASP G 208 -89.60 -65.89 -4.68
C ASP G 208 -91.13 -65.88 -4.79
N SER G 209 -91.67 -66.47 -5.85
CA SER G 209 -93.11 -66.55 -6.12
C SER G 209 -93.88 -67.42 -5.12
N ASP G 210 -93.23 -68.31 -4.38
CA ASP G 210 -93.82 -69.07 -3.27
C ASP G 210 -93.72 -68.32 -1.93
N GLY G 211 -93.03 -67.19 -1.89
CA GLY G 211 -92.82 -66.40 -0.70
C GLY G 211 -91.64 -66.85 0.15
N ARG G 212 -90.77 -67.73 -0.36
CA ARG G 212 -89.56 -68.17 0.33
C ARG G 212 -88.44 -67.17 0.12
N ARG G 213 -87.64 -66.88 1.15
CA ARG G 213 -86.49 -65.98 1.05
C ARG G 213 -85.48 -66.47 0.01
N LEU G 214 -85.07 -65.59 -0.90
CA LEU G 214 -84.00 -65.86 -1.85
C LEU G 214 -82.62 -65.79 -1.18
N ASN G 215 -82.46 -64.98 -0.13
CA ASN G 215 -81.20 -64.77 0.58
C ASN G 215 -81.33 -65.17 2.06
N PRO G 216 -81.52 -66.46 2.37
CA PRO G 216 -81.92 -66.90 3.71
C PRO G 216 -80.83 -66.76 4.77
N ASP G 217 -79.56 -66.70 4.39
CA ASP G 217 -78.43 -66.61 5.33
C ASP G 217 -78.23 -65.21 5.93
N ILE G 218 -78.91 -64.20 5.41
CA ILE G 218 -78.78 -62.81 5.87
C ILE G 218 -79.47 -62.64 7.24
N ASN G 219 -78.70 -62.31 8.26
CA ASN G 219 -79.21 -62.03 9.61
C ASN G 219 -79.84 -60.63 9.71
N MET G 220 -80.54 -60.39 10.82
CA MET G 220 -81.28 -59.16 11.06
C MET G 220 -80.47 -58.21 11.95
N GLY G 221 -80.21 -56.99 11.46
CA GLY G 221 -79.64 -55.89 12.24
C GLY G 221 -78.20 -56.05 12.74
N GLN G 222 -77.46 -57.07 12.30
CA GLN G 222 -76.12 -57.38 12.78
C GLN G 222 -75.06 -56.39 12.24
N THR G 223 -74.21 -55.82 13.09
CA THR G 223 -73.25 -54.77 12.68
C THR G 223 -72.04 -55.34 11.91
N VAL G 224 -71.41 -56.38 12.45
CA VAL G 224 -70.37 -57.12 11.74
C VAL G 224 -70.66 -58.55 11.25
N THR G 225 -70.54 -58.72 9.95
CA THR G 225 -71.11 -59.85 9.22
C THR G 225 -70.12 -60.40 8.20
N SER G 226 -70.54 -61.40 7.44
CA SER G 226 -69.92 -61.75 6.18
C SER G 226 -71.01 -61.96 5.14
N TYR G 227 -70.67 -61.76 3.87
CA TYR G 227 -71.54 -62.06 2.76
C TYR G 227 -70.76 -62.91 1.77
N SER G 228 -71.26 -64.09 1.41
CA SER G 228 -70.56 -65.04 0.55
C SER G 228 -69.11 -65.32 0.99
N GLY G 229 -68.87 -65.36 2.30
CA GLY G 229 -67.55 -65.58 2.88
C GLY G 229 -66.61 -64.37 2.90
N GLN G 230 -66.92 -63.29 2.19
CA GLN G 230 -66.23 -62.01 2.34
C GLN G 230 -66.69 -61.29 3.61
N PRO G 231 -65.82 -60.68 4.41
CA PRO G 231 -66.25 -59.87 5.55
C PRO G 231 -67.05 -58.66 5.09
N ALA G 232 -68.05 -58.26 5.86
CA ALA G 232 -68.91 -57.13 5.55
C ALA G 232 -69.24 -56.32 6.81
N ILE G 233 -69.00 -55.02 6.77
CA ILE G 233 -69.25 -54.10 7.88
C ILE G 233 -70.47 -53.26 7.54
N ASN G 234 -71.47 -53.19 8.42
CA ASN G 234 -72.61 -52.30 8.23
C ASN G 234 -72.34 -50.92 8.83
N SER G 235 -72.65 -49.84 8.11
CA SER G 235 -72.73 -48.49 8.66
C SER G 235 -73.57 -47.57 7.80
N ARG G 236 -74.33 -46.64 8.40
CA ARG G 236 -75.03 -45.58 7.66
C ARG G 236 -74.08 -44.56 7.05
N THR G 237 -72.80 -44.53 7.40
CA THR G 237 -71.82 -43.71 6.68
C THR G 237 -71.69 -44.14 5.23
N VAL G 238 -72.09 -45.35 4.85
CA VAL G 238 -72.14 -45.80 3.46
C VAL G 238 -73.26 -45.11 2.70
N GLY G 239 -74.49 -45.02 3.21
CA GLY G 239 -75.54 -44.24 2.57
C GLY G 239 -75.31 -42.73 2.65
N GLY G 240 -74.65 -42.27 3.70
CA GLY G 240 -74.15 -40.90 3.83
C GLY G 240 -75.14 -39.91 4.41
N ASP G 241 -76.37 -40.31 4.74
CA ASP G 241 -77.31 -39.53 5.54
C ASP G 241 -76.94 -39.61 7.03
N VAL G 242 -75.78 -39.02 7.33
CA VAL G 242 -75.15 -38.94 8.64
C VAL G 242 -74.77 -37.49 8.88
N ASP G 243 -74.83 -37.01 10.12
CA ASP G 243 -74.69 -35.59 10.44
C ASP G 243 -75.65 -34.76 9.56
N ALA G 244 -75.18 -33.72 8.86
CA ALA G 244 -76.01 -32.93 7.95
C ALA G 244 -76.14 -33.49 6.52
N GLY G 245 -75.55 -34.65 6.22
CA GLY G 245 -75.58 -35.25 4.88
C GLY G 245 -76.97 -35.73 4.46
N THR G 246 -77.23 -35.71 3.14
CA THR G 246 -78.38 -36.37 2.51
C THR G 246 -78.08 -37.83 2.19
N ASP G 247 -79.09 -38.65 1.92
CA ASP G 247 -78.87 -40.00 1.43
C ASP G 247 -78.38 -39.96 -0.02
N THR G 248 -77.19 -40.49 -0.27
CA THR G 248 -76.58 -40.56 -1.61
C THR G 248 -77.20 -41.62 -2.52
N GLY G 249 -77.99 -42.54 -1.96
CA GLY G 249 -78.47 -43.72 -2.66
C GLY G 249 -77.42 -44.82 -2.76
N ILE G 250 -76.19 -44.63 -2.25
CA ILE G 250 -75.19 -45.68 -2.17
C ILE G 250 -75.62 -46.67 -1.09
N ARG G 251 -75.49 -47.97 -1.37
CA ARG G 251 -75.91 -49.03 -0.47
C ARG G 251 -74.85 -50.06 -0.17
N ALA G 252 -73.84 -50.20 -1.02
CA ALA G 252 -72.65 -50.93 -0.67
C ALA G 252 -71.44 -50.36 -1.38
N ILE G 253 -70.27 -50.64 -0.84
CA ILE G 253 -69.00 -50.50 -1.52
C ILE G 253 -68.27 -51.82 -1.33
N GLY G 254 -67.75 -52.41 -2.38
CA GLY G 254 -66.95 -53.63 -2.29
C GLY G 254 -65.63 -53.43 -2.98
N GLY G 255 -64.57 -54.10 -2.55
CA GLY G 255 -63.30 -53.97 -3.21
C GLY G 255 -62.12 -54.56 -2.48
N ASP G 256 -60.93 -54.23 -2.94
CA ASP G 256 -59.70 -54.50 -2.23
C ASP G 256 -59.41 -53.40 -1.23
N TRP G 257 -59.79 -53.58 0.03
CA TRP G 257 -59.58 -52.57 1.06
C TRP G 257 -58.11 -52.38 1.45
N ASP G 258 -57.17 -53.15 0.89
CA ASP G 258 -55.75 -52.81 0.97
C ASP G 258 -55.30 -51.86 -0.14
N ALA G 259 -56.12 -51.65 -1.19
CA ALA G 259 -55.92 -50.58 -2.15
C ALA G 259 -56.28 -49.20 -1.58
N LEU G 260 -56.87 -49.13 -0.38
CA LEU G 260 -57.03 -47.91 0.38
C LEU G 260 -56.03 -47.90 1.52
N ARG G 261 -55.07 -46.99 1.48
CA ARG G 261 -54.19 -46.72 2.62
C ARG G 261 -54.67 -45.47 3.32
N PHE G 262 -54.62 -45.45 4.64
CA PHE G 262 -55.13 -44.36 5.46
C PHE G 262 -54.23 -44.14 6.67
N GLY G 263 -54.11 -42.90 7.14
CA GLY G 263 -53.49 -42.67 8.43
C GLY G 263 -53.65 -41.25 8.93
N TYR G 264 -53.21 -41.05 10.17
CA TYR G 264 -53.18 -39.76 10.83
C TYR G 264 -51.78 -39.17 10.78
N ALA G 265 -51.65 -37.94 10.30
CA ALA G 265 -50.43 -37.17 10.38
C ALA G 265 -50.24 -36.63 11.80
N HIS G 266 -51.30 -36.07 12.38
CA HIS G 266 -51.30 -35.43 13.68
C HIS G 266 -52.69 -35.53 14.30
N GLN G 267 -52.76 -35.68 15.62
CA GLN G 267 -54.01 -35.62 16.38
C GLN G 267 -53.87 -34.64 17.53
N ILE G 268 -54.84 -33.74 17.66
CA ILE G 268 -54.98 -32.86 18.81
C ILE G 268 -56.16 -33.39 19.62
N GLY G 269 -55.86 -33.93 20.80
CA GLY G 269 -56.87 -34.41 21.74
C GLY G 269 -57.70 -33.26 22.30
N LEU G 270 -58.66 -33.56 23.18
CA LEU G 270 -59.55 -32.54 23.74
C LEU G 270 -58.75 -31.42 24.40
N ARG G 271 -58.77 -30.23 23.81
CA ARG G 271 -57.98 -29.07 24.25
C ARG G 271 -58.91 -27.98 24.74
N LYS G 272 -58.71 -27.52 25.98
CA LYS G 272 -59.42 -26.40 26.56
C LYS G 272 -58.75 -25.08 26.17
N ILE G 273 -59.51 -24.16 25.61
CA ILE G 273 -59.09 -22.84 25.17
C ILE G 273 -59.81 -21.79 26.02
N GLU G 274 -59.06 -20.87 26.63
CA GLU G 274 -59.62 -19.90 27.59
C GLU G 274 -59.50 -18.44 27.14
N TYR G 275 -58.86 -18.16 26.00
CA TYR G 275 -58.55 -16.80 25.54
C TYR G 275 -58.84 -16.61 24.05
N GLY G 276 -59.10 -15.38 23.64
CA GLY G 276 -59.38 -15.05 22.24
C GLY G 276 -60.79 -15.44 21.83
N ASP G 277 -61.06 -15.47 20.53
CA ASP G 277 -62.34 -15.78 19.92
C ASP G 277 -62.18 -16.94 18.92
N PRO G 278 -62.04 -18.20 19.39
CA PRO G 278 -61.64 -19.32 18.56
C PRO G 278 -62.69 -19.77 17.55
N PHE G 279 -63.96 -19.37 17.67
CA PHE G 279 -65.05 -19.84 16.81
C PHE G 279 -65.94 -18.74 16.25
N GLY G 280 -65.63 -17.46 16.51
CA GLY G 280 -66.36 -16.32 15.97
C GLY G 280 -67.60 -15.91 16.76
N ASN G 281 -67.76 -16.42 17.97
CA ASN G 281 -68.88 -16.08 18.86
C ASN G 281 -68.59 -14.84 19.72
N GLY G 282 -67.32 -14.47 19.88
CA GLY G 282 -66.85 -13.37 20.72
C GLY G 282 -65.76 -13.83 21.67
N ASP G 283 -65.05 -12.88 22.28
CA ASP G 283 -63.91 -13.22 23.12
C ASP G 283 -64.32 -14.01 24.38
N LEU G 284 -63.59 -15.08 24.66
CA LEU G 284 -63.88 -15.98 25.76
C LEU G 284 -63.73 -15.35 27.13
N GLN G 285 -62.78 -14.44 27.34
CA GLN G 285 -62.66 -13.74 28.60
C GLN G 285 -63.76 -12.68 28.71
N ARG G 286 -64.10 -11.99 27.62
CA ARG G 286 -65.18 -10.99 27.64
C ARG G 286 -66.54 -11.60 27.94
N ARG G 287 -66.86 -12.73 27.33
CA ARG G 287 -68.11 -13.47 27.52
C ARG G 287 -68.11 -14.41 28.72
N ASN G 288 -67.01 -14.53 29.45
CA ASN G 288 -66.82 -15.50 30.53
C ASN G 288 -67.22 -16.90 30.07
N ALA G 289 -66.49 -17.43 29.09
CA ALA G 289 -66.75 -18.67 28.40
C ALA G 289 -65.48 -19.49 28.22
N VAL G 290 -65.64 -20.76 27.88
CA VAL G 290 -64.55 -21.70 27.63
C VAL G 290 -64.85 -22.45 26.34
N ALA G 291 -63.84 -22.63 25.51
CA ALA G 291 -63.93 -23.40 24.29
C ALA G 291 -63.19 -24.73 24.43
N TYR G 292 -63.74 -25.77 23.84
CA TYR G 292 -63.08 -27.05 23.65
C TYR G 292 -62.87 -27.29 22.17
N LEU G 293 -61.68 -27.72 21.81
CA LEU G 293 -61.30 -28.06 20.45
C LEU G 293 -60.80 -29.48 20.42
N MET G 294 -61.14 -30.20 19.36
CA MET G 294 -60.46 -31.44 19.00
C MET G 294 -60.30 -31.47 17.50
N GLU G 295 -59.14 -31.88 17.01
CA GLU G 295 -58.92 -31.93 15.57
C GLU G 295 -57.88 -32.96 15.17
N VAL G 296 -57.95 -33.38 13.91
CA VAL G 296 -57.12 -34.43 13.36
C VAL G 296 -56.69 -34.06 11.95
N ILE G 297 -55.43 -34.30 11.64
CA ILE G 297 -54.89 -34.15 10.29
C ILE G 297 -54.68 -35.56 9.74
N PHE G 298 -55.28 -35.88 8.62
CA PHE G 298 -55.33 -37.24 8.10
C PHE G 298 -55.23 -37.25 6.58
N GLY G 299 -54.79 -38.35 6.01
CA GLY G 299 -54.73 -38.53 4.58
C GLY G 299 -54.96 -39.97 4.18
N TRP G 300 -55.39 -40.16 2.95
CA TRP G 300 -55.62 -41.46 2.36
C TRP G 300 -55.26 -41.47 0.89
N VAL G 301 -55.03 -42.66 0.34
CA VAL G 301 -54.90 -42.84 -1.10
C VAL G 301 -55.67 -44.07 -1.53
N VAL G 302 -56.44 -43.94 -2.61
CA VAL G 302 -56.99 -45.05 -3.36
C VAL G 302 -56.00 -45.39 -4.48
N LEU G 303 -55.27 -46.48 -4.32
CA LEU G 303 -54.15 -46.89 -5.18
C LEU G 303 -54.56 -47.39 -6.57
N ASP G 304 -55.84 -47.70 -6.75
CA ASP G 304 -56.47 -47.91 -8.06
C ASP G 304 -57.96 -47.58 -7.92
N PRO G 305 -58.52 -46.63 -8.69
CA PRO G 305 -59.94 -46.32 -8.62
C PRO G 305 -60.85 -47.52 -8.85
N ASN G 306 -60.37 -48.50 -9.62
CA ASN G 306 -61.11 -49.68 -10.01
C ASN G 306 -60.97 -50.83 -9.01
N ALA G 307 -60.17 -50.67 -7.96
CA ALA G 307 -60.11 -51.61 -6.85
C ALA G 307 -61.40 -51.61 -6.00
N PHE G 308 -62.28 -50.64 -6.20
CA PHE G 308 -63.58 -50.53 -5.54
C PHE G 308 -64.68 -50.47 -6.56
N VAL G 309 -65.86 -50.96 -6.19
CA VAL G 309 -67.10 -50.80 -6.93
C VAL G 309 -68.16 -50.28 -5.97
N VAL G 310 -68.97 -49.35 -6.44
CA VAL G 310 -70.01 -48.71 -5.65
C VAL G 310 -71.36 -49.22 -6.12
N TYR G 311 -72.19 -49.70 -5.21
CA TYR G 311 -73.53 -50.17 -5.52
C TYR G 311 -74.52 -49.08 -5.11
N LYS G 312 -75.31 -48.59 -6.05
CA LYS G 312 -76.09 -47.36 -5.88
C LYS G 312 -77.49 -47.53 -6.44
N LEU G 313 -78.53 -47.03 -5.78
CA LEU G 313 -79.90 -47.09 -6.32
C LEU G 313 -80.02 -46.37 -7.66
N ALA G 314 -80.91 -46.85 -8.51
CA ALA G 314 -81.31 -46.14 -9.72
C ALA G 314 -81.91 -44.75 -9.42
N ALA G 315 -81.99 -43.91 -10.44
CA ALA G 315 -82.75 -42.67 -10.39
C ALA G 315 -84.27 -42.93 -10.21
N GLU G 316 -85.00 -41.96 -9.67
CA GLU G 316 -86.43 -42.08 -9.40
C GLU G 316 -87.26 -42.41 -10.64
#